data_6AVH
#
_entry.id   6AVH
#
_cell.length_a   180.911
_cell.length_b   191.605
_cell.length_c   319.364
_cell.angle_alpha   90.00
_cell.angle_beta   90.00
_cell.angle_gamma   90.00
#
_symmetry.space_group_name_H-M   'F 2 2 2'
#
loop_
_entity.id
_entity.type
_entity.pdbx_description
1 polymer 'GH3.15 acyl acid amido synthetase'
2 non-polymer 'ADENOSINE MONOPHOSPHATE'
#
_entity_poly.entity_id   1
_entity_poly.type   'polypeptide(L)'
_entity_poly.pdbx_seq_one_letter_code
;MLPKFDPTNQKACLSLLEDLTTNVKQIQDSVLEAILSRNAQTEYLRGFLNGQVDKQNFKKNVPVVTYEDIRSYIDRIANG
EPSDLICDRPISVLLTSSGTSGGVPKLIPLTTEDLEQRISFSSLYAPLLYKHIDGLSEGKSLIFYFVTRESKTANGLMVR
TMVTSFLKSIKQTNSFLWDSLQVSPHAITTCADTTQSMYCQLLCGLLERDNVARLGAPFASSFLKVIKFLEDHWPELCSN
IRTGRLSDWITDATCTSGIGKFLTAPNPELASLIEQECSKTSWEAILKRLWPKAKCIESIITGTMAQYIPLLEFYSGGLP
LTSSFYGSSECFMGVNFNPLCKPSDVSYTIIPCMGYFEFLEVEKDHQEAGHDPTEKPVVVDLVDVKIGHDYEPVVTTFSG
LYRYRVGDVLRATGFYNNAPHFCFVGRQKVVLSIDMDKTYEDDLLKAVTNAKLLLEPHDLMLMDFTSRVDSSSFPGHYVI
YWELGSKVKDAKFEPNRDVMEECCFTVEESLDAVYRKGRKNDKNIGPLEIKVVKPGAFDELMNFFLSRGSSVSQYKTPRS
VTNEEALKILEANVISEFLSRKIPSWELHELHSGR
;
_entity_poly.pdbx_strand_id   A,B,C,D
#
loop_
_chem_comp.id
_chem_comp.type
_chem_comp.name
_chem_comp.formula
AMP non-polymer 'ADENOSINE MONOPHOSPHATE' 'C10 H14 N5 O7 P'
#
# COMPACT_ATOMS: atom_id res chain seq x y z
N ASP A 6 -52.31 -7.23 -29.08
CA ASP A 6 -53.58 -6.49 -28.91
C ASP A 6 -54.84 -7.30 -29.17
N PRO A 7 -54.87 -8.18 -30.19
CA PRO A 7 -56.12 -8.93 -30.42
C PRO A 7 -56.07 -10.46 -30.29
N THR A 8 -56.80 -11.03 -29.31
CA THR A 8 -57.48 -12.33 -29.39
C THR A 8 -56.60 -13.55 -29.39
N ASN A 9 -55.40 -13.46 -28.84
CA ASN A 9 -54.36 -14.42 -29.26
C ASN A 9 -54.71 -15.58 -28.36
N GLN A 10 -54.44 -16.84 -28.70
CA GLN A 10 -54.87 -17.93 -27.79
C GLN A 10 -53.71 -18.50 -27.02
N LYS A 11 -53.03 -19.52 -27.54
CA LYS A 11 -51.79 -20.09 -27.04
C LYS A 11 -51.51 -21.35 -27.89
N ALA A 12 -51.81 -21.24 -29.19
CA ALA A 12 -51.28 -22.15 -30.18
C ALA A 12 -49.95 -21.59 -30.62
N CYS A 13 -49.86 -21.24 -31.89
CA CYS A 13 -48.74 -20.47 -32.39
C CYS A 13 -49.22 -19.06 -32.73
N LEU A 14 -48.47 -18.09 -32.25
CA LEU A 14 -48.78 -16.69 -32.41
C LEU A 14 -47.63 -16.09 -33.22
N SER A 15 -47.89 -15.89 -34.51
CA SER A 15 -47.00 -15.12 -35.35
C SER A 15 -47.28 -13.62 -35.23
N LEU A 16 -48.19 -13.25 -34.30
CA LEU A 16 -48.42 -11.85 -33.96
C LEU A 16 -47.11 -11.15 -33.62
N LEU A 17 -46.21 -11.87 -32.96
CA LEU A 17 -44.91 -11.35 -32.55
C LEU A 17 -44.20 -10.86 -33.80
N GLU A 18 -44.45 -11.57 -34.90
CA GLU A 18 -43.87 -11.20 -36.18
C GLU A 18 -44.64 -10.05 -36.84
N ASP A 19 -45.98 -10.00 -36.68
CA ASP A 19 -46.74 -8.89 -37.27
C ASP A 19 -46.47 -7.57 -36.53
N LEU A 20 -46.54 -7.62 -35.20
CA LEU A 20 -46.26 -6.45 -34.37
C LEU A 20 -44.94 -5.84 -34.70
N THR A 21 -43.93 -6.66 -34.93
CA THR A 21 -42.57 -6.16 -35.13
C THR A 21 -42.28 -5.87 -36.59
N THR A 22 -43.26 -6.05 -37.46
CA THR A 22 -43.09 -5.75 -38.87
C THR A 22 -43.89 -4.55 -39.32
N ASN A 23 -45.18 -4.44 -38.93
CA ASN A 23 -45.97 -3.26 -39.28
C ASN A 23 -45.86 -2.17 -38.22
N VAL A 24 -44.64 -1.83 -37.85
CA VAL A 24 -44.45 -0.90 -36.75
C VAL A 24 -44.99 0.47 -37.12
N LYS A 25 -44.62 0.99 -38.30
CA LYS A 25 -45.08 2.33 -38.68
C LYS A 25 -46.60 2.43 -38.69
N GLN A 26 -47.26 1.40 -39.22
CA GLN A 26 -48.72 1.44 -39.31
C GLN A 26 -49.38 1.21 -37.97
N ILE A 27 -48.86 0.28 -37.15
CA ILE A 27 -49.49 0.01 -35.86
C ILE A 27 -49.42 1.24 -34.97
N GLN A 28 -48.31 1.97 -35.02
CA GLN A 28 -48.18 3.18 -34.23
C GLN A 28 -49.14 4.30 -34.67
N ASP A 29 -49.30 4.52 -35.98
CA ASP A 29 -50.29 5.50 -36.42
C ASP A 29 -51.69 5.14 -35.96
N SER A 30 -52.04 3.87 -35.99
CA SER A 30 -53.36 3.50 -35.49
C SER A 30 -53.49 3.71 -33.99
N VAL A 31 -52.44 3.50 -33.21
CA VAL A 31 -52.57 3.72 -31.77
C VAL A 31 -52.83 5.18 -31.48
N LEU A 32 -52.07 6.07 -32.12
CA LEU A 32 -52.26 7.48 -31.91
C LEU A 32 -53.66 7.90 -32.38
N GLU A 33 -54.12 7.33 -33.49
CA GLU A 33 -55.42 7.70 -34.06
C GLU A 33 -56.54 7.38 -33.10
N ALA A 34 -56.42 6.26 -32.37
CA ALA A 34 -57.41 5.84 -31.38
C ALA A 34 -57.39 6.71 -30.12
N ILE A 35 -56.19 7.05 -29.62
CA ILE A 35 -56.14 7.80 -28.37
C ILE A 35 -56.74 9.19 -28.56
N LEU A 36 -56.36 9.85 -29.66
CA LEU A 36 -56.88 11.18 -29.91
C LEU A 36 -58.37 11.12 -30.22
N SER A 37 -58.83 10.01 -30.76
CA SER A 37 -60.23 9.94 -31.17
C SER A 37 -61.14 9.77 -29.96
N ARG A 38 -60.82 8.82 -29.07
CA ARG A 38 -61.65 8.61 -27.88
C ARG A 38 -61.50 9.74 -26.88
N ASN A 39 -60.28 10.11 -26.61
CA ASN A 39 -60.02 11.11 -25.60
C ASN A 39 -60.22 12.52 -26.10
N ALA A 40 -60.80 12.69 -27.29
CA ALA A 40 -60.91 14.02 -27.87
C ALA A 40 -61.79 14.90 -27.04
N GLN A 41 -62.59 14.32 -26.16
CA GLN A 41 -63.57 15.07 -25.39
C GLN A 41 -63.20 15.19 -23.92
N THR A 42 -61.95 14.95 -23.58
CA THR A 42 -61.43 15.01 -22.22
C THR A 42 -60.85 16.40 -21.93
N GLU A 43 -60.87 16.81 -20.66
CA GLU A 43 -60.48 18.19 -20.37
C GLU A 43 -59.02 18.42 -20.75
N TYR A 44 -58.13 17.49 -20.43
CA TYR A 44 -56.72 17.70 -20.76
C TYR A 44 -56.54 17.78 -22.26
N LEU A 45 -57.00 16.76 -22.97
CA LEU A 45 -56.75 16.73 -24.40
C LEU A 45 -57.62 17.75 -25.15
N ARG A 46 -58.85 18.05 -24.69
CA ARG A 46 -59.68 19.02 -25.40
C ARG A 46 -59.05 20.40 -25.36
N GLY A 47 -58.45 20.77 -24.22
CA GLY A 47 -57.86 22.07 -24.07
C GLY A 47 -56.81 22.39 -25.10
N PHE A 48 -56.11 21.39 -25.62
CA PHE A 48 -55.02 21.66 -26.56
C PHE A 48 -55.43 21.44 -28.00
N LEU A 49 -56.32 20.47 -28.25
CA LEU A 49 -56.86 20.13 -29.57
C LEU A 49 -58.38 20.11 -29.50
N ASN A 50 -59.04 21.06 -30.15
CA ASN A 50 -60.50 21.16 -30.03
C ASN A 50 -61.11 20.18 -31.02
N GLY A 51 -61.04 18.90 -30.66
CA GLY A 51 -61.61 17.86 -31.49
C GLY A 51 -60.78 17.47 -32.69
N GLN A 52 -59.52 17.89 -32.74
CA GLN A 52 -58.63 17.45 -33.80
C GLN A 52 -58.04 16.08 -33.46
N VAL A 53 -57.77 15.27 -34.50
CA VAL A 53 -57.45 13.86 -34.31
C VAL A 53 -56.27 13.39 -35.13
N ASP A 54 -55.42 14.31 -35.61
CA ASP A 54 -54.29 13.94 -36.45
C ASP A 54 -52.94 14.18 -35.78
N LYS A 55 -51.91 13.50 -36.32
CA LYS A 55 -50.57 13.54 -35.74
C LYS A 55 -49.96 14.93 -35.78
N GLN A 56 -50.19 15.67 -36.87
CA GLN A 56 -49.50 16.94 -37.06
C GLN A 56 -50.03 17.99 -36.11
N ASN A 57 -51.32 17.97 -35.80
CA ASN A 57 -51.84 18.89 -34.80
C ASN A 57 -51.43 18.46 -33.42
N PHE A 58 -51.32 17.15 -33.21
CA PHE A 58 -50.84 16.60 -31.96
C PHE A 58 -49.40 17.08 -31.66
N LYS A 59 -48.53 17.06 -32.67
CA LYS A 59 -47.14 17.39 -32.41
C LYS A 59 -46.92 18.89 -32.26
N LYS A 60 -47.84 19.73 -32.75
CA LYS A 60 -47.67 21.17 -32.61
C LYS A 60 -48.21 21.70 -31.29
N ASN A 61 -49.38 21.20 -30.83
CA ASN A 61 -50.12 21.86 -29.75
C ASN A 61 -50.23 21.06 -28.45
N VAL A 62 -49.76 19.82 -28.39
CA VAL A 62 -49.73 19.08 -27.14
C VAL A 62 -48.30 19.12 -26.61
N PRO A 63 -48.06 19.67 -25.41
CA PRO A 63 -46.69 19.84 -24.97
C PRO A 63 -46.12 18.56 -24.39
N VAL A 64 -44.80 18.47 -24.49
CA VAL A 64 -44.04 17.38 -23.90
C VAL A 64 -43.83 17.70 -22.43
N VAL A 65 -44.33 16.83 -21.56
CA VAL A 65 -44.49 17.15 -20.15
C VAL A 65 -43.76 16.15 -19.27
N THR A 66 -43.35 16.59 -18.09
CA THR A 66 -42.88 15.72 -17.02
C THR A 66 -44.02 15.51 -16.03
N TYR A 67 -43.75 14.77 -14.96
CA TYR A 67 -44.84 14.47 -14.03
C TYR A 67 -45.38 15.73 -13.36
N GLU A 68 -44.50 16.66 -12.97
CA GLU A 68 -44.96 17.90 -12.33
C GLU A 68 -46.14 18.52 -13.07
N ASP A 69 -46.03 18.60 -14.38
CA ASP A 69 -46.96 19.40 -15.12
C ASP A 69 -48.37 18.87 -15.00
N ILE A 70 -48.54 17.56 -14.89
CA ILE A 70 -49.88 17.01 -14.91
C ILE A 70 -50.32 16.52 -13.52
N ARG A 71 -49.54 16.84 -12.48
CA ARG A 71 -49.87 16.43 -11.10
C ARG A 71 -51.24 16.93 -10.68
N SER A 72 -51.55 18.18 -11.03
CA SER A 72 -52.86 18.76 -10.71
C SER A 72 -54.00 17.88 -11.21
N TYR A 73 -53.87 17.34 -12.42
CA TYR A 73 -54.89 16.44 -12.93
C TYR A 73 -54.99 15.17 -12.08
N ILE A 74 -53.85 14.54 -11.77
CA ILE A 74 -53.90 13.35 -10.91
C ILE A 74 -54.54 13.70 -9.58
N ASP A 75 -54.06 14.78 -8.96
CA ASP A 75 -54.56 15.13 -7.63
C ASP A 75 -56.08 15.37 -7.65
N ARG A 76 -56.56 15.96 -8.73
CA ARG A 76 -57.98 16.17 -8.86
C ARG A 76 -58.74 14.85 -8.93
N ILE A 77 -58.23 13.90 -9.72
CA ILE A 77 -58.89 12.60 -9.83
C ILE A 77 -58.78 11.83 -8.53
N ALA A 78 -57.58 11.76 -7.96
CA ALA A 78 -57.38 11.33 -6.58
C ALA A 78 -58.43 11.94 -5.65
N ASN A 79 -58.78 13.21 -5.85
CA ASN A 79 -59.71 13.90 -4.96
C ASN A 79 -61.18 13.81 -5.39
N GLY A 80 -61.49 12.98 -6.37
CA GLY A 80 -62.87 12.64 -6.67
C GLY A 80 -63.43 13.21 -7.93
N GLU A 81 -62.65 13.99 -8.70
CA GLU A 81 -63.12 14.49 -9.99
C GLU A 81 -63.13 13.36 -11.01
N PRO A 82 -64.01 13.43 -11.99
CA PRO A 82 -64.20 12.27 -12.87
C PRO A 82 -63.00 12.03 -13.77
N SER A 83 -62.91 10.81 -14.28
CA SER A 83 -61.73 10.44 -15.03
C SER A 83 -61.59 11.22 -16.32
N ASP A 84 -62.67 11.88 -16.77
CA ASP A 84 -62.64 12.61 -18.03
C ASP A 84 -61.73 13.83 -18.02
N LEU A 85 -61.12 14.18 -16.89
CA LEU A 85 -60.06 15.17 -16.98
C LEU A 85 -59.03 14.68 -17.96
N ILE A 86 -58.59 13.43 -17.79
CA ILE A 86 -57.50 12.90 -18.59
C ILE A 86 -57.88 11.67 -19.42
N CYS A 87 -58.93 10.95 -19.07
CA CYS A 87 -59.09 9.63 -19.65
C CYS A 87 -60.55 9.36 -19.95
N ASP A 88 -60.80 8.78 -21.13
CA ASP A 88 -62.14 8.38 -21.54
C ASP A 88 -62.69 7.31 -20.60
N ARG A 89 -62.11 6.12 -20.66
CA ARG A 89 -62.43 5.02 -19.78
C ARG A 89 -62.22 5.38 -18.30
N PRO A 90 -62.83 4.61 -17.40
CA PRO A 90 -62.64 4.87 -15.96
C PRO A 90 -61.23 4.51 -15.50
N ILE A 91 -60.85 5.10 -14.38
CA ILE A 91 -59.53 4.94 -13.79
C ILE A 91 -59.63 3.88 -12.67
N SER A 92 -59.02 2.71 -12.91
CA SER A 92 -59.20 1.56 -12.02
C SER A 92 -58.41 1.72 -10.73
N VAL A 93 -57.19 2.19 -10.82
CA VAL A 93 -56.32 2.34 -9.67
C VAL A 93 -55.47 3.59 -9.87
N LEU A 94 -54.83 4.06 -8.82
CA LEU A 94 -53.62 4.84 -8.93
C LEU A 94 -52.49 3.98 -8.41
N LEU A 95 -51.31 4.07 -9.03
CA LEU A 95 -50.15 3.29 -8.64
C LEU A 95 -49.12 4.18 -7.97
N THR A 96 -48.42 3.64 -6.94
CA THR A 96 -47.29 4.34 -6.27
C THR A 96 -45.93 3.89 -6.69
N PRO A 105 -43.59 11.09 -4.08
CA PRO A 105 -44.52 9.95 -4.12
C PRO A 105 -45.52 10.09 -5.27
N LYS A 106 -45.25 9.54 -6.45
CA LYS A 106 -46.02 9.87 -7.63
C LYS A 106 -47.06 8.80 -7.91
N LEU A 107 -48.29 9.24 -8.19
CA LEU A 107 -49.43 8.37 -8.40
C LEU A 107 -49.78 8.41 -9.88
N ILE A 108 -49.93 7.24 -10.49
CA ILE A 108 -50.10 7.10 -11.94
C ILE A 108 -51.43 6.42 -12.20
N PRO A 109 -52.31 7.00 -13.00
CA PRO A 109 -53.60 6.38 -13.30
C PRO A 109 -53.46 5.16 -14.19
N LEU A 110 -54.21 4.11 -13.85
CA LEU A 110 -54.28 2.87 -14.62
C LEU A 110 -55.73 2.50 -14.92
N THR A 111 -56.00 2.08 -16.15
CA THR A 111 -57.34 1.61 -16.49
C THR A 111 -57.32 0.09 -16.67
N THR A 112 -58.40 -0.59 -16.27
CA THR A 112 -58.51 -2.05 -16.43
C THR A 112 -58.07 -2.53 -17.81
N GLU A 113 -58.57 -1.87 -18.84
CA GLU A 113 -58.26 -2.25 -20.20
C GLU A 113 -56.75 -2.15 -20.50
N ASP A 114 -56.09 -1.11 -20.02
CA ASP A 114 -54.62 -1.04 -20.14
C ASP A 114 -53.95 -2.17 -19.36
N LEU A 115 -54.34 -2.38 -18.09
CA LEU A 115 -53.75 -3.46 -17.28
C LEU A 115 -53.87 -4.81 -17.97
N GLU A 116 -55.05 -5.12 -18.47
CA GLU A 116 -55.24 -6.40 -19.10
C GLU A 116 -54.51 -6.50 -20.41
N GLN A 117 -54.21 -5.37 -21.06
CA GLN A 117 -53.40 -5.46 -22.28
C GLN A 117 -51.98 -5.83 -21.94
N ARG A 118 -51.42 -5.23 -20.89
CA ARG A 118 -50.10 -5.61 -20.45
C ARG A 118 -50.04 -7.10 -20.16
N ILE A 119 -50.99 -7.61 -19.37
CA ILE A 119 -50.94 -9.02 -19.00
C ILE A 119 -51.08 -9.91 -20.22
N SER A 120 -52.00 -9.55 -21.13
CA SER A 120 -52.18 -10.29 -22.37
C SER A 120 -50.89 -10.40 -23.14
N PHE A 121 -50.10 -9.32 -23.17
CA PHE A 121 -48.84 -9.39 -23.91
C PHE A 121 -47.86 -10.36 -23.28
N SER A 122 -47.76 -10.41 -21.94
CA SER A 122 -46.88 -11.37 -21.29
C SER A 122 -47.22 -12.80 -21.73
N SER A 123 -48.53 -13.10 -21.88
CA SER A 123 -48.99 -14.42 -22.33
C SER A 123 -48.55 -14.72 -23.75
N LEU A 124 -48.77 -13.78 -24.67
CA LEU A 124 -48.36 -13.95 -26.06
C LEU A 124 -46.83 -13.98 -26.23
N TYR A 125 -46.09 -13.31 -25.38
CA TYR A 125 -44.63 -13.40 -25.46
C TYR A 125 -44.10 -14.73 -24.94
N ALA A 126 -44.86 -15.43 -24.10
CA ALA A 126 -44.29 -16.60 -23.41
C ALA A 126 -43.86 -17.73 -24.32
N PRO A 127 -44.60 -18.12 -25.38
CA PRO A 127 -44.06 -19.12 -26.32
C PRO A 127 -42.71 -18.80 -26.90
N LEU A 128 -42.33 -17.51 -27.02
CA LEU A 128 -41.01 -17.14 -27.53
C LEU A 128 -39.88 -17.56 -26.59
N LEU A 129 -40.08 -17.39 -25.29
CA LEU A 129 -39.14 -17.90 -24.31
C LEU A 129 -38.90 -19.40 -24.46
N TYR A 130 -39.94 -20.18 -24.72
CA TYR A 130 -39.77 -21.63 -24.71
C TYR A 130 -38.95 -22.09 -25.91
N LYS A 131 -39.18 -21.48 -27.08
CA LYS A 131 -38.37 -21.80 -28.26
C LYS A 131 -36.88 -21.53 -28.02
N HIS A 132 -36.56 -20.41 -27.37
CA HIS A 132 -35.19 -19.89 -27.25
C HIS A 132 -34.41 -20.56 -26.12
N ILE A 133 -35.04 -20.91 -25.00
CA ILE A 133 -34.36 -21.66 -23.95
C ILE A 133 -34.97 -23.04 -23.78
N ASP A 134 -34.13 -24.08 -23.86
CA ASP A 134 -34.56 -25.47 -23.93
C ASP A 134 -35.05 -25.99 -22.58
N GLY A 135 -36.15 -26.75 -22.61
CA GLY A 135 -36.71 -27.33 -21.41
C GLY A 135 -37.39 -26.38 -20.43
N LEU A 136 -37.60 -25.10 -20.82
CA LEU A 136 -38.36 -24.19 -19.97
C LEU A 136 -39.78 -24.67 -19.72
N SER A 137 -40.34 -25.47 -20.62
CA SER A 137 -41.70 -25.96 -20.50
C SER A 137 -41.85 -27.11 -19.50
N GLU A 138 -40.75 -27.80 -19.14
CA GLU A 138 -40.83 -29.02 -18.33
C GLU A 138 -41.34 -28.77 -16.91
N GLY A 139 -41.22 -27.56 -16.39
CA GLY A 139 -41.63 -27.34 -15.02
C GLY A 139 -42.16 -25.94 -14.78
N LYS A 140 -42.42 -25.65 -13.51
CA LYS A 140 -42.98 -24.38 -13.09
C LYS A 140 -41.88 -23.38 -12.73
N SER A 141 -42.27 -22.11 -12.61
CA SER A 141 -41.39 -21.02 -12.17
C SER A 141 -41.36 -20.89 -10.65
N LEU A 142 -40.19 -20.51 -10.13
CA LEU A 142 -40.02 -20.11 -8.73
C LEU A 142 -39.54 -18.65 -8.76
N ILE A 143 -40.47 -17.73 -9.02
CA ILE A 143 -40.21 -16.30 -9.14
C ILE A 143 -40.94 -15.61 -8.00
N PHE A 144 -40.21 -14.72 -7.29
CA PHE A 144 -40.65 -14.14 -6.03
C PHE A 144 -41.26 -12.75 -6.23
N TYR A 145 -42.57 -12.67 -6.06
CA TYR A 145 -43.28 -11.40 -5.95
C TYR A 145 -43.85 -11.26 -4.55
N PHE A 146 -43.94 -10.01 -4.10
CA PHE A 146 -44.59 -9.70 -2.83
C PHE A 146 -45.51 -8.51 -2.99
N VAL A 147 -46.73 -8.62 -2.47
CA VAL A 147 -47.69 -7.52 -2.49
C VAL A 147 -47.33 -6.47 -1.45
N THR A 148 -47.99 -5.33 -1.53
CA THR A 148 -47.78 -4.22 -0.64
C THR A 148 -49.13 -3.82 -0.05
N ARG A 149 -49.11 -3.28 1.16
CA ARG A 149 -50.34 -2.77 1.75
C ARG A 149 -50.94 -1.71 0.82
N GLU A 150 -52.24 -1.78 0.61
CA GLU A 150 -52.87 -0.86 -0.32
C GLU A 150 -53.72 0.21 0.41
N SER A 151 -54.05 1.25 -0.33
CA SER A 151 -54.75 2.39 0.20
C SER A 151 -56.00 2.60 -0.60
N LYS A 152 -56.68 3.69 -0.27
CA LYS A 152 -57.86 4.16 -0.99
C LYS A 152 -57.80 5.69 -0.88
N THR A 153 -58.35 6.38 -1.86
CA THR A 153 -58.20 7.83 -1.87
C THR A 153 -59.13 8.47 -0.82
N ALA A 154 -59.30 9.79 -0.92
CA ALA A 154 -60.33 10.45 -0.12
C ALA A 154 -61.72 9.93 -0.46
N ASN A 155 -61.99 9.72 -1.73
CA ASN A 155 -63.10 8.88 -2.17
C ASN A 155 -62.56 7.44 -2.20
N GLY A 156 -63.23 6.52 -2.89
CA GLY A 156 -62.79 5.12 -2.83
C GLY A 156 -61.91 4.55 -3.92
N LEU A 157 -61.02 5.34 -4.51
CA LEU A 157 -60.18 4.86 -5.59
C LEU A 157 -59.03 4.06 -4.99
N MET A 158 -58.75 2.89 -5.56
CA MET A 158 -57.67 2.05 -5.07
C MET A 158 -56.29 2.66 -5.35
N VAL A 159 -55.39 2.57 -4.37
CA VAL A 159 -53.99 2.97 -4.56
C VAL A 159 -53.11 1.78 -4.22
N ARG A 160 -52.25 1.39 -5.15
CA ARG A 160 -51.63 0.07 -5.19
C ARG A 160 -50.29 0.12 -5.92
N THR A 161 -49.76 -1.04 -6.19
CA THR A 161 -48.44 -1.20 -6.74
C THR A 161 -48.54 -2.02 -8.00
N MET A 162 -47.68 -1.71 -8.96
CA MET A 162 -47.77 -2.44 -10.22
C MET A 162 -47.79 -3.92 -9.96
N VAL A 163 -46.90 -4.39 -9.10
CA VAL A 163 -46.88 -5.80 -8.75
C VAL A 163 -48.21 -6.20 -8.09
N THR A 164 -48.66 -5.44 -7.09
CA THR A 164 -49.92 -5.75 -6.43
C THR A 164 -51.07 -5.76 -7.43
N SER A 165 -51.10 -4.79 -8.35
CA SER A 165 -52.18 -4.74 -9.33
C SER A 165 -52.14 -5.93 -10.25
N PHE A 166 -50.97 -6.30 -10.72
CA PHE A 166 -50.83 -7.51 -11.50
C PHE A 166 -51.34 -8.71 -10.73
N LEU A 167 -50.82 -8.91 -9.52
CA LEU A 167 -51.15 -10.11 -8.75
C LEU A 167 -52.64 -10.27 -8.53
N LYS A 168 -53.39 -9.18 -8.35
CA LYS A 168 -54.85 -9.32 -8.27
C LYS A 168 -55.40 -9.68 -9.66
N SER A 169 -55.34 -10.98 -9.98
CA SER A 169 -55.76 -11.55 -11.26
C SER A 169 -55.50 -13.06 -11.18
N ASP A 179 -51.17 -19.35 -11.81
CA ASP A 179 -51.01 -20.15 -10.61
C ASP A 179 -50.58 -21.51 -11.07
N SER A 180 -50.99 -21.80 -12.30
CA SER A 180 -50.70 -23.11 -12.88
C SER A 180 -49.20 -23.35 -12.96
N LEU A 181 -48.45 -22.30 -13.27
CA LEU A 181 -47.04 -22.39 -13.67
C LEU A 181 -46.08 -21.83 -12.63
N GLN A 182 -46.58 -21.52 -11.45
CA GLN A 182 -45.78 -20.97 -10.37
C GLN A 182 -45.70 -22.05 -9.31
N VAL A 183 -44.49 -22.28 -8.79
CA VAL A 183 -44.32 -23.15 -7.63
C VAL A 183 -45.17 -22.68 -6.45
N SER A 184 -45.21 -21.37 -6.21
CA SER A 184 -45.85 -20.83 -5.02
C SER A 184 -47.36 -20.73 -5.22
N PRO A 185 -48.17 -21.23 -4.30
CA PRO A 185 -49.62 -21.00 -4.41
C PRO A 185 -49.92 -19.51 -4.27
N HIS A 186 -50.94 -19.07 -4.99
CA HIS A 186 -51.34 -17.67 -4.92
C HIS A 186 -51.59 -17.19 -3.51
N ALA A 187 -52.23 -18.03 -2.67
CA ALA A 187 -52.48 -17.66 -1.28
C ALA A 187 -51.23 -17.08 -0.62
N ILE A 188 -50.06 -17.62 -0.97
CA ILE A 188 -48.83 -17.29 -0.24
C ILE A 188 -48.20 -16.02 -0.78
N THR A 189 -48.01 -15.93 -2.11
CA THR A 189 -47.45 -14.71 -2.71
C THR A 189 -48.26 -13.46 -2.34
N THR A 190 -49.56 -13.63 -2.08
CA THR A 190 -50.52 -12.59 -1.71
C THR A 190 -50.59 -12.36 -0.19
N CYS A 191 -49.88 -13.19 0.58
CA CYS A 191 -49.79 -12.98 2.03
C CYS A 191 -49.45 -11.53 2.28
N ALA A 192 -50.11 -10.92 3.29
CA ALA A 192 -49.91 -9.50 3.57
C ALA A 192 -48.49 -9.22 4.06
N ASP A 193 -47.93 -10.12 4.86
CA ASP A 193 -46.61 -9.93 5.45
C ASP A 193 -45.51 -10.46 4.53
N THR A 194 -44.63 -9.57 4.06
CA THR A 194 -43.68 -9.97 3.02
C THR A 194 -42.57 -10.86 3.53
N THR A 195 -42.20 -10.75 4.81
CA THR A 195 -41.19 -11.65 5.39
C THR A 195 -41.72 -13.06 5.50
N GLN A 196 -42.96 -13.22 5.97
CA GLN A 196 -43.53 -14.55 6.05
C GLN A 196 -43.71 -15.14 4.67
N SER A 197 -44.14 -14.32 3.71
CA SER A 197 -44.32 -14.79 2.36
C SER A 197 -42.99 -15.23 1.73
N MET A 198 -41.93 -14.45 1.91
CA MET A 198 -40.62 -14.86 1.41
C MET A 198 -40.21 -16.19 1.99
N TYR A 199 -40.37 -16.34 3.30
CA TYR A 199 -40.05 -17.61 3.93
C TYR A 199 -40.83 -18.76 3.27
N CYS A 200 -42.09 -18.53 3.00
CA CYS A 200 -42.94 -19.62 2.56
C CYS A 200 -42.74 -19.92 1.10
N GLN A 201 -42.60 -18.88 0.26
CA GLN A 201 -42.22 -19.10 -1.14
C GLN A 201 -40.89 -19.84 -1.21
N LEU A 202 -39.94 -19.46 -0.34
CA LEU A 202 -38.68 -20.19 -0.23
C LEU A 202 -38.92 -21.66 0.12
N LEU A 203 -39.78 -21.90 1.12
CA LEU A 203 -39.98 -23.28 1.60
C LEU A 203 -40.71 -24.16 0.57
N CYS A 204 -41.65 -23.60 -0.21
CA CYS A 204 -42.28 -24.39 -1.27
C CYS A 204 -41.29 -24.71 -2.39
N GLY A 205 -40.44 -23.75 -2.76
CA GLY A 205 -39.52 -23.99 -3.86
C GLY A 205 -38.44 -24.97 -3.49
N LEU A 206 -38.11 -25.06 -2.20
CA LEU A 206 -37.21 -26.11 -1.72
C LEU A 206 -37.87 -27.49 -1.83
N LEU A 207 -39.13 -27.60 -1.40
CA LEU A 207 -39.83 -28.90 -1.47
C LEU A 207 -39.94 -29.38 -2.89
N GLU A 208 -40.10 -28.45 -3.82
CA GLU A 208 -40.32 -28.79 -5.22
C GLU A 208 -39.11 -28.49 -6.08
N ARG A 209 -37.89 -28.70 -5.59
CA ARG A 209 -36.72 -28.34 -6.39
C ARG A 209 -36.72 -29.12 -7.71
N ASP A 210 -37.15 -30.39 -7.66
CA ASP A 210 -37.17 -31.25 -8.83
C ASP A 210 -38.04 -30.72 -9.96
N ASN A 211 -39.03 -29.88 -9.66
CA ASN A 211 -39.89 -29.35 -10.72
C ASN A 211 -39.69 -27.85 -10.96
N VAL A 212 -38.55 -27.30 -10.58
CA VAL A 212 -38.27 -25.88 -10.78
C VAL A 212 -37.42 -25.75 -12.03
N ALA A 213 -37.97 -25.15 -13.07
CA ALA A 213 -37.27 -24.89 -14.33
C ALA A 213 -36.74 -23.46 -14.48
N ARG A 214 -37.00 -22.57 -13.54
CA ARG A 214 -36.34 -21.27 -13.55
C ARG A 214 -36.57 -20.58 -12.21
N LEU A 215 -35.74 -19.59 -11.95
CA LEU A 215 -35.66 -18.85 -10.71
C LEU A 215 -35.67 -17.38 -11.09
N GLY A 216 -36.24 -16.56 -10.21
CA GLY A 216 -36.27 -15.15 -10.56
C GLY A 216 -36.91 -14.24 -9.54
N ALA A 217 -36.85 -12.97 -9.87
CA ALA A 217 -37.60 -11.89 -9.27
C ALA A 217 -37.60 -10.75 -10.25
N PRO A 218 -38.49 -9.78 -10.10
CA PRO A 218 -38.49 -8.67 -11.06
C PRO A 218 -37.13 -8.02 -11.25
N PHE A 219 -36.42 -7.75 -10.20
CA PHE A 219 -35.15 -7.07 -10.28
C PHE A 219 -34.05 -7.94 -9.69
N ALA A 220 -32.85 -7.81 -10.22
CA ALA A 220 -31.75 -8.59 -9.69
C ALA A 220 -31.62 -8.40 -8.19
N SER A 221 -31.75 -7.16 -7.71
CA SER A 221 -31.52 -6.91 -6.30
C SER A 221 -32.60 -7.56 -5.46
N SER A 222 -33.82 -7.62 -5.96
CA SER A 222 -34.87 -8.26 -5.17
C SER A 222 -34.61 -9.74 -5.03
N PHE A 223 -34.07 -10.37 -6.09
CA PHE A 223 -33.72 -11.79 -6.03
C PHE A 223 -32.61 -12.05 -5.01
N LEU A 224 -31.55 -11.22 -5.02
CA LEU A 224 -30.46 -11.35 -4.07
C LEU A 224 -30.92 -11.18 -2.63
N LYS A 225 -31.94 -10.34 -2.43
CA LYS A 225 -32.53 -10.21 -1.10
C LYS A 225 -33.08 -11.53 -0.63
N VAL A 226 -33.73 -12.26 -1.53
CA VAL A 226 -34.26 -13.57 -1.18
C VAL A 226 -33.15 -14.54 -0.86
N ILE A 227 -32.09 -14.51 -1.64
CA ILE A 227 -30.98 -15.45 -1.42
C ILE A 227 -30.35 -15.19 -0.05
N LYS A 228 -30.10 -13.91 0.27
CA LYS A 228 -29.58 -13.57 1.59
C LYS A 228 -30.50 -14.12 2.63
N PHE A 229 -31.81 -13.93 2.45
CA PHE A 229 -32.75 -14.54 3.38
C PHE A 229 -32.50 -16.04 3.54
N LEU A 230 -32.37 -16.74 2.42
CA LEU A 230 -32.09 -18.16 2.47
C LEU A 230 -30.81 -18.42 3.23
N GLU A 231 -29.81 -17.56 3.03
CA GLU A 231 -28.51 -17.74 3.71
C GLU A 231 -28.65 -17.65 5.22
N ASP A 232 -29.56 -16.80 5.72
CA ASP A 232 -29.72 -16.60 7.15
C ASP A 232 -30.84 -17.38 7.77
N HIS A 233 -31.63 -18.10 6.96
CA HIS A 233 -32.80 -18.80 7.49
C HIS A 233 -32.92 -20.22 6.95
N TRP A 234 -31.84 -20.76 6.41
CA TRP A 234 -31.82 -22.13 5.91
C TRP A 234 -31.79 -23.22 6.97
N PRO A 235 -31.24 -22.98 8.17
CA PRO A 235 -31.44 -23.98 9.22
C PRO A 235 -32.91 -24.13 9.56
N GLU A 236 -33.65 -23.03 9.75
CA GLU A 236 -35.05 -23.16 10.16
C GLU A 236 -35.90 -23.76 9.05
N LEU A 237 -35.60 -23.43 7.79
CA LEU A 237 -36.31 -24.03 6.67
C LEU A 237 -36.13 -25.53 6.70
N CYS A 238 -34.88 -25.96 6.93
CA CYS A 238 -34.56 -27.38 6.91
C CYS A 238 -35.11 -28.12 8.15
N SER A 239 -35.15 -27.47 9.32
CA SER A 239 -35.87 -28.06 10.46
C SER A 239 -37.32 -28.28 10.10
N ASN A 240 -37.90 -27.35 9.35
CA ASN A 240 -39.31 -27.45 8.99
C ASN A 240 -39.55 -28.60 8.04
N ILE A 241 -38.63 -28.86 7.12
CA ILE A 241 -38.80 -29.98 6.19
C ILE A 241 -38.67 -31.34 6.91
N ARG A 242 -37.64 -31.51 7.76
CA ARG A 242 -37.49 -32.74 8.56
C ARG A 242 -38.68 -32.98 9.45
N THR A 243 -38.90 -32.06 10.39
CA THR A 243 -40.05 -32.10 11.29
C THR A 243 -41.33 -32.38 10.53
N GLY A 244 -41.50 -31.74 9.39
CA GLY A 244 -42.78 -31.69 8.76
C GLY A 244 -43.75 -30.75 9.42
N ARG A 245 -43.31 -29.93 10.37
CA ARG A 245 -44.18 -28.95 11.00
C ARG A 245 -43.64 -27.55 10.73
N LEU A 246 -44.56 -26.59 10.53
CA LEU A 246 -44.15 -25.25 10.13
C LEU A 246 -43.52 -24.48 11.27
N SER A 247 -42.76 -23.46 10.90
CA SER A 247 -42.28 -22.47 11.86
C SER A 247 -43.46 -21.70 12.41
N ASP A 248 -43.37 -21.31 13.68
CA ASP A 248 -44.41 -20.46 14.23
C ASP A 248 -44.04 -19.02 14.16
N TRP A 249 -42.93 -18.68 13.50
CA TRP A 249 -42.70 -17.31 13.08
C TRP A 249 -43.71 -16.89 12.05
N ILE A 250 -44.41 -17.86 11.46
CA ILE A 250 -45.30 -17.56 10.37
C ILE A 250 -46.72 -17.80 10.86
N THR A 251 -47.48 -16.71 10.95
CA THR A 251 -48.74 -16.64 11.67
C THR A 251 -49.96 -16.27 10.84
N ASP A 252 -49.79 -15.70 9.64
CA ASP A 252 -50.95 -15.37 8.80
C ASP A 252 -51.65 -16.65 8.36
N ALA A 253 -53.00 -16.61 8.42
CA ALA A 253 -53.79 -17.82 8.20
C ALA A 253 -53.64 -18.32 6.78
N THR A 254 -53.58 -17.40 5.82
CA THR A 254 -53.45 -17.78 4.43
C THR A 254 -52.14 -18.55 4.20
N CYS A 255 -51.02 -17.93 4.59
CA CYS A 255 -49.71 -18.59 4.53
C CYS A 255 -49.70 -19.97 5.20
N THR A 256 -50.35 -20.11 6.35
CA THR A 256 -50.30 -21.36 7.10
C THR A 256 -51.15 -22.45 6.46
N SER A 257 -52.43 -22.15 6.21
CA SER A 257 -53.31 -23.05 5.48
C SER A 257 -52.78 -23.31 4.09
N GLY A 258 -52.33 -22.25 3.39
CA GLY A 258 -51.90 -22.40 2.01
C GLY A 258 -50.76 -23.37 1.83
N ILE A 259 -49.92 -23.54 2.86
CA ILE A 259 -48.72 -24.36 2.75
C ILE A 259 -48.95 -25.77 3.25
N GLY A 260 -50.12 -26.06 3.80
CA GLY A 260 -50.41 -27.42 4.22
C GLY A 260 -50.32 -28.41 3.07
N LYS A 261 -50.77 -28.01 1.87
CA LYS A 261 -50.68 -28.87 0.71
C LYS A 261 -49.23 -29.23 0.42
N PHE A 262 -48.32 -28.30 0.64
CA PHE A 262 -46.90 -28.52 0.31
C PHE A 262 -46.17 -29.29 1.40
N LEU A 263 -46.42 -29.00 2.67
CA LEU A 263 -45.50 -29.51 3.68
C LEU A 263 -45.71 -30.98 3.98
N THR A 264 -46.97 -31.40 4.22
CA THR A 264 -47.37 -32.81 4.42
C THR A 264 -46.44 -33.66 5.31
N ALA A 265 -45.81 -34.72 4.77
CA ALA A 265 -45.06 -35.71 5.57
C ALA A 265 -43.61 -35.28 5.80
N PRO A 266 -43.07 -35.54 6.98
CA PRO A 266 -41.64 -35.28 7.24
C PRO A 266 -40.70 -35.92 6.22
N ASN A 267 -39.62 -35.20 5.88
CA ASN A 267 -38.71 -35.61 4.80
C ASN A 267 -37.26 -35.42 5.23
N PRO A 268 -36.74 -36.31 6.09
CA PRO A 268 -35.36 -36.14 6.59
C PRO A 268 -34.29 -36.16 5.49
N GLU A 269 -34.45 -36.95 4.43
CA GLU A 269 -33.36 -37.07 3.47
C GLU A 269 -33.22 -35.80 2.64
N LEU A 270 -34.34 -35.25 2.17
CA LEU A 270 -34.31 -33.95 1.49
C LEU A 270 -33.74 -32.86 2.37
N ALA A 271 -34.30 -32.69 3.57
CA ALA A 271 -33.72 -31.74 4.51
C ALA A 271 -32.22 -31.93 4.69
N SER A 272 -31.78 -33.19 4.74
CA SER A 272 -30.35 -33.45 4.77
C SER A 272 -29.69 -33.05 3.46
N LEU A 273 -30.35 -33.32 2.33
CA LEU A 273 -29.82 -32.95 1.02
C LEU A 273 -29.63 -31.45 0.90
N ILE A 274 -30.57 -30.69 1.49
CA ILE A 274 -30.45 -29.24 1.48
C ILE A 274 -29.42 -28.79 2.50
N GLU A 275 -29.48 -29.32 3.73
CA GLU A 275 -28.46 -29.06 4.74
C GLU A 275 -27.07 -29.25 4.18
N GLN A 276 -26.91 -30.22 3.26
CA GLN A 276 -25.60 -30.49 2.67
C GLN A 276 -25.09 -29.32 1.84
N GLU A 277 -25.96 -28.72 1.03
CA GLU A 277 -25.51 -27.66 0.13
C GLU A 277 -25.22 -26.36 0.89
N CYS A 278 -26.09 -25.99 1.83
CA CYS A 278 -25.96 -24.72 2.52
C CYS A 278 -24.78 -24.70 3.51
N SER A 279 -24.38 -25.87 4.04
CA SER A 279 -23.28 -25.95 5.01
C SER A 279 -21.92 -25.66 4.40
N LYS A 280 -21.74 -25.84 3.10
CA LYS A 280 -20.43 -25.75 2.47
C LYS A 280 -19.77 -24.39 2.71
N THR A 281 -18.44 -24.41 2.57
CA THR A 281 -17.59 -23.27 2.87
C THR A 281 -17.79 -22.10 1.91
N SER A 282 -18.27 -22.36 0.70
CA SER A 282 -18.56 -21.34 -0.28
C SER A 282 -20.04 -21.40 -0.62
N TRP A 283 -20.64 -20.24 -0.95
CA TRP A 283 -21.98 -20.22 -1.53
C TRP A 283 -21.95 -20.14 -3.05
N GLU A 284 -20.78 -20.36 -3.67
CA GLU A 284 -20.68 -20.45 -5.12
C GLU A 284 -21.64 -21.50 -5.67
N ALA A 285 -22.33 -21.16 -6.76
CA ALA A 285 -23.20 -22.09 -7.49
C ALA A 285 -24.32 -22.69 -6.65
N ILE A 286 -24.67 -22.07 -5.53
CA ILE A 286 -25.70 -22.60 -4.66
C ILE A 286 -27.01 -22.71 -5.41
N LEU A 287 -27.25 -21.81 -6.39
CA LEU A 287 -28.51 -21.80 -7.11
C LEU A 287 -28.63 -22.99 -8.05
N LYS A 288 -27.51 -23.46 -8.58
CA LYS A 288 -27.53 -24.69 -9.37
C LYS A 288 -27.65 -25.92 -8.47
N ARG A 289 -27.00 -25.92 -7.30
CA ARG A 289 -27.00 -27.10 -6.43
C ARG A 289 -28.35 -27.33 -5.78
N LEU A 290 -29.08 -26.24 -5.47
CA LEU A 290 -30.39 -26.37 -4.83
C LEU A 290 -31.49 -26.70 -5.83
N TRP A 291 -31.44 -26.13 -7.04
CA TRP A 291 -32.46 -26.32 -8.06
C TRP A 291 -31.77 -26.80 -9.32
N PRO A 292 -31.39 -28.08 -9.38
CA PRO A 292 -30.54 -28.53 -10.49
C PRO A 292 -31.22 -28.46 -11.83
N LYS A 293 -32.56 -28.43 -11.89
CA LYS A 293 -33.29 -28.40 -13.15
C LYS A 293 -33.58 -26.98 -13.64
N ALA A 294 -33.26 -25.96 -12.87
CA ALA A 294 -33.47 -24.60 -13.37
C ALA A 294 -32.62 -24.40 -14.62
N LYS A 295 -33.23 -23.82 -15.64
CA LYS A 295 -32.58 -23.54 -16.90
C LYS A 295 -32.15 -22.09 -17.07
N CYS A 296 -32.64 -21.18 -16.23
CA CYS A 296 -32.28 -19.78 -16.32
C CYS A 296 -32.66 -19.07 -15.03
N ILE A 297 -32.11 -17.87 -14.87
CA ILE A 297 -32.52 -16.95 -13.83
C ILE A 297 -33.14 -15.76 -14.53
N GLU A 298 -34.42 -15.47 -14.21
CA GLU A 298 -35.13 -14.34 -14.79
C GLU A 298 -35.12 -13.17 -13.81
N SER A 299 -34.29 -12.19 -14.09
CA SER A 299 -34.40 -10.94 -13.35
C SER A 299 -33.72 -9.86 -14.17
N ILE A 300 -34.18 -8.62 -13.97
CA ILE A 300 -33.70 -7.49 -14.73
C ILE A 300 -32.27 -7.19 -14.28
N ILE A 301 -31.34 -7.13 -15.23
CA ILE A 301 -29.94 -6.90 -14.95
C ILE A 301 -29.45 -5.69 -15.71
N THR A 302 -30.38 -4.89 -16.24
CA THR A 302 -29.99 -3.71 -17.01
C THR A 302 -30.02 -2.48 -16.10
N GLY A 303 -29.52 -1.35 -16.62
CA GLY A 303 -29.47 -0.15 -15.79
C GLY A 303 -28.67 -0.33 -14.50
N THR A 304 -29.17 0.25 -13.40
CA THR A 304 -28.51 0.05 -12.12
C THR A 304 -28.36 -1.41 -11.78
N MET A 305 -29.25 -2.24 -12.29
CA MET A 305 -29.18 -3.62 -11.86
C MET A 305 -27.97 -4.39 -12.40
N ALA A 306 -27.10 -3.76 -13.21
CA ALA A 306 -25.86 -4.40 -13.63
C ALA A 306 -24.86 -4.47 -12.50
N GLN A 307 -25.08 -3.69 -11.45
CA GLN A 307 -24.24 -3.75 -10.26
C GLN A 307 -24.26 -5.13 -9.64
N TYR A 308 -25.35 -5.86 -9.79
CA TYR A 308 -25.54 -7.13 -9.14
C TYR A 308 -25.28 -8.36 -10.02
N ILE A 309 -24.71 -8.15 -11.21
CA ILE A 309 -24.35 -9.30 -12.05
C ILE A 309 -23.21 -10.11 -11.44
N PRO A 310 -22.10 -9.51 -10.99
CA PRO A 310 -21.07 -10.31 -10.35
C PRO A 310 -21.57 -11.21 -9.23
N LEU A 311 -22.37 -10.68 -8.31
CA LEU A 311 -22.92 -11.53 -7.26
C LEU A 311 -23.86 -12.61 -7.84
N LEU A 312 -24.74 -12.23 -8.77
CA LEU A 312 -25.68 -13.19 -9.34
C LEU A 312 -24.94 -14.29 -10.11
N GLU A 313 -23.93 -13.90 -10.88
CA GLU A 313 -23.14 -14.87 -11.61
C GLU A 313 -22.44 -15.82 -10.65
N PHE A 314 -22.04 -15.33 -9.48
CA PHE A 314 -21.32 -16.14 -8.50
C PHE A 314 -22.24 -17.20 -7.90
N TYR A 315 -23.52 -16.85 -7.69
CA TYR A 315 -24.49 -17.80 -7.17
C TYR A 315 -25.12 -18.66 -8.25
N SER A 316 -25.05 -18.23 -9.50
CA SER A 316 -25.80 -18.86 -10.58
C SER A 316 -25.31 -20.25 -10.86
N GLY A 317 -24.04 -20.55 -10.61
CA GLY A 317 -23.51 -21.79 -11.11
C GLY A 317 -23.65 -21.97 -12.61
N GLY A 318 -23.47 -20.89 -13.38
CA GLY A 318 -23.54 -20.98 -14.83
C GLY A 318 -24.93 -20.92 -15.44
N LEU A 319 -25.96 -20.78 -14.61
CA LEU A 319 -27.31 -20.54 -15.11
C LEU A 319 -27.34 -19.24 -15.92
N PRO A 320 -28.00 -19.23 -17.07
CA PRO A 320 -28.11 -17.99 -17.83
C PRO A 320 -28.95 -16.96 -17.10
N LEU A 321 -28.51 -15.71 -17.21
CA LEU A 321 -29.25 -14.56 -16.71
C LEU A 321 -30.01 -13.90 -17.86
N THR A 322 -31.33 -13.78 -17.70
CA THR A 322 -32.22 -13.24 -18.72
C THR A 322 -33.07 -12.10 -18.14
N SER A 323 -32.96 -10.92 -18.74
CA SER A 323 -33.94 -9.86 -18.54
C SER A 323 -34.83 -9.85 -19.76
N SER A 324 -36.14 -9.83 -19.57
CA SER A 324 -37.03 -9.86 -20.73
C SER A 324 -37.88 -8.63 -20.89
N PHE A 325 -38.08 -7.84 -19.83
CA PHE A 325 -39.06 -6.77 -19.84
C PHE A 325 -38.48 -5.43 -19.39
N TYR A 326 -38.78 -4.38 -20.15
CA TYR A 326 -38.58 -3.00 -19.71
C TYR A 326 -39.93 -2.33 -19.55
N GLY A 327 -40.19 -1.75 -18.39
CA GLY A 327 -41.52 -1.29 -18.08
C GLY A 327 -41.55 -0.28 -16.96
N SER A 328 -42.75 0.25 -16.71
CA SER A 328 -43.00 1.37 -15.81
C SER A 328 -44.47 1.39 -15.48
N SER A 329 -44.81 2.08 -14.41
CA SER A 329 -46.22 2.32 -14.14
C SER A 329 -46.90 2.96 -15.34
N GLU A 330 -46.22 3.92 -15.95
CA GLU A 330 -46.84 4.70 -17.02
C GLU A 330 -47.15 3.86 -18.26
N CYS A 331 -46.23 2.97 -18.66
CA CYS A 331 -46.32 2.20 -19.90
C CYS A 331 -45.49 0.92 -19.79
N PHE A 332 -45.89 -0.08 -20.55
CA PHE A 332 -45.12 -1.30 -20.78
C PHE A 332 -44.46 -1.13 -22.14
N MET A 333 -43.14 -1.04 -22.17
CA MET A 333 -42.46 -0.54 -23.36
C MET A 333 -41.86 -1.62 -24.27
N GLY A 334 -40.92 -2.43 -23.76
CA GLY A 334 -40.13 -3.30 -24.61
C GLY A 334 -39.88 -4.67 -24.04
N VAL A 335 -39.59 -5.61 -24.94
CA VAL A 335 -39.12 -6.96 -24.62
C VAL A 335 -37.73 -7.18 -25.14
N ASN A 336 -37.02 -8.08 -24.48
CA ASN A 336 -35.77 -8.65 -24.98
C ASN A 336 -36.14 -9.86 -25.81
N PHE A 337 -36.13 -9.70 -27.12
CA PHE A 337 -36.37 -10.78 -28.06
C PHE A 337 -35.15 -11.67 -28.24
N ASN A 338 -34.14 -11.50 -27.39
CA ASN A 338 -32.90 -12.27 -27.46
C ASN A 338 -32.53 -12.72 -26.05
N PRO A 339 -33.39 -13.52 -25.39
CA PRO A 339 -33.23 -13.78 -23.95
C PRO A 339 -31.86 -14.32 -23.57
N LEU A 340 -31.30 -15.24 -24.36
CA LEU A 340 -30.01 -15.84 -24.02
C LEU A 340 -28.90 -15.05 -24.71
N CYS A 341 -28.53 -13.96 -24.09
CA CYS A 341 -27.44 -13.17 -24.61
C CYS A 341 -26.59 -12.71 -23.42
N LYS A 342 -25.42 -12.16 -23.76
CA LYS A 342 -24.59 -11.53 -22.76
C LYS A 342 -25.42 -10.50 -22.00
N PRO A 343 -25.44 -10.54 -20.67
CA PRO A 343 -26.04 -9.43 -19.90
C PRO A 343 -25.62 -8.06 -20.41
N SER A 344 -24.37 -7.91 -20.83
CA SER A 344 -23.84 -6.66 -21.35
C SER A 344 -24.41 -6.29 -22.71
N ASP A 345 -25.25 -7.13 -23.32
CA ASP A 345 -25.77 -6.89 -24.67
C ASP A 345 -27.28 -7.01 -24.78
N VAL A 346 -28.02 -6.91 -23.66
CA VAL A 346 -29.48 -6.92 -23.71
C VAL A 346 -29.95 -5.70 -24.51
N SER A 347 -30.97 -5.88 -25.34
CA SER A 347 -31.62 -4.73 -25.98
C SER A 347 -33.12 -4.95 -26.05
N TYR A 348 -33.88 -3.95 -25.60
CA TYR A 348 -35.32 -4.07 -25.56
C TYR A 348 -35.99 -3.47 -26.78
N THR A 349 -36.99 -4.19 -27.29
CA THR A 349 -37.68 -3.85 -28.52
C THR A 349 -39.02 -3.22 -28.15
N ILE A 350 -39.19 -1.95 -28.49
CA ILE A 350 -40.43 -1.26 -28.12
C ILE A 350 -41.60 -1.99 -28.77
N ILE A 351 -42.61 -2.29 -27.97
CA ILE A 351 -43.80 -3.01 -28.41
C ILE A 351 -44.76 -1.98 -29.01
N PRO A 352 -45.03 -2.01 -30.31
CA PRO A 352 -45.66 -0.85 -30.94
C PRO A 352 -47.12 -0.62 -30.54
N CYS A 353 -47.81 -1.63 -30.01
CA CYS A 353 -49.23 -1.50 -29.69
C CYS A 353 -49.50 -1.11 -28.23
N MET A 354 -48.46 -0.92 -27.43
CA MET A 354 -48.69 -0.54 -26.03
C MET A 354 -49.04 0.92 -25.89
N GLY A 355 -48.68 1.73 -26.86
CA GLY A 355 -48.95 3.15 -26.77
C GLY A 355 -48.09 3.86 -27.77
N TYR A 356 -48.29 5.18 -27.87
CA TYR A 356 -47.61 5.95 -28.90
C TYR A 356 -46.28 6.42 -28.36
N PHE A 357 -45.19 5.93 -28.92
CA PHE A 357 -43.85 6.23 -28.44
C PHE A 357 -43.19 7.28 -29.31
N GLU A 358 -42.79 8.38 -28.68
CA GLU A 358 -41.85 9.32 -29.25
C GLU A 358 -40.56 9.29 -28.46
N PHE A 359 -39.52 9.88 -29.05
CA PHE A 359 -38.23 9.93 -28.40
C PHE A 359 -37.59 11.30 -28.53
N LEU A 360 -37.12 11.84 -27.39
CA LEU A 360 -36.49 13.14 -27.30
C LEU A 360 -34.98 12.94 -27.26
N GLU A 361 -34.29 13.34 -28.33
CA GLU A 361 -32.85 13.14 -28.39
C GLU A 361 -32.19 13.91 -27.25
N VAL A 362 -31.01 13.43 -26.83
CA VAL A 362 -30.40 13.95 -25.64
C VAL A 362 -29.03 13.30 -25.45
N PRO A 377 -34.10 20.88 -29.62
CA PRO A 377 -35.32 20.48 -28.89
C PRO A 377 -36.18 19.51 -29.68
N VAL A 378 -35.57 18.42 -30.16
CA VAL A 378 -36.10 17.61 -31.26
C VAL A 378 -36.68 16.28 -30.75
N VAL A 379 -37.97 16.01 -31.06
CA VAL A 379 -38.59 14.73 -30.69
C VAL A 379 -38.92 13.96 -31.96
N VAL A 380 -38.85 12.64 -31.86
CA VAL A 380 -38.74 11.75 -33.01
C VAL A 380 -39.67 10.54 -32.82
N ASP A 381 -40.24 10.07 -33.92
CA ASP A 381 -41.11 8.91 -33.89
C ASP A 381 -40.31 7.62 -33.69
N LEU A 382 -41.02 6.56 -33.30
CA LEU A 382 -40.38 5.27 -33.10
C LEU A 382 -39.58 4.85 -34.33
N VAL A 383 -40.12 5.09 -35.52
CA VAL A 383 -39.43 4.62 -36.71
C VAL A 383 -38.24 5.50 -37.08
N ASP A 384 -38.31 6.79 -36.83
CA ASP A 384 -37.26 7.72 -37.24
C ASP A 384 -36.02 7.66 -36.36
N VAL A 385 -36.00 6.78 -35.36
CA VAL A 385 -34.98 6.81 -34.32
C VAL A 385 -33.64 6.42 -34.94
N LYS A 386 -32.56 7.09 -34.57
CA LYS A 386 -31.25 6.89 -35.19
C LYS A 386 -30.35 6.01 -34.31
N ILE A 387 -29.68 5.05 -34.94
CA ILE A 387 -28.92 4.09 -34.15
C ILE A 387 -27.72 4.75 -33.51
N GLY A 388 -27.41 4.34 -32.28
CA GLY A 388 -26.29 4.89 -31.58
C GLY A 388 -26.54 6.27 -31.04
N HIS A 389 -27.79 6.68 -30.95
CA HIS A 389 -28.19 7.95 -30.37
C HIS A 389 -28.93 7.70 -29.06
N ASP A 390 -28.78 8.65 -28.14
CA ASP A 390 -29.42 8.57 -26.84
C ASP A 390 -30.73 9.36 -26.89
N TYR A 391 -31.83 8.72 -26.48
CA TYR A 391 -33.18 9.26 -26.52
C TYR A 391 -33.82 9.11 -25.14
N GLU A 392 -34.81 9.94 -24.88
CA GLU A 392 -35.66 9.74 -23.71
C GLU A 392 -37.09 9.43 -24.16
N PRO A 393 -37.65 8.26 -23.84
CA PRO A 393 -39.01 7.95 -24.28
C PRO A 393 -40.06 8.96 -23.78
N VAL A 394 -40.96 9.28 -24.71
CA VAL A 394 -42.01 10.28 -24.53
C VAL A 394 -43.27 9.54 -24.96
N VAL A 395 -44.16 9.24 -24.01
CA VAL A 395 -45.22 8.30 -24.32
C VAL A 395 -46.60 8.94 -24.22
N THR A 396 -47.51 8.40 -25.04
CA THR A 396 -48.94 8.63 -25.02
C THR A 396 -49.64 7.29 -24.81
N THR A 397 -50.69 7.30 -24.01
CA THR A 397 -51.08 6.16 -23.20
C THR A 397 -52.60 6.02 -23.26
N PHE A 398 -53.08 4.81 -22.99
CA PHE A 398 -54.52 4.62 -22.92
C PHE A 398 -55.10 4.96 -21.56
N SER A 399 -54.25 5.31 -20.58
CA SER A 399 -54.71 5.70 -19.25
C SER A 399 -54.43 7.17 -18.93
N GLY A 400 -54.50 8.06 -19.92
CA GLY A 400 -54.52 9.46 -19.62
C GLY A 400 -53.20 10.20 -19.65
N LEU A 401 -52.13 9.63 -20.21
CA LEU A 401 -50.87 10.35 -20.37
C LEU A 401 -50.65 10.71 -21.82
N TYR A 402 -50.29 11.97 -22.10
CA TYR A 402 -50.09 12.45 -23.46
C TYR A 402 -48.74 13.10 -23.56
N ARG A 403 -47.89 12.53 -24.43
CA ARG A 403 -46.54 13.02 -24.63
C ARG A 403 -45.81 13.13 -23.31
N TYR A 404 -45.81 12.04 -22.56
CA TYR A 404 -45.29 12.03 -21.20
C TYR A 404 -43.88 11.48 -21.19
N ARG A 405 -42.96 12.18 -20.51
CA ARG A 405 -41.58 11.75 -20.45
C ARG A 405 -41.34 10.79 -19.31
N VAL A 406 -40.82 9.62 -19.67
CA VAL A 406 -40.72 8.50 -18.74
C VAL A 406 -39.68 8.75 -17.65
N GLY A 407 -38.61 9.47 -17.96
CA GLY A 407 -37.51 9.69 -17.04
C GLY A 407 -36.31 8.78 -17.18
N ASP A 408 -36.12 8.14 -18.32
CA ASP A 408 -35.03 7.20 -18.58
C ASP A 408 -34.37 7.60 -19.89
N VAL A 409 -33.12 7.19 -20.04
CA VAL A 409 -32.36 7.38 -21.29
C VAL A 409 -32.15 6.02 -21.94
N LEU A 410 -32.39 5.94 -23.27
CA LEU A 410 -32.22 4.74 -24.07
C LEU A 410 -31.32 5.08 -25.25
N ARG A 411 -30.55 4.10 -25.70
CA ARG A 411 -29.73 4.26 -26.90
C ARG A 411 -30.21 3.29 -27.98
N ALA A 412 -30.53 3.83 -29.15
CA ALA A 412 -30.97 3.01 -30.27
C ALA A 412 -29.86 2.10 -30.75
N THR A 413 -30.07 0.76 -30.67
CA THR A 413 -29.01 -0.19 -31.00
C THR A 413 -29.29 -1.05 -32.22
N GLY A 414 -30.47 -0.98 -32.80
CA GLY A 414 -30.73 -1.71 -34.03
C GLY A 414 -32.20 -2.05 -34.14
N PHE A 415 -32.51 -3.04 -34.96
CA PHE A 415 -33.87 -3.46 -35.27
C PHE A 415 -34.05 -4.95 -35.05
N TYR A 416 -35.13 -5.32 -34.34
CA TYR A 416 -35.70 -6.67 -34.43
C TYR A 416 -36.84 -6.62 -35.44
N ASN A 417 -36.60 -7.20 -36.62
CA ASN A 417 -37.52 -7.04 -37.75
C ASN A 417 -37.55 -5.56 -38.10
N ASN A 418 -38.71 -4.91 -38.13
CA ASN A 418 -38.83 -3.50 -38.45
C ASN A 418 -38.89 -2.64 -37.22
N ALA A 419 -38.74 -3.27 -35.99
CA ALA A 419 -38.98 -2.67 -34.69
C ALA A 419 -37.66 -2.32 -34.02
N PRO A 420 -37.53 -1.12 -33.47
CA PRO A 420 -36.23 -0.68 -32.95
C PRO A 420 -35.84 -1.34 -31.62
N HIS A 421 -34.52 -1.50 -31.45
CA HIS A 421 -33.83 -1.88 -30.23
C HIS A 421 -33.46 -0.64 -29.46
N PHE A 422 -33.47 -0.76 -28.15
CA PHE A 422 -32.73 0.17 -27.33
C PHE A 422 -32.10 -0.62 -26.20
N CYS A 423 -30.97 -0.09 -25.75
CA CYS A 423 -30.29 -0.55 -24.56
C CYS A 423 -30.43 0.52 -23.49
N PHE A 424 -30.55 0.08 -22.25
CA PHE A 424 -30.85 0.97 -21.14
C PHE A 424 -29.57 1.62 -20.64
N VAL A 425 -29.52 2.93 -20.64
CA VAL A 425 -28.38 3.68 -20.15
C VAL A 425 -28.53 3.97 -18.66
N GLY A 426 -29.55 4.75 -18.28
CA GLY A 426 -29.76 5.02 -16.87
C GLY A 426 -30.98 5.91 -16.69
N ARG A 427 -31.29 6.20 -15.43
CA ARG A 427 -32.21 7.30 -15.17
C ARG A 427 -31.53 8.59 -15.62
N GLN A 428 -32.34 9.50 -16.17
CA GLN A 428 -31.87 10.67 -16.87
C GLN A 428 -31.62 11.82 -15.93
N LYS A 429 -31.68 11.60 -14.63
CA LYS A 429 -31.56 12.67 -13.67
C LYS A 429 -30.16 12.66 -13.09
N VAL A 430 -29.62 13.87 -12.93
CA VAL A 430 -28.28 14.01 -12.38
C VAL A 430 -28.26 13.33 -11.02
N VAL A 431 -27.17 12.68 -10.72
CA VAL A 431 -27.02 11.96 -9.47
C VAL A 431 -26.13 12.73 -8.50
N LEU A 432 -25.10 13.40 -8.99
CA LEU A 432 -24.22 14.22 -8.15
C LEU A 432 -23.83 15.48 -8.88
N SER A 433 -23.80 16.61 -8.17
CA SER A 433 -23.31 17.84 -8.78
C SER A 433 -22.84 18.83 -7.73
N ILE A 434 -21.52 19.08 -7.66
CA ILE A 434 -21.01 20.10 -6.75
C ILE A 434 -21.30 21.48 -7.29
N ASP A 435 -21.05 21.70 -8.57
CA ASP A 435 -21.33 23.00 -9.18
C ASP A 435 -21.59 22.81 -10.68
N MET A 436 -20.59 23.12 -11.51
CA MET A 436 -20.78 23.01 -12.96
C MET A 436 -20.82 21.55 -13.41
N ASP A 437 -20.06 20.69 -12.75
CA ASP A 437 -20.10 19.27 -13.03
C ASP A 437 -21.49 18.71 -12.80
N LYS A 438 -21.87 17.76 -13.63
CA LYS A 438 -23.10 16.99 -13.50
C LYS A 438 -22.71 15.54 -13.73
N THR A 439 -22.92 14.70 -12.75
CA THR A 439 -22.65 13.28 -12.92
C THR A 439 -23.98 12.55 -12.96
N TYR A 440 -24.13 11.64 -13.92
CA TYR A 440 -25.37 10.94 -14.11
C TYR A 440 -25.29 9.51 -13.59
N GLU A 441 -26.45 8.89 -13.55
CA GLU A 441 -26.47 7.55 -13.02
C GLU A 441 -25.46 6.64 -13.75
N ASP A 442 -25.42 6.67 -15.07
CA ASP A 442 -24.61 5.68 -15.80
C ASP A 442 -23.11 5.95 -15.63
N ASP A 443 -22.67 7.21 -15.77
CA ASP A 443 -21.23 7.43 -15.65
C ASP A 443 -20.72 7.17 -14.23
N LEU A 444 -21.59 7.32 -13.22
CA LEU A 444 -21.24 6.86 -11.87
C LEU A 444 -21.28 5.33 -11.74
N LEU A 445 -22.30 4.67 -12.34
CA LEU A 445 -22.27 3.22 -12.47
C LEU A 445 -21.01 2.69 -13.12
N LYS A 446 -20.55 3.37 -14.18
CA LYS A 446 -19.33 2.90 -14.82
C LYS A 446 -18.14 3.06 -13.89
N ALA A 447 -18.05 4.25 -13.27
CA ALA A 447 -16.88 4.59 -12.48
C ALA A 447 -16.73 3.63 -11.32
N VAL A 448 -17.84 3.16 -10.76
CA VAL A 448 -17.79 2.21 -9.67
C VAL A 448 -17.50 0.83 -10.23
N THR A 449 -18.05 0.52 -11.39
CA THR A 449 -17.81 -0.78 -12.01
C THR A 449 -16.36 -0.96 -12.34
N ASN A 450 -15.76 0.06 -12.96
CA ASN A 450 -14.32 0.08 -13.21
C ASN A 450 -13.54 -0.15 -11.93
N ALA A 451 -13.89 0.61 -10.89
CA ALA A 451 -13.08 0.65 -9.68
C ALA A 451 -13.14 -0.63 -8.87
N LYS A 452 -14.32 -1.24 -8.77
CA LYS A 452 -14.52 -2.40 -7.94
C LYS A 452 -13.75 -3.62 -8.42
N LEU A 453 -13.19 -3.58 -9.64
CA LEU A 453 -12.29 -4.65 -10.07
C LEU A 453 -11.04 -4.71 -9.19
N LEU A 454 -10.43 -3.57 -8.90
CA LEU A 454 -9.26 -3.56 -8.06
C LEU A 454 -9.50 -4.18 -6.70
N LEU A 455 -10.75 -4.46 -6.34
CA LEU A 455 -11.05 -5.21 -5.12
C LEU A 455 -10.77 -6.69 -5.30
N GLU A 456 -11.16 -7.24 -6.46
CA GLU A 456 -11.37 -8.67 -6.70
C GLU A 456 -10.15 -9.59 -6.54
N PRO A 457 -8.91 -9.07 -6.56
CA PRO A 457 -7.76 -9.93 -6.19
C PRO A 457 -7.78 -10.50 -4.77
N HIS A 458 -8.46 -9.88 -3.78
CA HIS A 458 -8.58 -10.58 -2.49
C HIS A 458 -9.99 -11.09 -2.21
N ASP A 459 -10.61 -11.75 -3.20
CA ASP A 459 -11.90 -12.41 -3.05
C ASP A 459 -12.88 -11.53 -2.28
N LEU A 460 -12.71 -10.23 -2.43
CA LEU A 460 -13.58 -9.22 -1.87
C LEU A 460 -14.46 -8.69 -2.99
N MET A 461 -15.66 -8.21 -2.65
CA MET A 461 -16.56 -7.69 -3.68
C MET A 461 -17.47 -6.58 -3.18
N LEU A 462 -17.82 -5.69 -4.08
CA LEU A 462 -18.68 -4.55 -3.75
C LEU A 462 -20.13 -4.98 -3.83
N MET A 463 -20.78 -5.11 -2.67
CA MET A 463 -22.16 -5.58 -2.60
C MET A 463 -23.13 -4.57 -3.18
N ASP A 464 -23.12 -3.34 -2.65
CA ASP A 464 -23.94 -2.26 -3.19
C ASP A 464 -23.29 -0.94 -2.83
N PHE A 465 -23.78 0.12 -3.45
CA PHE A 465 -23.09 1.39 -3.31
C PHE A 465 -24.11 2.51 -3.51
N THR A 466 -23.80 3.69 -2.95
CA THR A 466 -24.60 4.91 -3.13
C THR A 466 -23.69 6.09 -2.88
N SER A 467 -24.25 7.31 -2.97
CA SER A 467 -23.41 8.50 -3.00
C SER A 467 -24.15 9.71 -2.46
N ARG A 468 -23.40 10.80 -2.28
CA ARG A 468 -23.92 12.12 -1.93
C ARG A 468 -22.81 13.16 -2.15
N VAL A 469 -23.18 14.42 -2.10
CA VAL A 469 -22.24 15.52 -2.19
C VAL A 469 -21.99 16.05 -0.80
N ASP A 470 -20.74 16.20 -0.44
CA ASP A 470 -20.37 16.77 0.86
C ASP A 470 -19.99 18.23 0.66
N SER A 471 -20.89 19.13 1.04
CA SER A 471 -20.61 20.56 0.93
C SER A 471 -19.98 21.10 2.19
N SER A 472 -19.54 20.20 3.08
CA SER A 472 -18.99 20.51 4.39
C SER A 472 -17.51 20.86 4.33
N SER A 473 -16.76 20.24 3.42
CA SER A 473 -15.42 20.68 3.15
C SER A 473 -15.45 21.83 2.16
N PHE A 474 -14.35 22.57 2.11
CA PHE A 474 -14.16 23.61 1.10
C PHE A 474 -12.87 23.25 0.40
N PRO A 475 -12.93 22.69 -0.83
CA PRO A 475 -14.11 22.51 -1.67
C PRO A 475 -14.93 21.30 -1.31
N GLY A 476 -16.16 21.25 -1.79
CA GLY A 476 -16.95 20.05 -1.65
C GLY A 476 -16.37 18.91 -2.47
N HIS A 477 -16.85 17.71 -2.16
CA HIS A 477 -16.33 16.53 -2.83
C HIS A 477 -17.39 15.45 -2.85
N TYR A 478 -17.19 14.43 -3.66
CA TYR A 478 -18.12 13.33 -3.70
C TYR A 478 -17.79 12.30 -2.62
N VAL A 479 -18.80 11.56 -2.22
CA VAL A 479 -18.73 10.55 -1.19
C VAL A 479 -19.47 9.34 -1.74
N ILE A 480 -18.78 8.23 -1.90
CA ILE A 480 -19.41 6.98 -2.26
C ILE A 480 -19.40 6.07 -1.05
N TYR A 481 -20.54 5.45 -0.78
CA TYR A 481 -20.68 4.47 0.29
C TYR A 481 -20.56 3.08 -0.32
N TRP A 482 -19.58 2.31 0.14
CA TRP A 482 -19.35 0.95 -0.36
C TRP A 482 -19.60 -0.05 0.75
N GLU A 483 -20.48 -0.99 0.48
CA GLU A 483 -20.63 -2.13 1.36
C GLU A 483 -19.89 -3.30 0.74
N LEU A 484 -18.88 -3.82 1.45
CA LEU A 484 -18.11 -4.94 0.98
C LEU A 484 -18.64 -6.24 1.59
N GLY A 485 -18.62 -7.31 0.79
CA GLY A 485 -18.72 -8.65 1.30
C GLY A 485 -17.59 -9.47 0.70
N SER A 486 -17.57 -10.76 1.05
CA SER A 486 -16.60 -11.66 0.44
C SER A 486 -17.22 -13.00 0.15
N LYS A 487 -16.54 -13.72 -0.74
CA LYS A 487 -16.90 -15.06 -1.16
C LYS A 487 -16.60 -16.07 -0.11
N VAL A 488 -16.46 -15.66 1.15
CA VAL A 488 -16.09 -16.57 2.22
C VAL A 488 -16.96 -16.30 3.45
N LYS A 492 -14.68 -12.15 7.39
CA LYS A 492 -13.81 -11.52 8.40
C LYS A 492 -12.67 -10.73 7.80
N PHE A 493 -12.92 -9.63 7.11
CA PHE A 493 -11.87 -8.97 6.34
C PHE A 493 -11.78 -7.48 6.62
N GLU A 494 -10.65 -6.88 6.26
CA GLU A 494 -10.47 -5.43 6.38
C GLU A 494 -10.05 -4.85 5.04
N PRO A 495 -10.60 -3.70 4.68
CA PRO A 495 -10.20 -3.05 3.44
C PRO A 495 -8.71 -2.81 3.40
N ASN A 496 -8.11 -3.09 2.27
CA ASN A 496 -6.71 -2.73 2.04
C ASN A 496 -6.64 -1.21 1.73
N ARG A 497 -5.95 -0.45 2.59
CA ARG A 497 -5.89 0.99 2.42
C ARG A 497 -5.28 1.41 1.08
N ASP A 498 -4.17 0.80 0.67
CA ASP A 498 -3.59 1.19 -0.62
C ASP A 498 -4.54 0.87 -1.78
N VAL A 499 -5.17 -0.30 -1.74
CA VAL A 499 -6.16 -0.63 -2.77
C VAL A 499 -7.34 0.35 -2.71
N MET A 500 -7.83 0.66 -1.51
CA MET A 500 -9.02 1.49 -1.42
C MET A 500 -8.78 2.91 -1.93
N GLU A 501 -7.56 3.42 -1.88
CA GLU A 501 -7.32 4.75 -2.38
C GLU A 501 -7.15 4.78 -3.89
N GLU A 502 -6.82 3.61 -4.48
CA GLU A 502 -6.82 3.46 -5.93
C GLU A 502 -8.22 3.21 -6.46
N CYS A 503 -9.09 2.64 -5.62
CA CYS A 503 -10.51 2.62 -5.94
C CYS A 503 -11.05 4.05 -6.04
N CYS A 504 -10.83 4.86 -4.99
CA CYS A 504 -11.14 6.30 -5.05
C CYS A 504 -10.61 6.96 -6.33
N PHE A 505 -9.31 6.81 -6.61
CA PHE A 505 -8.75 7.45 -7.79
C PHE A 505 -9.45 6.97 -9.07
N THR A 506 -9.75 5.66 -9.17
CA THR A 506 -10.31 5.11 -10.42
C THR A 506 -11.71 5.64 -10.73
N VAL A 507 -12.51 5.86 -9.72
CA VAL A 507 -13.78 6.54 -9.93
C VAL A 507 -13.55 7.90 -10.57
N GLU A 508 -12.81 8.77 -9.87
CA GLU A 508 -12.50 10.10 -10.39
C GLU A 508 -12.05 10.04 -11.85
N GLU A 509 -11.07 9.18 -12.13
CA GLU A 509 -10.48 9.07 -13.47
C GLU A 509 -11.51 8.72 -14.54
N SER A 510 -12.57 7.99 -14.17
CA SER A 510 -13.66 7.68 -15.08
C SER A 510 -14.68 8.79 -15.23
N LEU A 511 -14.75 9.75 -14.31
CA LEU A 511 -15.77 10.77 -14.38
C LEU A 511 -15.48 11.74 -15.54
N ASP A 512 -16.42 12.65 -15.79
CA ASP A 512 -16.38 13.46 -17.01
C ASP A 512 -15.34 14.58 -16.90
N ALA A 513 -14.98 15.09 -18.07
CA ALA A 513 -13.97 16.14 -18.16
C ALA A 513 -14.28 17.30 -17.23
N VAL A 514 -15.55 17.65 -17.07
CA VAL A 514 -15.90 18.82 -16.27
C VAL A 514 -15.60 18.56 -14.81
N TYR A 515 -15.88 17.35 -14.34
CA TYR A 515 -15.40 16.95 -13.01
C TYR A 515 -13.89 17.04 -12.93
N ARG A 516 -13.20 16.26 -13.76
CA ARG A 516 -11.77 16.16 -13.61
C ARG A 516 -11.09 17.53 -13.73
N LYS A 517 -11.74 18.46 -14.45
CA LYS A 517 -11.21 19.82 -14.56
C LYS A 517 -11.47 20.61 -13.30
N GLY A 518 -12.60 20.37 -12.64
CA GLY A 518 -12.82 20.97 -11.34
C GLY A 518 -11.75 20.57 -10.37
N ARG A 519 -11.29 19.32 -10.43
CA ARG A 519 -10.35 18.81 -9.45
C ARG A 519 -8.92 19.21 -9.77
N LYS A 520 -8.54 19.13 -11.04
CA LYS A 520 -7.16 19.48 -11.42
C LYS A 520 -6.94 20.99 -11.59
N ASN A 521 -7.86 21.66 -12.29
CA ASN A 521 -7.64 23.04 -12.68
C ASN A 521 -8.43 24.04 -11.83
N ASP A 522 -9.75 23.89 -11.73
CA ASP A 522 -10.58 24.90 -11.06
C ASP A 522 -10.42 24.86 -9.54
N LYS A 523 -10.14 23.68 -8.99
CA LYS A 523 -9.95 23.51 -7.57
C LYS A 523 -11.21 23.86 -6.77
N ASN A 524 -12.37 23.65 -7.37
CA ASN A 524 -13.66 23.69 -6.70
C ASN A 524 -14.23 22.31 -6.47
N ILE A 525 -13.47 21.26 -6.71
CA ILE A 525 -13.90 19.91 -6.39
C ILE A 525 -12.79 19.27 -5.58
N GLY A 526 -13.14 18.82 -4.36
CA GLY A 526 -12.21 18.17 -3.49
C GLY A 526 -11.93 16.72 -3.85
N PRO A 527 -10.89 16.14 -3.24
CA PRO A 527 -10.63 14.71 -3.46
C PRO A 527 -11.82 13.84 -3.09
N LEU A 528 -12.16 12.91 -3.99
CA LEU A 528 -13.32 12.05 -3.80
C LEU A 528 -13.07 11.13 -2.60
N GLU A 529 -14.14 10.66 -1.98
CA GLU A 529 -13.97 9.88 -0.76
C GLU A 529 -14.91 8.69 -0.80
N ILE A 530 -14.39 7.49 -0.49
CA ILE A 530 -15.20 6.29 -0.33
C ILE A 530 -15.27 5.94 1.14
N LYS A 531 -16.49 5.85 1.66
CA LYS A 531 -16.76 5.32 2.98
C LYS A 531 -17.23 3.86 2.85
N VAL A 532 -16.64 3.00 3.61
CA VAL A 532 -17.08 1.60 3.72
C VAL A 532 -18.07 1.44 4.89
N VAL A 533 -19.13 0.64 4.67
CA VAL A 533 -20.20 0.51 5.65
C VAL A 533 -20.30 -0.93 6.11
N LYS A 534 -20.68 -1.14 7.41
CA LYS A 534 -20.96 -2.46 7.99
C LYS A 534 -21.80 -3.28 7.01
N PRO A 535 -21.70 -4.60 6.98
CA PRO A 535 -22.54 -5.37 6.07
C PRO A 535 -24.02 -5.27 6.47
N GLY A 536 -24.88 -5.35 5.47
CA GLY A 536 -26.29 -5.15 5.72
C GLY A 536 -26.68 -3.72 6.00
N ALA A 537 -25.72 -2.79 5.99
CA ALA A 537 -26.07 -1.38 6.04
C ALA A 537 -27.04 -1.04 4.92
N PHE A 538 -26.83 -1.64 3.76
CA PHE A 538 -27.73 -1.32 2.66
C PHE A 538 -29.12 -1.96 2.84
N ASP A 539 -29.19 -3.11 3.52
CA ASP A 539 -30.51 -3.64 3.85
C ASP A 539 -31.24 -2.70 4.78
N GLU A 540 -30.52 -2.08 5.72
CA GLU A 540 -31.13 -1.16 6.66
C GLU A 540 -31.53 0.16 5.98
N LEU A 541 -30.74 0.64 5.03
CA LEU A 541 -31.23 1.66 4.11
C LEU A 541 -32.54 1.23 3.44
N MET A 542 -32.62 -0.03 2.99
CA MET A 542 -33.79 -0.44 2.25
C MET A 542 -35.02 -0.44 3.14
N ASN A 543 -34.94 -1.15 4.27
CA ASN A 543 -36.07 -1.20 5.19
C ASN A 543 -36.51 0.19 5.55
N PHE A 544 -35.57 1.12 5.63
CA PHE A 544 -35.95 2.52 5.83
C PHE A 544 -36.91 3.00 4.75
N PHE A 545 -36.59 2.77 3.48
CA PHE A 545 -37.50 3.22 2.41
C PHE A 545 -38.76 2.34 2.28
N LEU A 546 -38.77 1.13 2.82
CA LEU A 546 -40.00 0.34 2.85
C LEU A 546 -41.02 0.94 3.81
N SER A 547 -40.59 1.29 5.01
CA SER A 547 -41.43 2.01 5.98
C SER A 547 -41.79 3.43 5.53
N ARG A 548 -41.42 3.81 4.31
CA ARG A 548 -41.81 5.09 3.71
C ARG A 548 -42.56 4.85 2.41
N GLY A 549 -43.22 3.69 2.28
CA GLY A 549 -44.16 3.43 1.22
C GLY A 549 -43.66 2.62 0.05
N SER A 550 -42.35 2.33 -0.01
CA SER A 550 -41.83 1.59 -1.16
C SER A 550 -42.23 0.13 -1.09
N SER A 551 -41.93 -0.63 -2.14
CA SER A 551 -42.35 -2.02 -2.25
C SER A 551 -41.14 -2.93 -2.40
N VAL A 552 -41.11 -4.01 -1.63
CA VAL A 552 -40.03 -4.99 -1.71
C VAL A 552 -39.80 -5.39 -3.15
N SER A 553 -40.86 -5.65 -3.87
CA SER A 553 -40.68 -6.18 -5.22
C SER A 553 -40.19 -5.10 -6.18
N GLN A 554 -40.68 -3.86 -6.07
CA GLN A 554 -40.34 -2.77 -6.98
C GLN A 554 -39.18 -1.90 -6.49
N TYR A 555 -38.50 -2.25 -5.39
CA TYR A 555 -37.47 -1.41 -4.81
C TYR A 555 -36.19 -1.37 -5.65
N LYS A 556 -35.48 -0.25 -5.62
CA LYS A 556 -34.18 -0.08 -6.28
C LYS A 556 -33.29 0.81 -5.44
N THR A 557 -32.09 0.38 -5.16
CA THR A 557 -31.22 1.20 -4.32
C THR A 557 -30.89 2.51 -5.00
N PRO A 558 -31.06 3.66 -4.31
CA PRO A 558 -30.75 4.96 -4.93
C PRO A 558 -29.26 5.16 -5.09
N ARG A 559 -28.85 5.56 -6.28
CA ARG A 559 -27.42 5.79 -6.45
C ARG A 559 -26.99 7.12 -5.87
N SER A 560 -27.95 7.95 -5.52
CA SER A 560 -27.77 9.24 -4.87
C SER A 560 -28.68 9.25 -3.66
N VAL A 561 -28.32 10.02 -2.63
CA VAL A 561 -29.20 10.15 -1.47
C VAL A 561 -29.18 11.61 -0.98
N THR A 562 -30.33 12.27 -0.99
CA THR A 562 -30.49 13.58 -0.38
C THR A 562 -31.29 13.54 0.90
N ASN A 563 -32.25 12.64 0.99
CA ASN A 563 -33.08 12.44 2.17
C ASN A 563 -32.18 12.39 3.39
N GLU A 564 -32.13 13.45 4.19
CA GLU A 564 -31.35 13.42 5.43
C GLU A 564 -31.77 12.25 6.28
N GLU A 565 -33.00 11.81 6.08
CA GLU A 565 -33.51 10.55 6.56
C GLU A 565 -32.48 9.40 6.51
N ALA A 566 -32.03 9.13 5.29
CA ALA A 566 -31.24 7.98 4.91
C ALA A 566 -29.76 8.17 5.18
N LEU A 567 -29.26 9.42 5.12
CA LEU A 567 -27.88 9.72 5.50
C LEU A 567 -27.59 9.32 6.95
N LYS A 568 -28.50 9.62 7.89
CA LYS A 568 -28.31 9.19 9.27
C LYS A 568 -27.94 7.72 9.36
N ILE A 569 -28.69 6.88 8.66
CA ILE A 569 -28.38 5.45 8.62
C ILE A 569 -27.00 5.19 8.02
N LEU A 570 -26.72 5.75 6.85
CA LEU A 570 -25.46 5.47 6.18
C LEU A 570 -24.28 5.82 7.06
N GLU A 571 -24.21 7.07 7.55
CA GLU A 571 -23.10 7.45 8.42
C GLU A 571 -23.05 6.59 9.67
N ALA A 572 -24.21 6.21 10.21
CA ALA A 572 -24.24 5.30 11.34
C ALA A 572 -23.53 3.96 11.06
N ASN A 573 -23.46 3.51 9.81
CA ASN A 573 -22.83 2.23 9.54
C ASN A 573 -21.41 2.31 8.99
N VAL A 574 -20.76 3.47 9.11
CA VAL A 574 -19.45 3.71 8.50
C VAL A 574 -18.35 3.17 9.40
N ILE A 575 -17.41 2.42 8.82
CA ILE A 575 -16.27 1.84 9.53
C ILE A 575 -14.94 2.55 9.16
N SER A 576 -14.69 2.70 7.87
CA SER A 576 -13.45 3.24 7.38
C SER A 576 -13.76 4.25 6.29
N GLU A 577 -12.81 5.16 6.08
CA GLU A 577 -12.98 6.17 5.05
C GLU A 577 -11.62 6.31 4.37
N PHE A 578 -11.64 6.52 3.06
CA PHE A 578 -10.44 6.68 2.27
C PHE A 578 -10.67 7.83 1.31
N LEU A 579 -9.57 8.43 0.87
CA LEU A 579 -9.57 9.58 -0.01
C LEU A 579 -8.70 9.26 -1.24
N SER A 580 -8.99 9.92 -2.33
CA SER A 580 -8.14 9.87 -3.50
C SER A 580 -6.85 10.63 -3.22
N ARG A 581 -5.72 10.00 -3.47
CA ARG A 581 -4.44 10.64 -3.18
C ARG A 581 -3.75 11.09 -4.43
N LYS A 582 -4.32 10.82 -5.57
CA LYS A 582 -3.79 11.29 -6.83
C LYS A 582 -4.83 12.24 -7.37
N ILE A 583 -4.40 13.08 -8.28
CA ILE A 583 -5.29 14.03 -8.94
C ILE A 583 -5.55 13.52 -10.35
N PRO A 584 -6.81 13.37 -10.77
CA PRO A 584 -7.11 12.93 -12.14
C PRO A 584 -6.43 13.78 -13.19
N SER A 585 -6.64 13.45 -14.46
CA SER A 585 -5.96 14.18 -15.52
C SER A 585 -6.98 14.78 -16.49
N TRP A 586 -6.64 15.96 -17.02
CA TRP A 586 -7.41 16.59 -18.08
C TRP A 586 -6.55 17.61 -18.83
N PRO B 7 13.93 12.40 -19.27
CA PRO B 7 14.52 13.54 -18.50
C PRO B 7 15.86 13.99 -19.10
N THR B 8 16.61 14.90 -18.48
CA THR B 8 17.86 15.35 -19.08
C THR B 8 19.04 15.02 -18.18
N ASN B 9 20.23 14.96 -18.77
CA ASN B 9 21.38 14.44 -18.05
C ASN B 9 22.64 14.89 -18.80
N GLN B 10 23.80 14.60 -18.21
CA GLN B 10 25.02 15.06 -18.83
C GLN B 10 26.14 14.02 -18.77
N LYS B 11 27.27 14.40 -18.16
CA LYS B 11 28.48 13.59 -18.00
C LYS B 11 28.82 13.37 -16.54
N ALA B 12 27.90 13.66 -15.62
CA ALA B 12 28.21 13.58 -14.20
C ALA B 12 28.13 12.12 -13.76
N CYS B 13 27.90 11.91 -12.47
CA CYS B 13 27.36 10.65 -12.01
C CYS B 13 25.84 10.76 -12.02
N LEU B 14 25.21 9.74 -12.61
CA LEU B 14 23.80 9.81 -12.97
C LEU B 14 23.04 8.92 -11.98
N SER B 15 22.67 9.52 -10.85
CA SER B 15 21.88 8.84 -9.83
C SER B 15 20.41 8.78 -10.20
N LEU B 16 20.07 9.10 -11.47
CA LEU B 16 18.95 8.44 -12.12
C LEU B 16 19.27 6.95 -12.13
N LEU B 17 18.36 6.13 -12.62
CA LEU B 17 18.54 4.67 -12.58
C LEU B 17 18.27 4.18 -11.17
N GLU B 18 18.97 4.74 -10.17
CA GLU B 18 18.40 4.76 -8.83
C GLU B 18 17.07 5.47 -8.86
N ASP B 19 17.03 6.60 -9.56
CA ASP B 19 15.80 7.35 -9.74
C ASP B 19 14.72 6.50 -10.44
N LEU B 20 15.07 5.86 -11.58
CA LEU B 20 14.06 5.18 -12.37
C LEU B 20 13.67 3.81 -11.82
N THR B 21 14.60 3.10 -11.19
CA THR B 21 14.28 1.80 -10.62
C THR B 21 13.55 1.91 -9.29
N THR B 22 13.61 3.05 -8.62
CA THR B 22 12.90 3.14 -7.35
C THR B 22 11.45 3.55 -7.54
N ASN B 23 11.18 4.48 -8.45
CA ASN B 23 9.81 4.93 -8.70
C ASN B 23 9.14 4.21 -9.87
N VAL B 24 9.20 2.88 -9.91
CA VAL B 24 8.68 2.17 -11.07
C VAL B 24 7.18 2.36 -11.19
N LYS B 25 6.44 2.04 -10.14
CA LYS B 25 4.99 1.92 -10.26
C LYS B 25 4.32 3.24 -10.64
N GLN B 26 4.77 4.34 -10.06
CA GLN B 26 4.27 5.65 -10.44
C GLN B 26 4.68 6.00 -11.86
N ILE B 27 5.93 5.74 -12.25
CA ILE B 27 6.37 6.09 -13.60
C ILE B 27 5.59 5.29 -14.66
N GLN B 28 5.47 3.98 -14.47
CA GLN B 28 4.63 3.14 -15.33
C GLN B 28 3.23 3.73 -15.50
N ASP B 29 2.58 4.07 -14.38
CA ASP B 29 1.28 4.73 -14.38
C ASP B 29 1.29 5.99 -15.22
N SER B 30 2.38 6.77 -15.17
CA SER B 30 2.45 8.01 -15.93
C SER B 30 2.75 7.78 -17.41
N VAL B 31 3.55 6.77 -17.75
CA VAL B 31 3.80 6.49 -19.16
C VAL B 31 2.50 6.22 -19.88
N LEU B 32 1.74 5.24 -19.36
CA LEU B 32 0.47 4.87 -19.95
C LEU B 32 -0.42 6.10 -20.18
N GLU B 33 -0.64 6.89 -19.11
CA GLU B 33 -1.47 8.10 -19.17
C GLU B 33 -1.08 9.02 -20.32
N ALA B 34 0.21 9.15 -20.59
CA ALA B 34 0.65 9.96 -21.72
C ALA B 34 0.44 9.28 -23.08
N ILE B 35 0.66 7.96 -23.14
CA ILE B 35 0.47 7.25 -24.41
C ILE B 35 -0.99 7.29 -24.80
N LEU B 36 -1.89 7.14 -23.83
CA LEU B 36 -3.31 7.17 -24.12
C LEU B 36 -3.75 8.58 -24.47
N SER B 37 -3.26 9.58 -23.74
CA SER B 37 -3.74 10.95 -23.92
C SER B 37 -3.27 11.51 -25.27
N ARG B 38 -1.99 11.36 -25.58
CA ARG B 38 -1.51 11.74 -26.91
C ARG B 38 -2.25 10.97 -27.99
N ASN B 39 -2.25 9.65 -27.90
CA ASN B 39 -2.80 8.86 -29.00
C ASN B 39 -4.34 8.69 -28.96
N ALA B 40 -5.05 9.43 -28.12
CA ALA B 40 -6.49 9.22 -27.96
C ALA B 40 -7.24 9.48 -29.25
N GLN B 41 -6.67 10.27 -30.16
CA GLN B 41 -7.31 10.62 -31.42
C GLN B 41 -6.87 9.71 -32.56
N THR B 42 -6.12 8.66 -32.28
CA THR B 42 -5.69 7.78 -33.36
C THR B 42 -6.82 6.82 -33.70
N GLU B 43 -6.87 6.41 -34.97
CA GLU B 43 -7.89 5.46 -35.41
C GLU B 43 -7.90 4.21 -34.52
N TYR B 44 -6.71 3.62 -34.29
CA TYR B 44 -6.61 2.38 -33.52
C TYR B 44 -7.09 2.58 -32.09
N LEU B 45 -6.52 3.55 -31.41
CA LEU B 45 -6.94 3.79 -30.03
C LEU B 45 -8.36 4.32 -29.95
N ARG B 46 -8.76 5.25 -30.83
CA ARG B 46 -10.09 5.85 -30.73
C ARG B 46 -11.20 4.80 -30.83
N GLY B 47 -10.99 3.76 -31.65
CA GLY B 47 -12.01 2.73 -31.81
C GLY B 47 -12.34 2.00 -30.53
N PHE B 48 -11.33 1.75 -29.68
CA PHE B 48 -11.54 0.89 -28.54
C PHE B 48 -12.05 1.62 -27.28
N LEU B 49 -11.93 2.96 -27.17
CA LEU B 49 -13.01 3.72 -26.49
C LEU B 49 -12.90 5.25 -26.61
N ASN B 50 -11.68 5.77 -26.45
CA ASN B 50 -11.47 7.22 -26.35
C ASN B 50 -11.88 7.76 -24.97
N GLY B 51 -12.98 7.25 -24.40
CA GLY B 51 -13.29 7.48 -22.99
C GLY B 51 -12.15 7.08 -22.07
N GLN B 52 -11.25 6.27 -22.59
CA GLN B 52 -9.97 6.04 -21.95
C GLN B 52 -9.07 7.26 -22.02
N VAL B 53 -8.52 7.61 -20.86
CA VAL B 53 -7.09 7.74 -20.63
C VAL B 53 -6.95 6.92 -19.37
N ASP B 54 -8.09 6.61 -18.77
CA ASP B 54 -8.13 5.75 -17.59
C ASP B 54 -7.38 4.45 -17.84
N LYS B 55 -6.74 3.92 -16.80
CA LYS B 55 -6.06 2.64 -16.95
C LYS B 55 -7.04 1.47 -16.95
N GLN B 56 -8.08 1.54 -16.12
CA GLN B 56 -8.97 0.38 -15.98
C GLN B 56 -9.75 0.13 -17.27
N ASN B 57 -10.21 1.19 -17.94
CA ASN B 57 -10.77 1.05 -19.27
C ASN B 57 -9.76 0.38 -20.19
N PHE B 58 -8.50 0.80 -20.09
CA PHE B 58 -7.47 0.31 -21.00
C PHE B 58 -7.32 -1.21 -20.90
N LYS B 59 -7.16 -1.72 -19.68
CA LYS B 59 -6.97 -3.14 -19.51
C LYS B 59 -8.26 -3.95 -19.68
N LYS B 60 -9.32 -3.33 -20.18
CA LYS B 60 -10.60 -4.02 -20.34
C LYS B 60 -11.09 -4.05 -21.77
N ASN B 61 -10.86 -2.98 -22.55
CA ASN B 61 -11.38 -2.84 -23.90
C ASN B 61 -10.31 -2.89 -24.98
N VAL B 62 -9.04 -2.84 -24.63
CA VAL B 62 -7.95 -2.92 -25.59
C VAL B 62 -7.36 -4.32 -25.51
N PRO B 63 -7.23 -5.04 -26.62
CA PRO B 63 -6.78 -6.44 -26.58
C PRO B 63 -5.27 -6.62 -26.64
N VAL B 64 -4.80 -7.68 -25.98
CA VAL B 64 -3.42 -8.07 -26.15
C VAL B 64 -3.28 -8.77 -27.50
N VAL B 65 -2.27 -8.38 -28.26
CA VAL B 65 -2.24 -8.61 -29.70
C VAL B 65 -0.85 -9.05 -30.14
N THR B 66 -0.81 -9.60 -31.35
CA THR B 66 0.41 -9.96 -32.06
C THR B 66 0.51 -9.16 -33.36
N TYR B 67 1.68 -9.26 -34.00
CA TYR B 67 1.88 -8.59 -35.28
C TYR B 67 0.86 -9.05 -36.31
N GLU B 68 0.49 -10.34 -36.31
CA GLU B 68 -0.51 -10.83 -37.26
C GLU B 68 -1.80 -10.00 -37.16
N ASP B 69 -2.12 -9.49 -35.98
CA ASP B 69 -3.39 -8.79 -35.78
C ASP B 69 -3.33 -7.34 -36.25
N ILE B 70 -2.20 -6.65 -36.01
CA ILE B 70 -2.11 -5.23 -36.31
C ILE B 70 -1.50 -4.94 -37.69
N ARG B 71 -1.17 -5.97 -38.46
CA ARG B 71 -0.43 -5.78 -39.69
C ARG B 71 -1.15 -4.83 -40.65
N SER B 72 -2.48 -4.96 -40.77
CA SER B 72 -3.27 -4.10 -41.65
C SER B 72 -2.89 -2.64 -41.49
N TYR B 73 -2.82 -2.16 -40.25
CA TYR B 73 -2.46 -0.77 -40.00
C TYR B 73 -1.04 -0.47 -40.46
N ILE B 74 -0.08 -1.36 -40.16
CA ILE B 74 1.27 -1.16 -40.66
C ILE B 74 1.31 -1.18 -42.18
N ASP B 75 0.45 -2.02 -42.79
CA ASP B 75 0.40 -2.09 -44.25
C ASP B 75 -0.14 -0.80 -44.84
N ARG B 76 -1.14 -0.22 -44.18
CA ARG B 76 -1.72 1.02 -44.66
C ARG B 76 -0.72 2.14 -44.56
N ILE B 77 -0.11 2.31 -43.39
CA ILE B 77 0.88 3.35 -43.17
C ILE B 77 2.03 3.19 -44.15
N ALA B 78 2.52 1.97 -44.30
CA ALA B 78 3.50 1.68 -45.35
C ALA B 78 3.01 2.09 -46.72
N ASN B 79 1.72 2.04 -46.97
CA ASN B 79 1.17 2.32 -48.29
C ASN B 79 0.65 3.73 -48.45
N GLY B 80 0.82 4.60 -47.46
CA GLY B 80 0.58 6.03 -47.66
C GLY B 80 -0.45 6.66 -46.76
N GLU B 81 -1.12 5.90 -45.91
CA GLU B 81 -2.11 6.48 -45.01
C GLU B 81 -1.42 7.14 -43.82
N PRO B 82 -2.09 8.09 -43.18
CA PRO B 82 -1.44 8.89 -42.13
C PRO B 82 -1.04 8.07 -40.90
N SER B 83 -0.04 8.56 -40.17
CA SER B 83 0.38 7.89 -38.95
C SER B 83 -0.69 7.91 -37.87
N ASP B 84 -1.74 8.72 -38.02
CA ASP B 84 -2.83 8.76 -37.08
C ASP B 84 -3.56 7.44 -36.94
N LEU B 85 -3.39 6.48 -37.84
CA LEU B 85 -4.02 5.19 -37.60
C LEU B 85 -3.55 4.63 -36.27
N ILE B 86 -2.28 4.82 -35.95
CA ILE B 86 -1.72 4.20 -34.75
C ILE B 86 -1.02 5.23 -33.88
N CYS B 87 -0.48 6.27 -34.47
CA CYS B 87 0.45 7.11 -33.74
C CYS B 87 0.20 8.61 -33.91
N ASP B 88 0.23 9.31 -32.78
CA ASP B 88 0.12 10.75 -32.72
C ASP B 88 1.20 11.44 -33.55
N ARG B 89 2.48 11.05 -33.34
CA ARG B 89 3.68 11.59 -33.95
C ARG B 89 3.90 10.99 -35.34
N PRO B 90 4.58 11.67 -36.24
CA PRO B 90 4.81 11.08 -37.56
C PRO B 90 5.69 9.85 -37.43
N ILE B 91 5.55 8.94 -38.37
CA ILE B 91 6.38 7.75 -38.36
C ILE B 91 7.59 8.05 -39.22
N SER B 92 8.78 8.07 -38.60
CA SER B 92 10.03 8.39 -39.29
C SER B 92 10.52 7.23 -40.17
N VAL B 93 10.49 6.01 -39.63
CA VAL B 93 11.05 4.84 -40.30
C VAL B 93 10.16 3.67 -40.00
N LEU B 94 10.16 2.71 -40.91
CA LEU B 94 9.70 1.38 -40.61
C LEU B 94 10.94 0.54 -40.46
N LEU B 95 11.00 -0.26 -39.38
CA LEU B 95 12.15 -1.12 -39.09
C LEU B 95 11.83 -2.57 -39.45
N THR B 96 12.78 -3.22 -40.12
CA THR B 96 12.62 -4.57 -40.65
C THR B 96 13.26 -5.64 -39.75
N SER B 97 12.65 -6.84 -39.74
CA SER B 97 13.07 -7.94 -38.87
C SER B 97 12.82 -9.32 -39.51
N LYS B 106 8.17 -8.50 -41.81
CA LYS B 106 7.66 -7.80 -40.59
C LYS B 106 8.16 -6.32 -40.38
N LEU B 107 7.25 -5.34 -40.42
CA LEU B 107 7.66 -3.95 -40.36
C LEU B 107 7.14 -3.33 -39.07
N ILE B 108 8.01 -2.64 -38.36
CA ILE B 108 7.73 -2.08 -37.05
C ILE B 108 7.95 -0.58 -37.17
N PRO B 109 6.92 0.23 -36.96
CA PRO B 109 7.08 1.69 -37.13
C PRO B 109 7.85 2.30 -35.97
N LEU B 110 8.50 3.43 -36.26
CA LEU B 110 9.37 4.06 -35.29
C LEU B 110 9.28 5.57 -35.46
N THR B 111 9.35 6.29 -34.33
CA THR B 111 9.29 7.74 -34.33
C THR B 111 10.56 8.35 -33.77
N THR B 112 10.83 9.60 -34.15
CA THR B 112 12.10 10.22 -33.77
C THR B 112 12.30 10.23 -32.26
N GLU B 113 11.32 10.73 -31.51
CA GLU B 113 11.58 10.84 -30.09
C GLU B 113 11.65 9.49 -29.39
N ASP B 114 11.06 8.44 -29.95
CA ASP B 114 11.29 7.09 -29.42
C ASP B 114 12.73 6.67 -29.65
N LEU B 115 13.20 6.75 -30.90
CA LEU B 115 14.58 6.42 -31.22
C LEU B 115 15.55 7.25 -30.41
N GLU B 116 15.33 8.57 -30.40
CA GLU B 116 16.17 9.44 -29.58
C GLU B 116 16.14 9.04 -28.12
N GLN B 117 14.99 8.58 -27.61
CA GLN B 117 14.93 8.23 -26.19
C GLN B 117 15.73 6.96 -25.92
N ARG B 118 15.80 6.07 -26.91
CA ARG B 118 16.61 4.88 -26.76
C ARG B 118 18.09 5.22 -26.75
N ILE B 119 18.55 5.92 -27.80
CA ILE B 119 19.92 6.44 -27.84
C ILE B 119 20.24 7.17 -26.54
N SER B 120 19.32 8.03 -26.10
CA SER B 120 19.54 8.80 -24.89
C SER B 120 19.71 7.90 -23.66
N PHE B 121 18.99 6.78 -23.58
CA PHE B 121 19.12 5.94 -22.39
C PHE B 121 20.48 5.29 -22.31
N SER B 122 21.00 4.77 -23.42
CA SER B 122 22.33 4.15 -23.39
C SER B 122 23.39 5.13 -22.91
N SER B 123 23.29 6.39 -23.33
CA SER B 123 24.16 7.42 -22.77
C SER B 123 23.95 7.56 -21.26
N LEU B 124 22.69 7.64 -20.81
CA LEU B 124 22.43 7.68 -19.37
C LEU B 124 22.90 6.37 -18.73
N TYR B 125 23.92 6.48 -17.91
CA TYR B 125 24.68 5.33 -17.43
C TYR B 125 25.10 4.41 -18.59
N ALA B 126 25.92 5.01 -19.44
CA ALA B 126 27.15 4.39 -19.85
C ALA B 126 28.11 4.55 -18.63
N PRO B 127 28.04 5.70 -17.93
CA PRO B 127 28.79 5.83 -16.66
C PRO B 127 28.64 4.69 -15.68
N LEU B 128 27.53 3.94 -15.68
CA LEU B 128 27.42 2.80 -14.76
C LEU B 128 28.46 1.72 -15.08
N LEU B 129 28.71 1.49 -16.37
CA LEU B 129 29.67 0.48 -16.76
C LEU B 129 31.09 0.90 -16.36
N TYR B 130 31.38 2.20 -16.33
CA TYR B 130 32.66 2.70 -15.85
C TYR B 130 32.90 2.34 -14.40
N LYS B 131 31.91 2.61 -13.54
CA LYS B 131 32.00 2.25 -12.14
C LYS B 131 32.41 0.80 -11.98
N HIS B 132 31.72 -0.12 -12.67
CA HIS B 132 31.92 -1.54 -12.41
C HIS B 132 33.21 -2.07 -13.05
N ILE B 133 33.60 -1.56 -14.22
CA ILE B 133 34.80 -2.04 -14.89
C ILE B 133 35.93 -1.04 -14.73
N ASP B 134 36.91 -1.41 -13.90
CA ASP B 134 38.04 -0.53 -13.59
C ASP B 134 38.80 -0.21 -14.87
N GLY B 135 39.07 1.07 -15.07
CA GLY B 135 39.85 1.51 -16.20
C GLY B 135 39.09 1.60 -17.49
N LEU B 136 37.78 1.40 -17.49
CA LEU B 136 37.05 1.40 -18.74
C LEU B 136 37.14 2.75 -19.44
N SER B 137 36.95 3.86 -18.69
CA SER B 137 37.01 5.18 -19.32
C SER B 137 38.42 5.56 -19.82
N GLU B 138 39.43 4.71 -19.60
CA GLU B 138 40.80 5.03 -20.01
C GLU B 138 40.93 5.15 -21.53
N GLY B 139 40.27 4.27 -22.28
CA GLY B 139 40.45 4.22 -23.72
C GLY B 139 39.15 4.19 -24.48
N LYS B 140 39.28 4.04 -25.80
CA LYS B 140 38.12 3.93 -26.68
C LYS B 140 37.67 2.47 -26.78
N SER B 141 36.64 2.22 -27.58
CA SER B 141 36.07 0.89 -27.69
C SER B 141 35.99 0.49 -29.16
N LEU B 142 36.35 -0.78 -29.42
CA LEU B 142 36.29 -1.39 -30.75
C LEU B 142 35.05 -2.27 -30.81
N ILE B 143 33.89 -1.66 -31.13
CA ILE B 143 32.60 -2.35 -31.27
C ILE B 143 32.20 -2.36 -32.74
N PHE B 144 31.90 -3.55 -33.26
CA PHE B 144 31.60 -3.73 -34.69
C PHE B 144 30.10 -3.65 -34.97
N TYR B 145 29.68 -2.51 -35.51
CA TYR B 145 28.37 -2.35 -36.12
C TYR B 145 28.52 -2.30 -37.63
N PHE B 146 27.47 -2.68 -38.34
CA PHE B 146 27.47 -2.63 -39.79
C PHE B 146 26.10 -2.17 -40.27
N VAL B 147 26.07 -1.12 -41.13
CA VAL B 147 24.80 -0.73 -41.73
C VAL B 147 24.41 -1.75 -42.80
N THR B 148 23.13 -1.72 -43.14
CA THR B 148 22.61 -2.57 -44.19
C THR B 148 21.76 -1.71 -45.14
N ARG B 149 21.48 -2.23 -46.32
CA ARG B 149 20.81 -1.42 -47.34
C ARG B 149 19.42 -0.99 -46.89
N GLU B 150 18.96 0.15 -47.41
CA GLU B 150 17.66 0.70 -47.08
C GLU B 150 16.75 0.66 -48.30
N SER B 151 15.43 0.78 -48.06
CA SER B 151 14.46 0.94 -49.13
C SER B 151 13.48 2.04 -48.75
N LYS B 152 12.70 2.49 -49.71
CA LYS B 152 11.64 3.45 -49.44
C LYS B 152 10.30 2.89 -49.90
N THR B 153 9.24 3.21 -49.17
CA THR B 153 7.89 3.06 -49.69
C THR B 153 7.60 4.18 -50.67
N ALA B 154 6.74 3.91 -51.66
CA ALA B 154 6.51 4.92 -52.69
C ALA B 154 6.03 6.24 -52.09
N ASN B 155 5.40 6.19 -50.92
CA ASN B 155 5.05 7.43 -50.22
C ASN B 155 6.30 8.14 -49.68
N GLY B 156 7.35 7.39 -49.39
CA GLY B 156 8.61 7.98 -48.96
C GLY B 156 9.12 7.52 -47.61
N LEU B 157 8.53 6.47 -47.04
CA LEU B 157 8.96 5.96 -45.74
C LEU B 157 10.24 5.14 -45.85
N MET B 158 11.22 5.49 -45.02
CA MET B 158 12.46 4.71 -44.95
C MET B 158 12.16 3.35 -44.37
N VAL B 159 12.60 2.30 -45.08
CA VAL B 159 12.71 0.95 -44.51
C VAL B 159 14.17 0.73 -44.23
N ARG B 160 14.50 0.49 -42.96
CA ARG B 160 15.87 0.47 -42.50
C ARG B 160 15.97 -0.55 -41.39
N THR B 161 17.19 -0.75 -40.95
CA THR B 161 17.54 -1.67 -39.89
C THR B 161 17.81 -0.91 -38.62
N MET B 162 17.40 -1.49 -37.49
CA MET B 162 17.49 -0.76 -36.23
C MET B 162 18.91 -0.33 -35.94
N VAL B 163 19.89 -1.20 -36.21
CA VAL B 163 21.27 -0.75 -36.14
C VAL B 163 21.54 0.40 -37.13
N THR B 164 20.97 0.33 -38.31
CA THR B 164 21.29 1.33 -39.29
C THR B 164 20.75 2.69 -38.88
N SER B 165 19.49 2.74 -38.45
CA SER B 165 18.92 4.01 -37.96
C SER B 165 19.72 4.56 -36.80
N PHE B 166 20.05 3.71 -35.82
CA PHE B 166 20.86 4.12 -34.68
C PHE B 166 22.18 4.76 -35.14
N LEU B 167 22.87 4.12 -36.07
CA LEU B 167 24.12 4.68 -36.56
C LEU B 167 23.87 5.94 -37.36
N LYS B 168 22.82 5.98 -38.18
CA LYS B 168 22.58 7.19 -38.96
C LYS B 168 22.04 8.34 -38.10
N SER B 169 22.59 8.52 -36.89
CA SER B 169 22.37 9.70 -36.05
C SER B 169 23.32 9.75 -34.82
N ASP B 179 31.40 9.41 -31.47
CA ASP B 179 32.59 9.09 -32.21
C ASP B 179 33.79 9.42 -31.34
N SER B 180 33.51 10.28 -30.36
CA SER B 180 34.56 10.64 -29.41
C SER B 180 35.11 9.40 -28.70
N LEU B 181 34.31 8.34 -28.58
CA LEU B 181 34.67 7.16 -27.80
C LEU B 181 34.83 5.91 -28.66
N GLN B 182 34.76 6.04 -29.97
CA GLN B 182 34.79 4.90 -30.86
C GLN B 182 36.09 4.90 -31.67
N VAL B 183 36.80 3.77 -31.64
CA VAL B 183 38.00 3.62 -32.44
C VAL B 183 37.70 3.95 -33.90
N SER B 184 36.67 3.31 -34.43
CA SER B 184 36.41 3.39 -35.85
C SER B 184 35.62 4.67 -36.15
N PRO B 185 36.15 5.54 -37.01
CA PRO B 185 35.39 6.71 -37.46
C PRO B 185 34.02 6.31 -37.97
N HIS B 186 33.04 7.16 -37.68
CA HIS B 186 31.67 6.90 -38.14
C HIS B 186 31.63 6.67 -39.66
N ALA B 187 32.45 7.38 -40.44
CA ALA B 187 32.41 7.23 -41.89
C ALA B 187 32.73 5.81 -42.31
N ILE B 188 33.55 5.10 -41.52
CA ILE B 188 33.92 3.74 -41.85
C ILE B 188 32.77 2.78 -41.56
N THR B 189 32.20 2.84 -40.35
CA THR B 189 31.19 1.86 -39.95
C THR B 189 29.96 1.89 -40.87
N THR B 190 29.66 3.07 -41.46
CA THR B 190 28.52 3.33 -42.34
C THR B 190 28.81 2.99 -43.80
N CYS B 191 30.00 2.50 -44.11
CA CYS B 191 30.34 2.07 -45.47
C CYS B 191 29.25 1.14 -45.97
N ALA B 192 28.95 1.21 -47.26
CA ALA B 192 27.85 0.40 -47.79
C ALA B 192 28.19 -1.08 -47.73
N ASP B 193 29.45 -1.44 -47.99
CA ASP B 193 29.88 -2.84 -48.13
C ASP B 193 30.34 -3.41 -46.79
N THR B 194 29.64 -4.41 -46.27
CA THR B 194 30.02 -4.87 -44.93
C THR B 194 31.42 -5.47 -44.90
N THR B 195 31.86 -6.12 -45.99
CA THR B 195 33.20 -6.73 -45.97
C THR B 195 34.29 -5.68 -45.95
N GLN B 196 34.21 -4.70 -46.84
CA GLN B 196 35.15 -3.59 -46.77
C GLN B 196 35.12 -2.93 -45.41
N SER B 197 33.92 -2.75 -44.86
CA SER B 197 33.80 -2.22 -43.50
C SER B 197 34.51 -3.10 -42.49
N MET B 198 34.22 -4.38 -42.50
CA MET B 198 34.81 -5.25 -41.51
C MET B 198 36.32 -5.26 -41.60
N TYR B 199 36.84 -5.31 -42.82
CA TYR B 199 38.29 -5.24 -43.00
C TYR B 199 38.83 -3.94 -42.46
N CYS B 200 38.12 -2.84 -42.68
CA CYS B 200 38.59 -1.54 -42.26
C CYS B 200 38.45 -1.33 -40.76
N GLN B 201 37.35 -1.77 -40.17
CA GLN B 201 37.17 -1.64 -38.73
C GLN B 201 38.22 -2.43 -37.98
N LEU B 202 38.56 -3.62 -38.49
CA LEU B 202 39.69 -4.37 -37.98
C LEU B 202 40.98 -3.57 -38.09
N LEU B 203 41.21 -2.94 -39.24
CA LEU B 203 42.47 -2.24 -39.48
C LEU B 203 42.71 -1.13 -38.45
N CYS B 204 41.68 -0.31 -38.14
CA CYS B 204 41.84 0.75 -37.15
C CYS B 204 42.11 0.20 -35.75
N GLY B 205 41.35 -0.82 -35.34
CA GLY B 205 41.55 -1.39 -34.03
C GLY B 205 42.90 -2.06 -33.87
N LEU B 206 43.46 -2.59 -34.95
CA LEU B 206 44.81 -3.14 -34.85
C LEU B 206 45.84 -2.04 -34.67
N LEU B 207 45.64 -0.90 -35.31
CA LEU B 207 46.57 0.22 -35.16
C LEU B 207 46.44 0.87 -33.79
N GLU B 208 45.29 0.75 -33.15
CA GLU B 208 45.04 1.38 -31.86
C GLU B 208 45.01 0.37 -30.71
N ARG B 209 45.74 -0.75 -30.83
CA ARG B 209 45.61 -1.81 -29.84
C ARG B 209 45.89 -1.30 -28.45
N ASP B 210 46.76 -0.29 -28.34
CA ASP B 210 47.08 0.31 -27.06
C ASP B 210 45.96 1.19 -26.52
N ASN B 211 45.03 1.62 -27.36
CA ASN B 211 43.95 2.49 -26.91
C ASN B 211 42.61 1.76 -26.91
N VAL B 212 42.60 0.45 -27.07
CA VAL B 212 41.36 -0.32 -27.09
C VAL B 212 41.09 -0.74 -25.66
N ALA B 213 40.04 -0.14 -25.06
CA ALA B 213 39.57 -0.52 -23.73
C ALA B 213 38.42 -1.54 -23.77
N ARG B 214 37.77 -1.72 -24.92
CA ARG B 214 36.66 -2.65 -25.06
C ARG B 214 36.61 -3.23 -26.45
N LEU B 215 36.26 -4.52 -26.52
CA LEU B 215 35.95 -5.22 -27.76
C LEU B 215 34.49 -5.65 -27.73
N GLY B 216 33.80 -5.57 -28.87
CA GLY B 216 32.39 -5.93 -28.80
C GLY B 216 31.70 -5.95 -30.14
N ALA B 217 30.48 -6.45 -30.07
CA ALA B 217 29.52 -6.42 -31.16
C ALA B 217 28.14 -6.57 -30.55
N PRO B 218 27.09 -6.25 -31.27
CA PRO B 218 25.78 -6.42 -30.69
C PRO B 218 25.51 -7.83 -30.22
N PHE B 219 25.81 -8.84 -31.02
CA PHE B 219 25.55 -10.21 -30.62
C PHE B 219 26.81 -11.05 -30.71
N ALA B 220 26.91 -12.02 -29.79
CA ALA B 220 28.04 -12.91 -29.72
C ALA B 220 28.41 -13.46 -31.09
N SER B 221 27.41 -13.98 -31.83
CA SER B 221 27.70 -14.59 -33.13
C SER B 221 28.20 -13.54 -34.13
N SER B 222 27.72 -12.29 -34.02
CA SER B 222 28.27 -11.23 -34.87
C SER B 222 29.71 -10.96 -34.53
N PHE B 223 30.05 -10.97 -33.25
CA PHE B 223 31.43 -10.73 -32.87
C PHE B 223 32.35 -11.85 -33.36
N LEU B 224 31.95 -13.11 -33.14
CA LEU B 224 32.75 -14.25 -33.59
C LEU B 224 32.93 -14.26 -35.10
N LYS B 225 31.97 -13.73 -35.86
CA LYS B 225 32.14 -13.64 -37.31
C LYS B 225 33.29 -12.74 -37.67
N VAL B 226 33.40 -11.62 -36.95
CA VAL B 226 34.54 -10.73 -37.08
C VAL B 226 35.83 -11.47 -36.79
N ILE B 227 35.86 -12.28 -35.73
CA ILE B 227 37.10 -12.95 -35.38
C ILE B 227 37.49 -13.96 -36.46
N LYS B 228 36.51 -14.74 -36.95
CA LYS B 228 36.80 -15.62 -38.08
C LYS B 228 37.35 -14.81 -39.26
N PHE B 229 36.75 -13.66 -39.54
CA PHE B 229 37.28 -12.84 -40.63
C PHE B 229 38.75 -12.48 -40.39
N LEU B 230 39.11 -12.23 -39.13
CA LEU B 230 40.49 -11.86 -38.81
C LEU B 230 41.42 -13.04 -38.98
N GLU B 231 40.97 -14.24 -38.59
CA GLU B 231 41.74 -15.44 -38.88
C GLU B 231 41.97 -15.62 -40.38
N ASP B 232 41.00 -15.22 -41.20
CA ASP B 232 41.08 -15.43 -42.64
C ASP B 232 41.81 -14.32 -43.38
N HIS B 233 41.99 -13.15 -42.75
CA HIS B 233 42.61 -12.02 -43.45
C HIS B 233 43.69 -11.34 -42.63
N TRP B 234 44.22 -12.00 -41.60
CA TRP B 234 45.35 -11.45 -40.86
C TRP B 234 46.63 -11.32 -41.67
N PRO B 235 47.01 -12.27 -42.54
CA PRO B 235 48.18 -11.98 -43.39
C PRO B 235 47.99 -10.73 -44.24
N GLU B 236 46.82 -10.59 -44.86
CA GLU B 236 46.56 -9.42 -45.69
C GLU B 236 46.58 -8.15 -44.85
N LEU B 237 46.04 -8.22 -43.64
CA LEU B 237 45.95 -7.02 -42.80
C LEU B 237 47.33 -6.54 -42.39
N CYS B 238 48.28 -7.45 -42.12
CA CYS B 238 49.65 -7.03 -41.82
C CYS B 238 50.39 -6.55 -43.07
N SER B 239 50.21 -7.25 -44.20
CA SER B 239 50.74 -6.76 -45.47
C SER B 239 50.40 -5.29 -45.68
N ASN B 240 49.15 -4.90 -45.40
CA ASN B 240 48.74 -3.50 -45.50
C ASN B 240 49.47 -2.60 -44.51
N ILE B 241 49.55 -3.01 -43.24
CA ILE B 241 50.23 -2.18 -42.25
C ILE B 241 51.67 -1.92 -42.68
N ARG B 242 52.44 -3.00 -42.89
CA ARG B 242 53.85 -2.90 -43.29
C ARG B 242 54.06 -1.89 -44.42
N THR B 243 53.38 -2.08 -45.56
CA THR B 243 53.55 -1.17 -46.69
C THR B 243 53.16 0.26 -46.32
N SER B 247 45.05 -1.56 -49.39
CA SER B 247 44.59 -2.78 -50.06
C SER B 247 43.65 -2.49 -51.22
N ASP B 248 43.79 -3.31 -52.26
CA ASP B 248 43.01 -3.14 -53.49
C ASP B 248 41.56 -3.59 -53.31
N TRP B 249 41.30 -4.53 -52.42
CA TRP B 249 39.95 -5.07 -52.28
C TRP B 249 38.98 -4.01 -51.83
N ILE B 250 39.46 -3.01 -51.11
CA ILE B 250 38.60 -2.02 -50.51
C ILE B 250 38.52 -0.82 -51.44
N THR B 251 37.36 -0.65 -52.09
CA THR B 251 37.20 0.32 -53.18
C THR B 251 36.19 1.45 -52.90
N ASP B 252 35.43 1.40 -51.79
CA ASP B 252 34.47 2.46 -51.51
C ASP B 252 35.20 3.66 -50.92
N ALA B 253 34.81 4.86 -51.36
CA ALA B 253 35.64 6.04 -51.11
C ALA B 253 35.64 6.45 -49.63
N THR B 254 34.49 6.36 -48.96
CA THR B 254 34.42 6.70 -47.53
C THR B 254 35.43 5.87 -46.73
N CYS B 255 35.44 4.56 -47.00
CA CYS B 255 36.37 3.65 -46.36
C CYS B 255 37.83 4.02 -46.65
N THR B 256 38.17 4.38 -47.90
CA THR B 256 39.56 4.63 -48.29
C THR B 256 40.05 6.00 -47.83
N SER B 257 39.23 7.03 -47.99
CA SER B 257 39.66 8.35 -47.55
C SER B 257 39.64 8.45 -46.02
N GLY B 258 38.66 7.79 -45.38
CA GLY B 258 38.64 7.77 -43.91
C GLY B 258 39.85 7.08 -43.30
N ILE B 259 40.31 6.00 -43.94
CA ILE B 259 41.45 5.25 -43.42
C ILE B 259 42.76 6.01 -43.52
N GLY B 260 42.77 7.17 -44.19
CA GLY B 260 44.01 7.90 -44.33
C GLY B 260 44.60 8.25 -42.98
N LYS B 261 43.77 8.83 -42.09
CA LYS B 261 44.23 9.28 -40.78
C LYS B 261 44.90 8.19 -39.97
N PHE B 262 44.46 6.94 -40.16
CA PHE B 262 45.00 5.80 -39.44
C PHE B 262 46.16 5.16 -40.17
N LEU B 263 46.10 5.07 -41.51
CA LEU B 263 47.07 4.26 -42.25
C LEU B 263 48.43 4.93 -42.29
N THR B 264 48.49 6.20 -42.71
CA THR B 264 49.67 7.07 -42.56
C THR B 264 51.05 6.44 -42.90
N ALA B 265 51.91 6.15 -41.89
CA ALA B 265 53.28 5.70 -42.18
C ALA B 265 53.38 4.19 -42.25
N PRO B 266 54.47 3.66 -42.82
CA PRO B 266 54.61 2.19 -42.98
C PRO B 266 54.63 1.34 -41.71
N ASN B 267 55.42 1.69 -40.69
CA ASN B 267 55.43 0.90 -39.43
C ASN B 267 55.57 -0.62 -39.64
N PRO B 268 56.70 -1.12 -40.17
CA PRO B 268 56.81 -2.58 -40.31
C PRO B 268 56.88 -3.29 -38.98
N GLU B 269 57.36 -2.60 -37.94
CA GLU B 269 57.62 -3.21 -36.64
C GLU B 269 56.35 -3.72 -35.98
N LEU B 270 55.31 -2.89 -35.92
CA LEU B 270 54.06 -3.33 -35.31
C LEU B 270 53.49 -4.51 -36.07
N ALA B 271 53.43 -4.38 -37.39
CA ALA B 271 52.94 -5.49 -38.21
C ALA B 271 53.59 -6.80 -37.80
N SER B 272 54.91 -6.81 -37.67
CA SER B 272 55.60 -8.01 -37.24
C SER B 272 55.13 -8.47 -35.87
N LEU B 273 54.76 -7.54 -34.98
CA LEU B 273 54.25 -7.91 -33.66
C LEU B 273 52.88 -8.57 -33.73
N ILE B 274 51.97 -8.05 -34.57
CA ILE B 274 50.69 -8.71 -34.79
C ILE B 274 50.90 -10.07 -35.46
N GLU B 275 51.78 -10.12 -36.48
CA GLU B 275 52.06 -11.38 -37.16
C GLU B 275 52.50 -12.44 -36.16
N GLN B 276 53.28 -12.03 -35.15
CA GLN B 276 53.74 -12.98 -34.14
C GLN B 276 52.56 -13.55 -33.35
N GLU B 277 51.62 -12.70 -32.94
CA GLU B 277 50.46 -13.21 -32.18
C GLU B 277 49.54 -14.07 -33.05
N CYS B 278 49.40 -13.73 -34.33
CA CYS B 278 48.50 -14.45 -35.23
C CYS B 278 49.13 -15.70 -35.86
N SER B 279 50.47 -15.75 -35.93
CA SER B 279 51.18 -16.89 -36.50
C SER B 279 51.24 -18.11 -35.57
N LYS B 280 50.77 -18.01 -34.32
CA LYS B 280 50.94 -19.10 -33.36
C LYS B 280 50.00 -20.28 -33.63
N THR B 281 50.22 -21.32 -32.82
CA THR B 281 49.57 -22.62 -32.97
C THR B 281 48.10 -22.58 -32.54
N SER B 282 47.79 -21.84 -31.48
CA SER B 282 46.47 -21.80 -30.90
C SER B 282 45.88 -20.40 -31.06
N TRP B 283 44.54 -20.32 -31.13
CA TRP B 283 43.88 -19.03 -31.02
C TRP B 283 43.41 -18.71 -29.62
N GLU B 284 44.00 -19.33 -28.59
CA GLU B 284 43.61 -18.97 -27.23
C GLU B 284 44.07 -17.56 -26.93
N ALA B 285 43.15 -16.73 -26.44
CA ALA B 285 43.42 -15.42 -25.83
C ALA B 285 43.92 -14.37 -26.82
N ILE B 286 43.80 -14.59 -28.14
CA ILE B 286 44.22 -13.56 -29.10
C ILE B 286 43.65 -12.20 -28.78
N LEU B 287 42.39 -12.16 -28.35
CA LEU B 287 41.78 -10.89 -28.02
C LEU B 287 42.59 -10.15 -26.95
N LYS B 288 43.06 -10.88 -25.94
CA LYS B 288 43.91 -10.32 -24.92
C LYS B 288 45.33 -10.07 -25.43
N ARG B 289 45.82 -10.90 -26.33
CA ARG B 289 47.17 -10.69 -26.83
C ARG B 289 47.23 -9.56 -27.85
N LEU B 290 46.14 -9.32 -28.56
CA LEU B 290 46.12 -8.33 -29.64
C LEU B 290 45.72 -6.94 -29.13
N TRP B 291 44.68 -6.87 -28.34
CA TRP B 291 44.33 -5.64 -27.64
C TRP B 291 44.51 -5.87 -26.14
N PRO B 292 45.72 -5.73 -25.62
CA PRO B 292 45.98 -6.24 -24.27
C PRO B 292 45.43 -5.36 -23.19
N LYS B 293 45.00 -4.15 -23.54
CA LYS B 293 44.46 -3.21 -22.57
C LYS B 293 42.92 -3.24 -22.55
N ALA B 294 42.31 -4.09 -23.36
CA ALA B 294 40.87 -4.25 -23.26
C ALA B 294 40.50 -4.95 -21.96
N LYS B 295 39.38 -4.53 -21.39
CA LYS B 295 38.96 -4.98 -20.08
C LYS B 295 37.69 -5.83 -20.12
N CYS B 296 36.98 -5.84 -21.23
CA CYS B 296 35.79 -6.69 -21.27
C CYS B 296 35.32 -6.81 -22.72
N ILE B 297 34.50 -7.84 -22.95
CA ILE B 297 33.86 -8.12 -24.22
C ILE B 297 32.37 -7.86 -24.07
N GLU B 298 31.84 -6.89 -24.82
CA GLU B 298 30.40 -6.65 -24.86
C GLU B 298 29.75 -7.28 -26.07
N SER B 299 29.00 -8.35 -25.81
CA SER B 299 28.04 -8.85 -26.77
C SER B 299 26.96 -9.55 -25.99
N ILE B 300 25.85 -9.80 -26.64
CA ILE B 300 24.74 -10.46 -25.99
C ILE B 300 25.07 -11.94 -25.99
N ILE B 301 24.95 -12.55 -24.82
CA ILE B 301 25.32 -13.94 -24.66
C ILE B 301 24.20 -14.67 -23.95
N THR B 302 23.01 -14.09 -23.96
CA THR B 302 21.85 -14.74 -23.35
C THR B 302 21.04 -15.44 -24.44
N GLY B 303 20.09 -16.26 -24.01
CA GLY B 303 19.18 -16.82 -24.98
C GLY B 303 19.91 -17.70 -25.96
N THR B 304 19.59 -17.57 -27.26
CA THR B 304 20.32 -18.36 -28.27
C THR B 304 21.81 -18.08 -28.18
N MET B 305 22.17 -16.84 -27.86
CA MET B 305 23.56 -16.44 -27.89
C MET B 305 24.41 -17.11 -26.84
N ALA B 306 23.81 -17.89 -25.94
CA ALA B 306 24.59 -18.62 -24.95
C ALA B 306 25.37 -19.75 -25.59
N GLN B 307 24.99 -20.14 -26.81
CA GLN B 307 25.73 -21.16 -27.55
C GLN B 307 27.15 -20.73 -27.85
N TYR B 308 27.40 -19.44 -27.95
CA TYR B 308 28.71 -18.96 -28.37
C TYR B 308 29.64 -18.65 -27.17
N ILE B 309 29.24 -19.00 -25.95
CA ILE B 309 30.03 -18.66 -24.78
C ILE B 309 31.32 -19.51 -24.71
N PRO B 310 31.30 -20.85 -24.89
CA PRO B 310 32.58 -21.58 -24.89
C PRO B 310 33.59 -21.01 -25.88
N LEU B 311 33.16 -20.67 -27.10
CA LEU B 311 34.10 -20.18 -28.09
C LEU B 311 34.69 -18.83 -27.72
N LEU B 312 33.87 -17.89 -27.20
CA LEU B 312 34.35 -16.56 -26.80
C LEU B 312 35.22 -16.63 -25.55
N GLU B 313 34.91 -17.53 -24.62
CA GLU B 313 35.78 -17.76 -23.47
C GLU B 313 37.15 -18.25 -23.92
N PHE B 314 37.18 -19.05 -24.98
CA PHE B 314 38.43 -19.53 -25.51
C PHE B 314 39.25 -18.39 -26.09
N TYR B 315 38.60 -17.50 -26.83
CA TYR B 315 39.21 -16.33 -27.47
C TYR B 315 39.49 -15.17 -26.53
N SER B 316 38.85 -15.13 -25.36
CA SER B 316 38.96 -13.99 -24.47
C SER B 316 40.32 -13.98 -23.78
N GLY B 317 40.69 -15.09 -23.14
CA GLY B 317 41.77 -15.06 -22.16
C GLY B 317 41.20 -14.58 -20.84
N GLY B 318 41.73 -13.46 -20.34
CA GLY B 318 41.22 -12.93 -19.08
C GLY B 318 39.80 -12.40 -19.16
N LEU B 319 39.43 -11.78 -20.28
CA LEU B 319 38.39 -10.75 -20.27
C LEU B 319 36.99 -11.30 -19.97
N PRO B 320 36.22 -10.57 -19.19
CA PRO B 320 34.83 -10.98 -18.93
C PRO B 320 33.88 -10.69 -20.09
N LEU B 321 32.80 -11.48 -20.14
CA LEU B 321 31.72 -11.31 -21.10
C LEU B 321 30.56 -10.60 -20.44
N THR B 322 30.25 -9.41 -20.92
CA THR B 322 29.19 -8.59 -20.37
C THR B 322 28.07 -8.41 -21.41
N SER B 323 26.86 -8.81 -21.05
CA SER B 323 25.66 -8.48 -21.81
C SER B 323 24.92 -7.36 -21.11
N SER B 324 24.59 -6.31 -21.84
CA SER B 324 24.02 -5.11 -21.24
C SER B 324 22.57 -4.84 -21.56
N PHE B 325 22.12 -5.11 -22.78
CA PHE B 325 20.79 -4.64 -23.18
C PHE B 325 19.89 -5.75 -23.66
N TYR B 326 18.61 -5.66 -23.31
CA TYR B 326 17.52 -6.44 -23.87
C TYR B 326 16.64 -5.49 -24.67
N GLY B 327 16.46 -5.78 -25.94
CA GLY B 327 15.83 -4.84 -26.83
C GLY B 327 15.26 -5.57 -28.01
N SER B 328 14.59 -4.78 -28.84
CA SER B 328 13.82 -5.27 -29.98
C SER B 328 13.35 -4.06 -30.78
N SER B 329 12.98 -4.30 -32.03
CA SER B 329 12.49 -3.20 -32.86
C SER B 329 11.35 -2.49 -32.16
N GLU B 330 10.47 -3.25 -31.51
CA GLU B 330 9.28 -2.65 -30.91
C GLU B 330 9.63 -1.87 -29.66
N CYS B 331 10.55 -2.39 -28.84
CA CYS B 331 10.80 -1.78 -27.54
C CYS B 331 12.22 -2.04 -27.04
N PHE B 332 12.80 -1.01 -26.39
CA PHE B 332 14.05 -1.10 -25.66
C PHE B 332 13.71 -1.33 -24.19
N MET B 333 13.96 -2.55 -23.71
CA MET B 333 13.18 -3.05 -22.60
C MET B 333 13.95 -3.17 -21.28
N GLY B 334 15.14 -3.74 -21.29
CA GLY B 334 15.83 -4.04 -20.05
C GLY B 334 17.32 -3.79 -20.17
N VAL B 335 17.94 -3.49 -19.03
CA VAL B 335 19.40 -3.37 -18.97
C VAL B 335 19.90 -4.23 -17.82
N ASN B 336 21.15 -4.62 -17.94
CA ASN B 336 21.84 -5.45 -16.95
C ASN B 336 22.59 -4.52 -16.03
N PHE B 337 22.13 -4.44 -14.78
CA PHE B 337 22.81 -3.65 -13.76
C PHE B 337 23.94 -4.41 -13.08
N ASN B 338 24.20 -5.65 -13.48
CA ASN B 338 25.25 -6.48 -12.89
C ASN B 338 26.21 -6.93 -13.99
N PRO B 339 26.88 -5.99 -14.66
CA PRO B 339 27.60 -6.36 -15.89
C PRO B 339 28.60 -7.48 -15.70
N LEU B 340 29.28 -7.51 -14.56
CA LEU B 340 30.37 -8.46 -14.33
C LEU B 340 29.87 -9.63 -13.49
N CYS B 341 29.10 -10.46 -14.15
CA CYS B 341 28.61 -11.67 -13.54
C CYS B 341 28.86 -12.84 -14.48
N LYS B 342 28.63 -14.02 -13.92
CA LYS B 342 28.60 -15.25 -14.69
C LYS B 342 27.67 -15.06 -15.88
N PRO B 343 28.12 -15.34 -17.07
CA PRO B 343 27.19 -15.34 -18.22
C PRO B 343 25.91 -16.14 -18.01
N SER B 344 25.92 -17.10 -17.06
CA SER B 344 24.76 -17.93 -16.78
C SER B 344 23.76 -17.23 -15.89
N ASP B 345 24.16 -16.11 -15.30
CA ASP B 345 23.44 -15.40 -14.24
C ASP B 345 22.79 -14.11 -14.72
N VAL B 346 22.83 -13.79 -16.01
CA VAL B 346 22.45 -12.46 -16.48
C VAL B 346 20.96 -12.26 -16.33
N SER B 347 20.57 -11.15 -15.71
CA SER B 347 19.17 -10.73 -15.61
C SER B 347 19.01 -9.28 -16.05
N TYR B 348 18.07 -9.03 -16.95
CA TYR B 348 17.82 -7.70 -17.47
C TYR B 348 16.70 -7.05 -16.69
N THR B 349 16.90 -5.80 -16.28
CA THR B 349 15.94 -5.06 -15.47
C THR B 349 15.12 -4.17 -16.39
N ILE B 350 13.80 -4.19 -16.22
CA ILE B 350 12.95 -3.46 -17.16
C ILE B 350 12.97 -1.97 -16.84
N ILE B 351 13.08 -1.16 -17.88
CA ILE B 351 13.25 0.29 -17.74
C ILE B 351 11.86 0.92 -17.79
N PRO B 352 11.39 1.56 -16.71
CA PRO B 352 9.97 1.90 -16.61
C PRO B 352 9.55 3.05 -17.48
N CYS B 353 10.49 3.81 -18.05
CA CYS B 353 10.17 4.95 -18.90
C CYS B 353 10.10 4.59 -20.37
N MET B 354 10.47 3.38 -20.74
CA MET B 354 10.48 2.99 -22.14
C MET B 354 9.10 2.64 -22.68
N GLY B 355 8.14 2.38 -21.81
CA GLY B 355 6.80 2.06 -22.26
C GLY B 355 6.02 1.51 -21.09
N TYR B 356 4.77 1.18 -21.35
CA TYR B 356 3.96 0.52 -20.35
C TYR B 356 4.05 -0.98 -20.52
N PHE B 357 4.41 -1.68 -19.45
CA PHE B 357 4.73 -3.10 -19.51
C PHE B 357 3.70 -3.95 -18.78
N GLU B 358 3.22 -4.97 -19.47
CA GLU B 358 2.34 -5.99 -18.92
C GLU B 358 2.95 -7.35 -19.24
N PHE B 359 2.61 -8.35 -18.44
CA PHE B 359 3.20 -9.68 -18.60
C PHE B 359 2.12 -10.74 -18.65
N LEU B 360 2.23 -11.60 -19.64
CA LEU B 360 1.38 -12.76 -19.85
C LEU B 360 2.21 -14.01 -19.56
N GLU B 361 1.64 -15.03 -18.93
CA GLU B 361 2.54 -16.08 -18.44
C GLU B 361 2.32 -17.45 -19.08
N VAL B 362 3.41 -18.23 -19.12
CA VAL B 362 3.48 -19.69 -19.36
C VAL B 362 2.15 -20.44 -19.41
N VAL B 379 -3.12 -10.96 -17.81
CA VAL B 379 -1.89 -10.13 -17.84
C VAL B 379 -1.67 -9.32 -16.54
N VAL B 380 -0.39 -9.14 -16.23
CA VAL B 380 0.09 -8.61 -14.97
C VAL B 380 0.81 -7.28 -15.25
N ASP B 381 0.60 -6.29 -14.39
CA ASP B 381 1.42 -5.08 -14.46
C ASP B 381 2.85 -5.38 -14.03
N LEU B 382 3.76 -4.48 -14.41
CA LEU B 382 5.19 -4.72 -14.21
C LEU B 382 5.49 -5.06 -12.77
N VAL B 383 4.84 -4.34 -11.84
CA VAL B 383 5.08 -4.44 -10.40
C VAL B 383 4.64 -5.76 -9.80
N ASP B 384 3.70 -6.46 -10.44
CA ASP B 384 3.08 -7.63 -9.83
C ASP B 384 3.66 -8.93 -10.35
N VAL B 385 4.90 -8.93 -10.87
CA VAL B 385 5.51 -10.16 -11.37
C VAL B 385 5.94 -11.05 -10.20
N LYS B 386 5.74 -12.37 -10.36
CA LYS B 386 6.09 -13.37 -9.38
C LYS B 386 7.43 -14.00 -9.74
N ILE B 387 8.34 -14.06 -8.77
CA ILE B 387 9.64 -14.66 -8.99
C ILE B 387 9.45 -16.13 -9.31
N GLY B 388 10.25 -16.62 -10.27
CA GLY B 388 10.18 -17.99 -10.72
C GLY B 388 9.05 -18.27 -11.66
N HIS B 389 8.28 -17.27 -12.04
CA HIS B 389 7.24 -17.45 -13.04
C HIS B 389 7.71 -16.98 -14.41
N ASP B 390 7.29 -17.71 -15.44
CA ASP B 390 7.62 -17.35 -16.81
C ASP B 390 6.54 -16.43 -17.35
N TYR B 391 6.97 -15.25 -17.81
CA TYR B 391 6.12 -14.25 -18.44
C TYR B 391 6.62 -13.96 -19.86
N GLU B 392 5.73 -13.42 -20.69
CA GLU B 392 6.09 -13.04 -22.05
C GLU B 392 5.69 -11.59 -22.21
N PRO B 393 6.63 -10.67 -22.43
CA PRO B 393 6.33 -9.24 -22.32
C PRO B 393 5.26 -8.77 -23.31
N VAL B 394 4.30 -8.03 -22.78
CA VAL B 394 3.23 -7.38 -23.52
C VAL B 394 3.45 -5.89 -23.36
N VAL B 395 3.68 -5.18 -24.44
CA VAL B 395 4.15 -3.81 -24.32
C VAL B 395 3.28 -2.85 -25.10
N THR B 396 3.18 -1.64 -24.56
CA THR B 396 2.50 -0.52 -25.18
C THR B 396 3.51 0.61 -25.32
N THR B 397 3.69 1.11 -26.53
CA THR B 397 4.83 1.96 -26.82
C THR B 397 4.42 3.37 -27.25
N PHE B 398 5.41 4.18 -27.43
CA PHE B 398 5.27 5.49 -28.00
C PHE B 398 5.30 5.49 -29.52
N SER B 399 5.40 4.32 -30.15
CA SER B 399 5.42 4.23 -31.61
C SER B 399 4.21 3.49 -32.20
N GLY B 400 3.04 3.62 -31.58
CA GLY B 400 1.85 3.04 -32.15
C GLY B 400 1.61 1.57 -31.92
N LEU B 401 2.20 0.97 -30.90
CA LEU B 401 1.86 -0.39 -30.49
C LEU B 401 1.17 -0.33 -29.13
N TYR B 402 0.05 -1.02 -29.01
CA TYR B 402 -0.74 -1.01 -27.81
C TYR B 402 -0.96 -2.44 -27.39
N ARG B 403 -0.41 -2.78 -26.21
CA ARG B 403 -0.52 -4.13 -25.66
C ARG B 403 -0.01 -5.17 -26.64
N TYR B 404 1.21 -5.00 -27.11
CA TYR B 404 1.75 -5.83 -28.17
C TYR B 404 2.65 -6.92 -27.61
N ARG B 405 2.35 -8.18 -27.96
CA ARG B 405 3.14 -9.31 -27.49
C ARG B 405 4.46 -9.37 -28.23
N VAL B 406 5.55 -9.50 -27.49
CA VAL B 406 6.89 -9.40 -28.07
C VAL B 406 7.32 -10.74 -28.65
N GLY B 407 6.94 -11.83 -28.03
CA GLY B 407 7.39 -13.11 -28.51
C GLY B 407 8.57 -13.72 -27.77
N ASP B 408 9.19 -13.01 -26.82
CA ASP B 408 10.18 -13.64 -25.95
C ASP B 408 9.52 -14.11 -24.66
N VAL B 409 10.13 -15.09 -24.01
CA VAL B 409 9.68 -15.58 -22.72
C VAL B 409 10.70 -15.21 -21.67
N LEU B 410 10.24 -14.63 -20.57
CA LEU B 410 11.09 -14.19 -19.48
C LEU B 410 10.69 -14.88 -18.18
N ARG B 411 11.65 -15.05 -17.27
CA ARG B 411 11.42 -15.59 -15.93
C ARG B 411 11.86 -14.51 -14.97
N ALA B 412 10.96 -14.09 -14.09
CA ALA B 412 11.31 -13.11 -13.08
C ALA B 412 12.30 -13.73 -12.10
N THR B 413 13.46 -13.11 -11.96
CA THR B 413 14.52 -13.61 -11.11
C THR B 413 14.79 -12.75 -9.89
N GLY B 414 14.01 -11.70 -9.65
CA GLY B 414 14.20 -10.88 -8.48
C GLY B 414 14.05 -9.42 -8.81
N PHE B 415 14.54 -8.57 -7.90
CA PHE B 415 14.32 -7.13 -8.02
C PHE B 415 15.64 -6.39 -7.94
N TYR B 416 15.68 -5.25 -8.62
CA TYR B 416 16.76 -4.27 -8.48
C TYR B 416 16.11 -2.97 -8.05
N ASN B 417 16.34 -2.57 -6.79
CA ASN B 417 15.48 -1.62 -6.09
C ASN B 417 14.05 -2.14 -6.21
N ASN B 418 13.15 -1.40 -6.84
CA ASN B 418 11.79 -1.89 -7.01
C ASN B 418 11.50 -2.33 -8.42
N ALA B 419 12.52 -2.35 -9.28
CA ALA B 419 12.36 -2.67 -10.69
C ALA B 419 12.71 -4.13 -10.87
N PRO B 420 11.75 -4.99 -11.25
CA PRO B 420 12.08 -6.41 -11.40
C PRO B 420 12.96 -6.63 -12.60
N HIS B 421 13.80 -7.67 -12.49
CA HIS B 421 14.68 -8.10 -13.56
C HIS B 421 14.41 -9.55 -13.90
N PHE B 422 14.52 -9.89 -15.18
CA PHE B 422 14.25 -11.24 -15.65
C PHE B 422 15.47 -11.83 -16.36
N CYS B 423 15.51 -13.15 -16.39
CA CYS B 423 16.46 -13.81 -17.26
C CYS B 423 15.75 -14.26 -18.54
N PHE B 424 16.46 -14.21 -19.66
CA PHE B 424 15.94 -14.60 -20.95
C PHE B 424 15.91 -16.12 -21.09
N VAL B 425 14.73 -16.69 -21.30
CA VAL B 425 14.58 -18.13 -21.48
C VAL B 425 14.72 -18.48 -22.94
N GLY B 426 13.79 -18.03 -23.76
CA GLY B 426 13.70 -18.53 -25.14
C GLY B 426 12.77 -17.70 -25.98
N ARG B 427 12.60 -18.12 -27.24
CA ARG B 427 11.94 -17.26 -28.21
C ARG B 427 10.45 -17.55 -28.32
N GLN B 428 9.93 -18.52 -27.58
CA GLN B 428 8.47 -18.73 -27.41
C GLN B 428 7.70 -19.37 -28.58
N LYS B 429 8.31 -19.74 -29.71
CA LYS B 429 7.59 -20.59 -30.64
C LYS B 429 8.30 -21.95 -30.77
N VAL B 430 7.49 -23.01 -30.93
CA VAL B 430 7.97 -24.36 -31.19
C VAL B 430 9.09 -24.32 -32.20
N VAL B 431 10.16 -25.05 -31.95
CA VAL B 431 11.28 -25.14 -32.87
C VAL B 431 11.19 -26.46 -33.63
N LEU B 432 10.67 -27.51 -32.97
CA LEU B 432 10.53 -28.84 -33.58
C LEU B 432 9.27 -29.55 -33.10
N SER B 433 8.54 -30.15 -34.05
CA SER B 433 7.37 -30.97 -33.75
C SER B 433 7.12 -32.01 -34.85
N ILE B 434 7.02 -33.28 -34.44
CA ILE B 434 6.57 -34.29 -35.39
C ILE B 434 5.06 -34.47 -35.35
N ASP B 435 4.50 -34.43 -34.15
CA ASP B 435 3.09 -34.69 -33.96
C ASP B 435 2.68 -33.96 -32.69
N MET B 436 2.34 -34.70 -31.64
CA MET B 436 2.00 -34.11 -30.36
C MET B 436 3.22 -33.64 -29.57
N ASP B 437 4.44 -33.98 -30.00
CA ASP B 437 5.63 -33.46 -29.34
C ASP B 437 5.85 -32.01 -29.73
N LYS B 438 6.11 -31.16 -28.75
CA LYS B 438 6.38 -29.75 -29.04
C LYS B 438 7.65 -29.39 -28.30
N THR B 439 8.74 -29.22 -29.05
CA THR B 439 10.03 -28.89 -28.47
C THR B 439 10.32 -27.42 -28.70
N TYR B 440 10.67 -26.71 -27.62
CA TYR B 440 10.89 -25.28 -27.68
C TYR B 440 12.39 -24.97 -27.80
N GLU B 441 12.66 -23.75 -28.24
CA GLU B 441 14.04 -23.35 -28.47
C GLU B 441 14.91 -23.51 -27.21
N ASP B 442 14.40 -23.16 -26.02
CA ASP B 442 15.20 -23.31 -24.81
C ASP B 442 15.52 -24.79 -24.58
N ASP B 443 14.51 -25.65 -24.71
CA ASP B 443 14.72 -27.09 -24.56
C ASP B 443 15.79 -27.56 -25.50
N LEU B 444 15.68 -27.19 -26.78
CA LEU B 444 16.65 -27.62 -27.76
C LEU B 444 18.02 -27.09 -27.45
N LEU B 445 18.14 -25.84 -27.02
CA LEU B 445 19.46 -25.33 -26.67
C LEU B 445 20.05 -26.10 -25.48
N LYS B 446 19.21 -26.40 -24.49
CA LYS B 446 19.70 -27.16 -23.35
C LYS B 446 20.21 -28.53 -23.78
N ALA B 447 19.49 -29.19 -24.70
CA ALA B 447 19.83 -30.57 -25.06
C ALA B 447 21.11 -30.61 -25.87
N VAL B 448 21.30 -29.61 -26.72
CA VAL B 448 22.55 -29.50 -27.46
C VAL B 448 23.69 -29.18 -26.51
N THR B 449 23.46 -28.34 -25.50
CA THR B 449 24.53 -27.96 -24.59
C THR B 449 24.98 -29.14 -23.72
N ASN B 450 24.04 -29.95 -23.26
CA ASN B 450 24.45 -31.18 -22.59
C ASN B 450 25.26 -32.08 -23.52
N ALA B 451 24.94 -32.07 -24.80
CA ALA B 451 25.59 -33.00 -25.70
C ALA B 451 26.99 -32.51 -26.06
N LYS B 452 27.13 -31.23 -26.38
CA LYS B 452 28.42 -30.75 -26.85
C LYS B 452 29.51 -30.88 -25.80
N LEU B 453 29.14 -31.20 -24.55
CA LEU B 453 30.14 -31.46 -23.53
C LEU B 453 30.94 -32.74 -23.81
N LEU B 454 30.31 -33.75 -24.38
CA LEU B 454 31.04 -34.96 -24.73
C LEU B 454 32.05 -34.74 -25.83
N LEU B 455 32.00 -33.59 -26.50
CA LEU B 455 32.97 -33.28 -27.54
C LEU B 455 34.35 -32.97 -26.97
N GLU B 456 34.40 -32.30 -25.82
CA GLU B 456 35.64 -31.65 -25.39
C GLU B 456 36.84 -32.56 -25.17
N PRO B 457 36.72 -33.82 -24.73
CA PRO B 457 37.92 -34.66 -24.57
C PRO B 457 38.67 -34.96 -25.87
N HIS B 458 38.15 -34.59 -27.05
CA HIS B 458 38.55 -35.25 -28.27
C HIS B 458 39.29 -34.48 -29.37
N ASP B 459 39.64 -33.18 -29.22
CA ASP B 459 39.09 -32.13 -28.39
C ASP B 459 38.47 -31.13 -29.35
N LEU B 460 37.24 -31.43 -29.72
CA LEU B 460 36.51 -30.58 -30.63
C LEU B 460 35.42 -29.83 -29.87
N MET B 461 34.85 -28.83 -30.54
CA MET B 461 33.79 -28.06 -29.94
C MET B 461 32.74 -27.74 -31.00
N LEU B 462 31.50 -27.67 -30.55
CA LEU B 462 30.39 -27.40 -31.43
C LEU B 462 30.40 -25.92 -31.73
N MET B 463 30.54 -25.56 -33.02
CA MET B 463 30.65 -24.18 -33.45
C MET B 463 29.30 -23.50 -33.55
N ASP B 464 28.34 -24.10 -34.27
CA ASP B 464 26.96 -23.64 -34.29
C ASP B 464 26.05 -24.80 -34.70
N PHE B 465 24.73 -24.61 -34.57
CA PHE B 465 23.79 -25.70 -34.85
C PHE B 465 22.44 -25.17 -35.34
N THR B 466 21.71 -26.03 -36.06
CA THR B 466 20.31 -25.79 -36.40
C THR B 466 19.59 -27.13 -36.51
N SER B 467 18.31 -27.10 -36.87
CA SER B 467 17.57 -28.35 -36.90
C SER B 467 16.45 -28.27 -37.92
N ARG B 468 15.89 -29.44 -38.27
CA ARG B 468 14.63 -29.51 -39.01
C ARG B 468 14.02 -30.86 -38.68
N VAL B 469 12.79 -31.08 -39.12
CA VAL B 469 12.10 -32.35 -38.94
C VAL B 469 12.04 -33.09 -40.26
N ASP B 470 12.49 -34.34 -40.29
CA ASP B 470 12.46 -35.11 -41.52
C ASP B 470 11.25 -36.01 -41.46
N SER B 471 10.20 -35.64 -42.19
CA SER B 471 8.97 -36.40 -42.17
C SER B 471 8.80 -37.33 -43.36
N SER B 472 9.79 -37.37 -44.26
CA SER B 472 9.71 -38.25 -45.42
C SER B 472 9.48 -39.68 -44.99
N SER B 473 10.37 -40.20 -44.15
CA SER B 473 10.38 -41.58 -43.70
C SER B 473 9.27 -41.83 -42.68
N PHE B 474 9.09 -43.11 -42.34
CA PHE B 474 8.17 -43.52 -41.29
C PHE B 474 8.94 -44.32 -40.25
N PRO B 475 9.01 -43.85 -38.98
CA PRO B 475 8.41 -42.58 -38.55
C PRO B 475 9.36 -41.36 -38.71
N GLY B 476 8.77 -40.17 -38.64
CA GLY B 476 9.58 -38.98 -38.71
C GLY B 476 10.51 -38.90 -37.54
N HIS B 477 11.62 -38.17 -37.73
CA HIS B 477 12.60 -37.97 -36.67
C HIS B 477 13.11 -36.52 -36.72
N TYR B 478 13.78 -36.11 -35.65
CA TYR B 478 14.43 -34.82 -35.66
C TYR B 478 15.81 -34.95 -36.28
N VAL B 479 16.23 -33.89 -36.97
CA VAL B 479 17.57 -33.78 -37.59
C VAL B 479 18.23 -32.51 -37.09
N ILE B 480 19.48 -32.63 -36.64
CA ILE B 480 20.23 -31.49 -36.14
C ILE B 480 21.53 -31.38 -36.91
N TYR B 481 21.84 -30.16 -37.35
CA TYR B 481 23.08 -29.88 -38.06
C TYR B 481 24.09 -29.32 -37.07
N TRP B 482 25.26 -29.97 -36.98
CA TRP B 482 26.38 -29.54 -36.15
C TRP B 482 27.56 -29.20 -37.04
N GLU B 483 28.14 -28.04 -36.81
CA GLU B 483 29.43 -27.68 -37.37
C GLU B 483 30.45 -27.79 -36.25
N LEU B 484 31.40 -28.70 -36.40
CA LEU B 484 32.46 -28.82 -35.41
C LEU B 484 33.69 -28.01 -35.81
N GLY B 485 34.47 -27.63 -34.80
CA GLY B 485 35.83 -27.17 -35.02
C GLY B 485 36.76 -27.82 -34.03
N SER B 486 38.06 -27.61 -34.21
CA SER B 486 39.08 -28.03 -33.26
C SER B 486 39.81 -26.82 -32.71
N LYS B 487 40.00 -26.79 -31.40
CA LYS B 487 40.78 -25.72 -30.79
C LYS B 487 42.26 -25.93 -31.07
N VAL B 488 42.58 -26.32 -32.31
CA VAL B 488 43.92 -26.63 -32.74
C VAL B 488 44.12 -26.15 -34.18
N LYS B 492 42.48 -30.59 -38.75
CA LYS B 492 41.90 -31.71 -39.52
C LYS B 492 41.47 -32.88 -38.62
N PHE B 493 40.26 -33.37 -38.87
CA PHE B 493 39.61 -34.25 -37.93
C PHE B 493 38.37 -34.87 -38.56
N GLU B 494 37.99 -36.04 -38.05
CA GLU B 494 36.66 -36.55 -38.22
C GLU B 494 36.14 -36.89 -36.83
N PRO B 495 34.89 -36.57 -36.53
CA PRO B 495 34.29 -37.08 -35.30
C PRO B 495 34.09 -38.59 -35.44
N ASN B 496 34.17 -39.29 -34.33
CA ASN B 496 34.16 -40.75 -34.33
C ASN B 496 32.78 -41.26 -33.94
N ARG B 497 32.26 -42.20 -34.73
CA ARG B 497 30.89 -42.71 -34.66
C ARG B 497 30.45 -42.95 -33.24
N ASP B 498 31.39 -43.38 -32.39
CA ASP B 498 31.06 -43.70 -31.00
C ASP B 498 30.76 -42.44 -30.22
N VAL B 499 31.66 -41.45 -30.29
CA VAL B 499 31.42 -40.17 -29.60
C VAL B 499 30.11 -39.58 -30.07
N MET B 500 29.94 -39.45 -31.40
CA MET B 500 28.77 -38.78 -31.97
C MET B 500 27.47 -39.50 -31.67
N GLU B 501 27.47 -40.83 -31.67
CA GLU B 501 26.23 -41.50 -31.37
C GLU B 501 25.82 -41.31 -29.91
N GLU B 502 26.79 -40.98 -29.03
CA GLU B 502 26.50 -40.64 -27.64
C GLU B 502 25.86 -39.26 -27.49
N CYS B 503 26.24 -38.31 -28.37
CA CYS B 503 25.62 -36.97 -28.34
C CYS B 503 24.16 -37.01 -28.77
N CYS B 504 23.83 -37.85 -29.76
CA CYS B 504 22.45 -38.05 -30.16
C CYS B 504 21.57 -38.50 -29.00
N PHE B 505 22.00 -39.55 -28.30
CA PHE B 505 21.22 -40.00 -27.15
C PHE B 505 21.06 -38.89 -26.12
N THR B 506 22.17 -38.25 -25.76
CA THR B 506 22.14 -37.18 -24.76
C THR B 506 21.17 -36.07 -25.12
N VAL B 507 21.05 -35.73 -26.41
CA VAL B 507 20.01 -34.78 -26.83
C VAL B 507 18.63 -35.34 -26.54
N GLU B 508 18.43 -36.61 -26.89
CA GLU B 508 17.12 -37.20 -26.71
C GLU B 508 16.77 -37.31 -25.23
N GLU B 509 17.77 -37.57 -24.37
CA GLU B 509 17.51 -37.76 -22.94
C GLU B 509 17.17 -36.45 -22.26
N SER B 510 17.56 -35.30 -22.86
CA SER B 510 17.21 -33.98 -22.36
C SER B 510 15.89 -33.45 -22.89
N LEU B 511 15.33 -34.06 -23.91
CA LEU B 511 14.06 -33.58 -24.43
C LEU B 511 12.92 -34.05 -23.53
N ASP B 512 11.72 -33.55 -23.83
CA ASP B 512 10.60 -33.65 -22.89
C ASP B 512 10.06 -35.07 -22.85
N ALA B 513 9.19 -35.31 -21.87
CA ALA B 513 8.58 -36.62 -21.71
C ALA B 513 7.78 -37.05 -22.94
N VAL B 514 7.04 -36.12 -23.56
CA VAL B 514 6.21 -36.49 -24.70
C VAL B 514 7.07 -37.07 -25.82
N TYR B 515 8.12 -36.33 -26.20
CA TYR B 515 9.08 -36.82 -27.18
C TYR B 515 9.58 -38.21 -26.83
N ARG B 516 9.94 -38.40 -25.57
CA ARG B 516 10.60 -39.63 -25.16
C ARG B 516 9.62 -40.82 -25.10
N LYS B 517 8.40 -40.61 -24.60
CA LYS B 517 7.40 -41.67 -24.66
C LYS B 517 7.09 -42.03 -26.11
N GLY B 518 7.19 -41.04 -27.00
CA GLY B 518 7.02 -41.31 -28.43
C GLY B 518 8.10 -42.19 -29.00
N ARG B 519 9.31 -42.10 -28.46
CA ARG B 519 10.38 -42.99 -28.86
C ARG B 519 10.28 -44.34 -28.19
N LYS B 520 10.01 -44.34 -26.89
CA LYS B 520 10.03 -45.56 -26.10
C LYS B 520 8.75 -46.36 -26.25
N ASN B 521 7.58 -45.71 -26.26
CA ASN B 521 6.29 -46.39 -26.17
C ASN B 521 5.52 -46.37 -27.48
N ASP B 522 5.01 -45.21 -27.89
CA ASP B 522 4.19 -45.14 -29.10
C ASP B 522 4.97 -45.55 -30.34
N LYS B 523 6.29 -45.36 -30.33
CA LYS B 523 7.15 -45.74 -31.46
C LYS B 523 6.77 -44.97 -32.73
N ASN B 524 6.36 -43.73 -32.59
CA ASN B 524 6.10 -42.92 -33.78
C ASN B 524 7.07 -41.78 -33.91
N ILE B 525 8.17 -41.81 -33.15
CA ILE B 525 9.32 -40.97 -33.38
C ILE B 525 10.51 -41.87 -33.68
N GLY B 526 11.19 -41.62 -34.78
CA GLY B 526 12.38 -42.36 -35.14
C GLY B 526 13.59 -41.84 -34.37
N PRO B 527 14.63 -42.66 -34.32
CA PRO B 527 15.88 -42.22 -33.69
C PRO B 527 16.38 -40.89 -34.24
N LEU B 528 16.81 -40.02 -33.32
CA LEU B 528 17.27 -38.68 -33.66
C LEU B 528 18.61 -38.73 -34.39
N GLU B 529 18.82 -37.77 -35.29
CA GLU B 529 19.92 -37.77 -36.25
C GLU B 529 20.70 -36.45 -36.14
N ILE B 530 22.01 -36.56 -35.92
CA ILE B 530 22.93 -35.43 -36.06
C ILE B 530 23.63 -35.51 -37.41
N LYS B 531 23.69 -34.39 -38.14
CA LYS B 531 24.46 -34.35 -39.37
C LYS B 531 25.58 -33.35 -39.21
N VAL B 532 26.79 -33.77 -39.38
CA VAL B 532 27.95 -32.91 -39.19
C VAL B 532 28.24 -32.20 -40.51
N VAL B 533 28.44 -30.89 -40.46
CA VAL B 533 28.62 -30.07 -41.65
C VAL B 533 30.05 -29.56 -41.68
N LYS B 534 30.53 -29.26 -42.89
CA LYS B 534 31.92 -28.79 -43.05
C LYS B 534 32.13 -27.41 -42.42
N PRO B 535 33.36 -27.11 -42.05
CA PRO B 535 33.63 -25.78 -41.49
C PRO B 535 33.27 -24.68 -42.48
N GLY B 536 32.78 -23.57 -41.93
CA GLY B 536 32.24 -22.48 -42.72
C GLY B 536 30.83 -22.67 -43.23
N ALA B 537 30.17 -23.78 -42.89
CA ALA B 537 28.88 -24.08 -43.48
C ALA B 537 27.82 -23.10 -43.04
N PHE B 538 27.87 -22.67 -41.78
CA PHE B 538 26.88 -21.74 -41.26
C PHE B 538 27.14 -20.31 -41.67
N ASP B 539 28.36 -19.95 -42.11
CA ASP B 539 28.54 -18.69 -42.84
C ASP B 539 27.84 -18.74 -44.20
N GLU B 540 27.97 -19.86 -44.91
CA GLU B 540 27.27 -20.02 -46.18
C GLU B 540 25.78 -19.84 -45.99
N LEU B 541 25.22 -20.53 -45.00
CA LEU B 541 23.83 -20.30 -44.61
C LEU B 541 23.57 -18.80 -44.30
N MET B 542 24.49 -18.16 -43.59
CA MET B 542 24.23 -16.78 -43.16
C MET B 542 24.14 -15.83 -44.36
N ASN B 543 25.09 -15.97 -45.31
CA ASN B 543 25.05 -15.14 -46.51
C ASN B 543 23.77 -15.38 -47.26
N PHE B 544 23.31 -16.62 -47.28
CA PHE B 544 22.03 -16.89 -47.89
C PHE B 544 20.92 -15.95 -47.43
N PHE B 545 20.79 -15.79 -46.11
CA PHE B 545 19.77 -14.89 -45.56
C PHE B 545 20.12 -13.40 -45.72
N LEU B 546 21.42 -13.04 -45.66
CA LEU B 546 21.81 -11.68 -46.03
C LEU B 546 21.42 -11.36 -47.46
N SER B 547 21.59 -12.34 -48.36
CA SER B 547 21.14 -12.19 -49.74
C SER B 547 19.65 -11.93 -49.84
N ARG B 548 18.88 -12.17 -48.78
CA ARG B 548 17.44 -11.91 -48.78
C ARG B 548 17.06 -11.13 -47.52
N GLY B 549 17.63 -9.94 -47.39
CA GLY B 549 17.14 -8.92 -46.47
C GLY B 549 17.64 -8.95 -45.02
N SER B 550 18.48 -9.89 -44.62
CA SER B 550 19.01 -9.88 -43.26
C SER B 550 20.11 -8.84 -43.11
N SER B 551 20.59 -8.68 -41.87
CA SER B 551 21.59 -7.69 -41.52
C SER B 551 22.72 -8.38 -40.78
N VAL B 552 23.97 -8.09 -41.14
CA VAL B 552 25.09 -8.72 -40.44
C VAL B 552 24.98 -8.50 -38.94
N SER B 553 24.57 -7.29 -38.54
CA SER B 553 24.61 -6.87 -37.14
C SER B 553 23.42 -7.32 -36.34
N GLN B 554 22.41 -7.91 -36.95
CA GLN B 554 21.27 -8.44 -36.21
C GLN B 554 20.95 -9.86 -36.61
N TYR B 555 21.73 -10.46 -37.51
CA TYR B 555 21.55 -11.86 -37.87
C TYR B 555 21.68 -12.74 -36.64
N LYS B 556 20.78 -13.73 -36.53
CA LYS B 556 20.85 -14.79 -35.51
C LYS B 556 20.64 -16.13 -36.21
N THR B 557 21.52 -17.08 -36.00
CA THR B 557 21.37 -18.38 -36.65
C THR B 557 20.02 -18.98 -36.27
N PRO B 558 19.18 -19.32 -37.23
CA PRO B 558 17.89 -19.95 -36.89
C PRO B 558 18.09 -21.36 -36.38
N ARG B 559 17.45 -21.68 -35.25
CA ARG B 559 17.49 -23.04 -34.72
C ARG B 559 16.53 -23.99 -35.40
N SER B 560 15.68 -23.49 -36.28
CA SER B 560 14.83 -24.31 -37.11
C SER B 560 15.07 -23.80 -38.53
N VAL B 561 15.01 -24.68 -39.51
CA VAL B 561 15.08 -24.28 -40.91
C VAL B 561 13.89 -24.88 -41.63
N THR B 562 13.03 -24.03 -42.18
CA THR B 562 11.93 -24.50 -42.99
C THR B 562 12.09 -24.09 -44.44
N ASN B 563 12.84 -23.04 -44.70
CA ASN B 563 13.03 -22.63 -46.06
C ASN B 563 13.66 -23.77 -46.86
N GLU B 564 13.01 -24.16 -47.95
CA GLU B 564 13.54 -25.25 -48.76
C GLU B 564 14.92 -24.94 -49.33
N GLU B 565 15.23 -23.68 -49.57
CA GLU B 565 16.47 -23.33 -50.26
C GLU B 565 17.63 -23.21 -49.31
N ALA B 566 17.37 -22.87 -48.05
CA ALA B 566 18.41 -22.91 -47.01
C ALA B 566 18.80 -24.35 -46.73
N LEU B 567 17.80 -25.22 -46.54
CA LEU B 567 18.04 -26.65 -46.40
C LEU B 567 19.02 -27.18 -47.44
N LYS B 568 18.86 -26.74 -48.70
CA LYS B 568 19.73 -27.20 -49.77
C LYS B 568 21.18 -26.91 -49.45
N ILE B 569 21.46 -25.77 -48.79
CA ILE B 569 22.83 -25.43 -48.44
C ILE B 569 23.35 -26.34 -47.34
N LEU B 570 22.52 -26.63 -46.35
CA LEU B 570 22.98 -27.46 -45.23
C LEU B 570 23.21 -28.88 -45.70
N GLU B 571 22.23 -29.47 -46.39
CA GLU B 571 22.42 -30.84 -46.86
C GLU B 571 23.60 -30.93 -47.80
N ALA B 572 23.92 -29.83 -48.51
CA ALA B 572 25.08 -29.84 -49.39
C ALA B 572 26.39 -29.84 -48.62
N ASN B 573 26.38 -29.32 -47.41
CA ASN B 573 27.57 -29.31 -46.56
C ASN B 573 27.63 -30.49 -45.55
N VAL B 574 26.75 -31.49 -45.66
CA VAL B 574 26.81 -32.66 -44.79
C VAL B 574 27.96 -33.53 -45.21
N ILE B 575 28.83 -33.88 -44.26
CA ILE B 575 29.89 -34.86 -44.48
C ILE B 575 29.67 -36.17 -43.72
N SER B 576 29.02 -36.14 -42.56
CA SER B 576 28.76 -37.33 -41.75
C SER B 576 27.38 -37.25 -41.14
N GLU B 577 26.79 -38.40 -40.89
CA GLU B 577 25.52 -38.48 -40.19
C GLU B 577 25.60 -39.53 -39.09
N PHE B 578 24.93 -39.27 -37.99
CA PHE B 578 24.94 -40.15 -36.85
C PHE B 578 23.54 -40.26 -36.31
N LEU B 579 23.24 -41.39 -35.69
CA LEU B 579 21.91 -41.70 -35.22
C LEU B 579 21.97 -42.11 -33.77
N SER B 580 20.91 -41.85 -33.02
CA SER B 580 20.86 -42.33 -31.65
C SER B 580 20.62 -43.83 -31.64
N ARG B 581 21.47 -44.55 -30.92
CA ARG B 581 21.36 -46.00 -30.91
C ARG B 581 20.69 -46.55 -29.66
N LYS B 582 20.24 -45.69 -28.76
CA LYS B 582 19.57 -46.07 -27.53
C LYS B 582 18.17 -45.47 -27.51
N ILE B 583 17.31 -46.01 -26.66
CA ILE B 583 15.95 -45.50 -26.55
C ILE B 583 15.85 -44.75 -25.22
N PRO B 584 15.38 -43.50 -25.23
CA PRO B 584 15.33 -42.69 -23.99
C PRO B 584 14.24 -43.16 -23.02
N SER B 585 14.33 -42.63 -21.81
CA SER B 585 13.63 -43.18 -20.65
C SER B 585 12.16 -42.74 -20.58
N TRP B 586 11.31 -43.61 -19.98
CA TRP B 586 9.83 -43.62 -20.10
C TRP B 586 9.11 -42.29 -20.34
N PRO C 3 31.78 -28.33 44.94
CA PRO C 3 31.01 -29.04 45.97
C PRO C 3 30.07 -28.13 46.76
N LYS C 4 28.86 -28.60 47.10
CA LYS C 4 27.86 -27.80 47.81
C LYS C 4 27.56 -28.42 49.17
N PHE C 5 27.79 -27.68 50.23
CA PHE C 5 27.57 -28.30 51.53
C PHE C 5 26.06 -28.44 51.77
N ASP C 6 25.67 -29.20 52.83
CA ASP C 6 24.35 -29.86 52.83
C ASP C 6 23.20 -28.94 53.31
N PRO C 7 22.07 -28.84 52.54
CA PRO C 7 20.92 -28.07 53.02
C PRO C 7 19.82 -28.99 53.53
N THR C 8 18.67 -28.45 53.98
CA THR C 8 17.55 -29.25 54.42
C THR C 8 16.17 -28.80 53.84
N ASN C 9 15.38 -28.14 54.67
CA ASN C 9 13.96 -27.91 54.36
C ASN C 9 13.41 -26.76 55.21
N GLN C 10 14.26 -25.90 55.73
CA GLN C 10 13.88 -24.79 56.56
C GLN C 10 14.15 -23.53 55.76
N LYS C 11 13.29 -22.53 55.91
CA LYS C 11 13.44 -21.42 54.97
C LYS C 11 14.69 -20.62 55.35
N ALA C 12 14.82 -20.30 56.64
CA ALA C 12 15.92 -19.47 57.11
C ALA C 12 17.27 -20.12 56.83
N CYS C 13 17.33 -21.45 56.86
CA CYS C 13 18.62 -22.13 56.71
C CYS C 13 19.12 -22.13 55.28
N LEU C 14 18.23 -21.94 54.31
CA LEU C 14 18.61 -22.06 52.90
C LEU C 14 19.02 -20.73 52.27
N SER C 15 19.10 -19.64 53.05
CA SER C 15 20.03 -18.56 52.75
C SER C 15 21.50 -18.99 52.91
N LEU C 16 21.80 -20.26 52.64
CA LEU C 16 23.11 -20.63 52.10
C LEU C 16 23.33 -19.97 50.75
N LEU C 17 22.23 -19.74 50.03
CA LEU C 17 22.26 -18.93 48.82
C LEU C 17 23.05 -17.64 49.01
N GLU C 18 22.98 -17.06 50.20
CA GLU C 18 23.75 -15.85 50.48
C GLU C 18 25.25 -16.17 50.59
N ASP C 19 25.60 -17.26 51.28
CA ASP C 19 27.02 -17.61 51.42
C ASP C 19 27.65 -17.90 50.07
N LEU C 20 26.91 -18.62 49.21
CA LEU C 20 27.40 -18.91 47.87
C LEU C 20 27.64 -17.65 47.08
N THR C 21 26.74 -16.68 47.19
CA THR C 21 26.80 -15.45 46.41
C THR C 21 27.70 -14.39 47.00
N THR C 22 28.13 -14.53 48.25
CA THR C 22 29.11 -13.58 48.79
C THR C 22 30.54 -14.06 48.61
N ASN C 23 30.77 -15.34 48.81
CA ASN C 23 32.13 -15.87 48.69
C ASN C 23 32.40 -16.44 47.30
N VAL C 24 32.14 -15.63 46.27
CA VAL C 24 32.15 -16.17 44.93
C VAL C 24 33.56 -16.54 44.53
N LYS C 25 34.52 -15.68 44.85
CA LYS C 25 35.87 -15.89 44.33
C LYS C 25 36.52 -17.12 44.96
N GLN C 26 36.34 -17.31 46.27
CA GLN C 26 36.96 -18.43 46.95
C GLN C 26 36.34 -19.73 46.49
N ILE C 27 35.01 -19.81 46.41
CA ILE C 27 34.36 -21.03 45.93
C ILE C 27 34.81 -21.35 44.50
N GLN C 28 34.85 -20.34 43.63
CA GLN C 28 35.36 -20.53 42.28
C GLN C 28 36.76 -21.10 42.24
N ASP C 29 37.68 -20.57 43.06
CA ASP C 29 39.02 -21.13 43.19
C ASP C 29 39.00 -22.58 43.67
N SER C 30 38.23 -22.84 44.73
CA SER C 30 38.12 -24.19 45.26
C SER C 30 37.58 -25.14 44.22
N VAL C 31 36.54 -24.73 43.48
CA VAL C 31 35.97 -25.58 42.44
C VAL C 31 37.02 -25.92 41.40
N LEU C 32 37.81 -24.93 40.95
CA LEU C 32 38.81 -25.21 39.92
C LEU C 32 39.90 -26.13 40.43
N GLU C 33 40.35 -25.93 41.66
CA GLU C 33 41.36 -26.79 42.23
C GLU C 33 40.86 -28.21 42.49
N ALA C 34 39.57 -28.38 42.78
CA ALA C 34 39.02 -29.73 42.92
C ALA C 34 38.90 -30.42 41.58
N ILE C 35 38.46 -29.70 40.54
CA ILE C 35 38.28 -30.30 39.22
C ILE C 35 39.62 -30.80 38.69
N LEU C 36 40.67 -29.99 38.86
CA LEU C 36 41.96 -30.30 38.25
C LEU C 36 42.66 -31.42 38.97
N SER C 37 42.62 -31.41 40.28
CA SER C 37 43.28 -32.46 41.04
C SER C 37 42.55 -33.81 40.88
N ARG C 38 41.21 -33.80 40.95
CA ARG C 38 40.48 -35.07 40.85
C ARG C 38 40.59 -35.66 39.45
N ASN C 39 40.63 -34.83 38.43
CA ASN C 39 40.67 -35.33 37.06
C ASN C 39 42.06 -35.28 36.45
N ALA C 40 43.10 -35.21 37.28
CA ALA C 40 44.46 -34.99 36.81
C ALA C 40 45.01 -36.17 36.05
N GLN C 41 44.46 -37.36 36.29
CA GLN C 41 44.99 -38.56 35.66
C GLN C 41 44.26 -38.89 34.37
N THR C 42 43.35 -38.04 33.94
CA THR C 42 42.52 -38.35 32.78
C THR C 42 43.32 -38.15 31.51
N GLU C 43 42.96 -38.89 30.45
CA GLU C 43 43.69 -38.78 29.19
C GLU C 43 43.68 -37.35 28.70
N TYR C 44 42.49 -36.75 28.61
CA TYR C 44 42.34 -35.38 28.17
C TYR C 44 43.26 -34.47 28.96
N LEU C 45 43.02 -34.40 30.29
CA LEU C 45 43.74 -33.46 31.15
C LEU C 45 45.22 -33.77 31.25
N ARG C 46 45.63 -35.03 31.15
CA ARG C 46 47.06 -35.36 31.20
C ARG C 46 47.84 -34.65 30.10
N GLY C 47 47.27 -34.55 28.90
CA GLY C 47 48.02 -34.03 27.78
C GLY C 47 48.51 -32.60 27.97
N PHE C 48 47.68 -31.70 28.50
CA PHE C 48 48.05 -30.38 28.98
C PHE C 48 48.12 -30.46 30.49
N LEU C 49 48.98 -29.65 31.12
CA LEU C 49 49.24 -29.84 32.56
C LEU C 49 49.86 -31.20 32.78
N ASN C 50 50.43 -31.45 33.92
CA ASN C 50 50.76 -32.87 33.93
C ASN C 50 50.36 -33.55 35.22
N GLY C 51 50.57 -32.90 36.34
CA GLY C 51 49.80 -33.22 37.52
C GLY C 51 49.36 -31.92 38.12
N GLN C 52 49.44 -30.88 37.30
CA GLN C 52 49.35 -29.52 37.80
C GLN C 52 47.91 -29.18 38.12
N VAL C 53 47.76 -28.31 39.11
CA VAL C 53 46.50 -28.06 39.79
C VAL C 53 46.21 -26.57 39.92
N ASP C 54 47.14 -25.72 39.47
CA ASP C 54 47.04 -24.30 39.71
C ASP C 54 46.51 -23.55 38.49
N LYS C 55 46.03 -22.35 38.76
CA LYS C 55 45.32 -21.59 37.74
C LYS C 55 46.23 -21.18 36.58
N GLN C 56 47.49 -20.83 36.84
CA GLN C 56 48.28 -20.21 35.78
C GLN C 56 48.62 -21.22 34.70
N ASN C 57 48.86 -22.49 35.08
CA ASN C 57 49.03 -23.53 34.08
C ASN C 57 47.71 -23.87 33.41
N PHE C 58 46.61 -23.83 34.17
CA PHE C 58 45.30 -24.14 33.59
C PHE C 58 44.92 -23.12 32.53
N LYS C 59 45.08 -21.83 32.84
CA LYS C 59 44.76 -20.79 31.89
C LYS C 59 45.75 -20.77 30.73
N LYS C 60 47.02 -21.06 31.02
CA LYS C 60 48.06 -20.99 30.00
C LYS C 60 48.08 -22.22 29.09
N ASN C 61 47.76 -23.40 29.58
CA ASN C 61 48.07 -24.60 28.84
C ASN C 61 46.87 -25.36 28.29
N VAL C 62 45.67 -25.18 28.82
CA VAL C 62 44.50 -25.95 28.39
C VAL C 62 43.70 -25.10 27.41
N PRO C 63 43.36 -25.64 26.25
CA PRO C 63 42.66 -24.83 25.24
C PRO C 63 41.24 -24.50 25.64
N VAL C 64 40.68 -23.47 24.99
CA VAL C 64 39.24 -23.21 25.10
C VAL C 64 38.63 -23.76 23.81
N VAL C 65 37.69 -24.70 23.95
CA VAL C 65 37.36 -25.61 22.86
C VAL C 65 35.85 -25.54 22.59
N THR C 66 35.44 -26.13 21.45
CA THR C 66 34.02 -26.30 21.15
C THR C 66 33.72 -27.80 21.15
N TYR C 67 32.43 -28.13 20.97
CA TYR C 67 32.03 -29.54 20.87
C TYR C 67 32.77 -30.23 19.75
N GLU C 68 32.94 -29.54 18.62
CA GLU C 68 33.63 -30.12 17.48
C GLU C 68 35.06 -30.56 17.81
N ASP C 69 35.69 -29.95 18.83
CA ASP C 69 37.08 -30.24 19.21
C ASP C 69 37.18 -31.49 20.05
N ILE C 70 36.24 -31.67 20.97
CA ILE C 70 36.30 -32.74 21.97
C ILE C 70 35.34 -33.89 21.65
N ARG C 71 34.67 -33.86 20.49
CA ARG C 71 33.65 -34.84 20.13
C ARG C 71 34.22 -36.24 19.99
N SER C 72 35.46 -36.36 19.49
CA SER C 72 36.17 -37.65 19.46
C SER C 72 36.02 -38.38 20.79
N TYR C 73 36.23 -37.67 21.90
CA TYR C 73 36.19 -38.27 23.20
C TYR C 73 34.82 -38.85 23.49
N ILE C 74 33.76 -38.10 23.19
CA ILE C 74 32.44 -38.62 23.51
C ILE C 74 32.14 -39.85 22.65
N ASP C 75 32.49 -39.78 21.37
CA ASP C 75 32.30 -40.93 20.51
C ASP C 75 32.97 -42.15 21.12
N ARG C 76 34.20 -41.97 21.61
CA ARG C 76 34.96 -43.07 22.19
C ARG C 76 34.30 -43.57 23.47
N ILE C 77 33.89 -42.67 24.37
CA ILE C 77 33.16 -43.11 25.57
C ILE C 77 31.92 -43.87 25.16
N ALA C 78 31.18 -43.31 24.21
CA ALA C 78 29.96 -43.94 23.73
C ALA C 78 30.24 -45.32 23.17
N ASN C 79 31.43 -45.53 22.63
CA ASN C 79 31.84 -46.86 22.18
C ASN C 79 32.43 -47.73 23.28
N GLY C 80 32.39 -47.27 24.53
CA GLY C 80 32.80 -48.05 25.66
C GLY C 80 34.24 -47.87 26.02
N GLU C 81 34.89 -46.83 25.55
CA GLU C 81 36.14 -46.47 26.18
C GLU C 81 35.83 -46.02 27.60
N PRO C 82 36.78 -46.16 28.51
CA PRO C 82 36.52 -45.77 29.89
C PRO C 82 36.34 -44.25 30.00
N SER C 83 35.71 -43.84 31.10
CA SER C 83 35.42 -42.44 31.31
C SER C 83 36.67 -41.64 31.59
N ASP C 84 37.79 -42.30 31.95
CA ASP C 84 39.03 -41.60 32.27
C ASP C 84 39.55 -40.80 31.11
N LEU C 85 39.02 -41.02 29.89
CA LEU C 85 39.41 -40.15 28.80
C LEU C 85 39.17 -38.73 29.22
N ILE C 86 38.07 -38.46 29.93
CA ILE C 86 37.71 -37.07 30.21
C ILE C 86 37.44 -36.78 31.68
N CYS C 87 37.18 -37.77 32.55
CA CYS C 87 36.99 -37.43 33.96
C CYS C 87 37.11 -38.68 34.81
N ASP C 88 37.39 -38.48 36.10
CA ASP C 88 37.75 -39.59 36.97
C ASP C 88 36.57 -40.18 37.68
N ARG C 89 35.37 -39.89 37.28
CA ARG C 89 34.26 -40.62 37.88
C ARG C 89 33.39 -41.18 36.78
N PRO C 90 32.59 -42.18 37.09
CA PRO C 90 31.82 -42.88 36.05
C PRO C 90 30.86 -41.97 35.32
N ILE C 91 30.75 -42.17 34.01
CA ILE C 91 29.73 -41.53 33.20
C ILE C 91 28.44 -42.36 33.29
N SER C 92 27.41 -41.80 33.92
CA SER C 92 26.14 -42.52 34.07
C SER C 92 25.36 -42.52 32.77
N VAL C 93 25.21 -41.33 32.16
CA VAL C 93 24.42 -41.11 30.96
C VAL C 93 25.20 -40.23 30.01
N LEU C 94 24.83 -40.31 28.73
CA LEU C 94 25.12 -39.24 27.78
C LEU C 94 23.80 -38.57 27.49
N LEU C 95 23.78 -37.24 27.57
CA LEU C 95 22.58 -36.48 27.35
C LEU C 95 22.53 -35.98 25.92
N THR C 96 21.36 -36.06 25.31
CA THR C 96 21.13 -35.43 24.01
C THR C 96 20.65 -33.97 24.19
N SER C 97 21.13 -33.09 23.33
CA SER C 97 21.19 -31.66 23.56
C SER C 97 20.36 -30.83 22.57
N SER C 98 20.14 -29.57 22.97
CA SER C 98 19.49 -28.56 22.12
C SER C 98 20.37 -28.18 20.96
N GLY C 99 21.59 -27.71 21.25
CA GLY C 99 22.52 -27.40 20.18
C GLY C 99 22.76 -28.61 19.29
N THR C 100 23.05 -28.34 18.01
CA THR C 100 23.33 -29.38 17.05
C THR C 100 24.81 -29.34 16.65
N SER C 101 25.35 -30.51 16.31
CA SER C 101 26.73 -30.69 15.87
C SER C 101 26.67 -31.51 14.59
N GLY C 102 26.71 -30.84 13.44
CA GLY C 102 26.47 -31.52 12.18
C GLY C 102 25.00 -31.89 12.05
N GLY C 103 24.11 -30.96 12.39
CA GLY C 103 22.67 -31.13 12.32
C GLY C 103 22.08 -32.13 13.30
N VAL C 104 22.89 -32.68 14.20
CA VAL C 104 22.48 -33.79 15.05
C VAL C 104 22.73 -33.41 16.51
N PRO C 105 21.95 -33.91 17.47
CA PRO C 105 22.19 -33.55 18.88
C PRO C 105 23.60 -33.86 19.36
N LYS C 106 24.12 -32.95 20.17
CA LYS C 106 25.33 -33.21 20.95
C LYS C 106 25.06 -34.30 21.96
N LEU C 107 26.07 -35.11 22.22
CA LEU C 107 26.11 -36.02 23.36
C LEU C 107 27.01 -35.42 24.43
N ILE C 108 26.44 -35.15 25.60
CA ILE C 108 27.12 -34.50 26.71
C ILE C 108 27.22 -35.52 27.83
N PRO C 109 28.42 -35.81 28.32
CA PRO C 109 28.54 -36.74 29.45
C PRO C 109 27.96 -36.09 30.67
N LEU C 110 27.35 -36.93 31.50
CA LEU C 110 26.86 -36.51 32.81
C LEU C 110 27.19 -37.57 33.85
N THR C 111 27.78 -37.14 34.96
CA THR C 111 28.05 -38.06 36.06
C THR C 111 27.06 -37.83 37.18
N THR C 112 26.87 -38.87 37.99
CA THR C 112 25.81 -38.87 39.00
C THR C 112 25.98 -37.74 40.01
N GLU C 113 27.19 -37.59 40.55
CA GLU C 113 27.41 -36.55 41.55
C GLU C 113 27.14 -35.19 40.94
N ASP C 114 27.49 -35.01 39.67
CA ASP C 114 27.14 -33.76 39.03
C ASP C 114 25.64 -33.59 38.98
N LEU C 115 24.93 -34.64 38.57
CA LEU C 115 23.48 -34.57 38.45
C LEU C 115 22.81 -34.33 39.80
N GLU C 116 23.30 -35.00 40.86
CA GLU C 116 22.68 -34.82 42.18
C GLU C 116 22.98 -33.45 42.77
N GLN C 117 24.11 -32.85 42.39
CA GLN C 117 24.32 -31.45 42.74
C GLN C 117 23.19 -30.60 42.19
N ARG C 118 22.73 -30.91 40.98
CA ARG C 118 21.74 -30.06 40.31
C ARG C 118 20.37 -30.19 40.95
N ILE C 119 19.89 -31.43 41.10
CA ILE C 119 18.62 -31.60 41.79
C ILE C 119 18.72 -31.01 43.17
N SER C 120 19.86 -31.17 43.84
CA SER C 120 19.97 -30.64 45.21
C SER C 120 20.02 -29.13 45.22
N PHE C 121 20.60 -28.52 44.21
CA PHE C 121 20.57 -27.07 44.17
C PHE C 121 19.16 -26.54 43.88
N SER C 122 18.40 -27.22 43.03
CA SER C 122 17.06 -26.70 42.74
C SER C 122 16.16 -26.74 43.98
N SER C 123 16.47 -27.60 44.95
CA SER C 123 15.75 -27.58 46.22
C SER C 123 16.18 -26.39 47.10
N LEU C 124 17.48 -26.06 47.11
CA LEU C 124 17.96 -24.85 47.78
C LEU C 124 17.22 -23.62 47.28
N TYR C 125 16.79 -23.63 46.02
CA TYR C 125 16.14 -22.46 45.43
C TYR C 125 14.65 -22.38 45.77
N ALA C 126 13.97 -23.51 45.91
CA ALA C 126 12.53 -23.45 46.12
C ALA C 126 12.10 -22.62 47.32
N PRO C 127 12.86 -22.53 48.42
CA PRO C 127 12.43 -21.61 49.50
C PRO C 127 12.39 -20.17 49.06
N LEU C 128 13.28 -19.78 48.15
CA LEU C 128 13.31 -18.39 47.70
C LEU C 128 12.02 -18.01 46.99
N LEU C 129 11.55 -18.86 46.08
CA LEU C 129 10.27 -18.61 45.43
C LEU C 129 9.17 -18.46 46.49
N TYR C 130 9.18 -19.32 47.51
CA TYR C 130 8.14 -19.30 48.52
C TYR C 130 8.07 -17.98 49.25
N LYS C 131 9.22 -17.42 49.63
CA LYS C 131 9.21 -16.18 50.39
C LYS C 131 8.82 -14.99 49.52
N HIS C 132 9.18 -15.04 48.23
CA HIS C 132 8.90 -13.94 47.32
C HIS C 132 7.46 -13.92 46.83
N ILE C 133 6.77 -15.06 46.84
CA ILE C 133 5.40 -15.12 46.33
C ILE C 133 4.48 -15.69 47.41
N ASP C 134 3.23 -15.24 47.36
CA ASP C 134 2.31 -15.33 48.48
C ASP C 134 1.64 -16.71 48.56
N GLY C 135 1.72 -17.32 49.75
CA GLY C 135 1.05 -18.58 49.98
C GLY C 135 1.30 -19.59 48.91
N LEU C 136 2.48 -19.53 48.26
CA LEU C 136 2.79 -20.57 47.31
C LEU C 136 2.77 -21.93 47.99
N SER C 137 3.16 -22.00 49.27
CA SER C 137 3.04 -23.24 50.02
C SER C 137 1.60 -23.74 50.14
N GLU C 138 0.60 -22.91 49.81
CA GLU C 138 -0.79 -23.31 50.03
C GLU C 138 -1.26 -24.40 49.08
N GLY C 139 -0.69 -24.52 47.88
CA GLY C 139 -1.16 -25.50 46.91
C GLY C 139 0.01 -26.27 46.31
N LYS C 140 -0.32 -27.35 45.61
CA LYS C 140 0.68 -28.13 44.88
C LYS C 140 1.07 -27.45 43.55
N SER C 141 2.08 -28.01 42.89
CA SER C 141 2.55 -27.48 41.60
C SER C 141 2.16 -28.40 40.44
N LEU C 142 1.57 -27.79 39.40
CA LEU C 142 1.18 -28.48 38.16
C LEU C 142 2.11 -28.00 37.05
N ILE C 143 3.29 -28.56 37.01
CA ILE C 143 4.26 -28.23 35.98
C ILE C 143 4.42 -29.46 35.10
N PHE C 144 4.44 -29.23 33.78
CA PHE C 144 4.43 -30.31 32.79
C PHE C 144 5.84 -30.70 32.35
N TYR C 145 6.25 -31.92 32.73
CA TYR C 145 7.46 -32.55 32.22
C TYR C 145 7.08 -33.85 31.51
N PHE C 146 7.84 -34.19 30.47
CA PHE C 146 7.66 -35.50 29.83
C PHE C 146 9.00 -36.16 29.51
N VAL C 147 9.07 -37.46 29.81
CA VAL C 147 10.23 -38.26 29.43
C VAL C 147 10.23 -38.52 27.93
N THR C 148 11.42 -38.80 27.40
CA THR C 148 11.63 -39.13 26.00
C THR C 148 12.21 -40.54 25.96
N ARG C 149 12.10 -41.19 24.80
CA ARG C 149 12.59 -42.55 24.64
C ARG C 149 14.11 -42.62 24.91
N GLU C 150 14.53 -43.62 25.69
CA GLU C 150 15.94 -43.75 26.02
C GLU C 150 16.67 -44.52 24.93
N SER C 151 17.99 -44.54 25.03
CA SER C 151 18.82 -45.42 24.21
C SER C 151 19.88 -46.07 25.08
N LYS C 152 20.49 -47.12 24.54
CA LYS C 152 21.56 -47.84 25.20
C LYS C 152 22.66 -48.11 24.20
N THR C 153 23.91 -47.94 24.63
CA THR C 153 25.06 -48.37 23.84
C THR C 153 25.38 -49.82 24.15
N ALA C 154 26.21 -50.44 23.31
CA ALA C 154 26.45 -51.88 23.41
C ALA C 154 27.01 -52.24 24.78
N ASN C 155 27.85 -51.36 25.35
CA ASN C 155 28.43 -51.52 26.68
C ASN C 155 27.53 -51.02 27.79
N GLY C 156 26.31 -50.63 27.48
CA GLY C 156 25.31 -50.38 28.49
C GLY C 156 25.12 -48.96 28.90
N LEU C 157 25.78 -48.02 28.24
CA LEU C 157 25.67 -46.61 28.60
C LEU C 157 24.34 -46.07 28.12
N MET C 158 23.64 -45.36 29.01
CA MET C 158 22.31 -44.83 28.70
C MET C 158 22.38 -43.45 28.02
N VAL C 159 21.48 -43.23 27.05
CA VAL C 159 21.40 -41.98 26.32
C VAL C 159 20.00 -41.41 26.46
N ARG C 160 19.88 -40.24 27.06
CA ARG C 160 18.56 -39.64 27.21
C ARG C 160 18.71 -38.13 27.31
N THR C 161 17.72 -37.49 27.92
CA THR C 161 17.61 -36.04 27.97
C THR C 161 17.73 -35.59 29.41
N MET C 162 18.14 -34.33 29.59
CA MET C 162 18.25 -33.75 30.93
C MET C 162 16.97 -33.93 31.74
N VAL C 163 15.81 -33.74 31.10
CA VAL C 163 14.54 -33.92 31.79
C VAL C 163 14.34 -35.37 32.20
N THR C 164 14.56 -36.31 31.28
CA THR C 164 14.37 -37.71 31.66
C THR C 164 15.32 -38.09 32.81
N SER C 165 16.58 -37.64 32.75
CA SER C 165 17.50 -38.11 33.78
C SER C 165 17.18 -37.50 35.12
N PHE C 166 16.78 -36.24 35.10
CA PHE C 166 16.23 -35.65 36.31
C PHE C 166 15.01 -36.43 36.77
N LEU C 167 14.08 -36.68 35.86
CA LEU C 167 12.83 -37.36 36.23
C LEU C 167 13.08 -38.79 36.68
N LYS C 168 13.89 -39.54 35.95
CA LYS C 168 14.12 -40.93 36.31
C LYS C 168 15.02 -41.06 37.54
N SER C 169 14.80 -40.26 38.57
CA SER C 169 15.50 -40.40 39.85
C SER C 169 14.71 -39.81 41.06
N ASP C 179 8.36 -37.49 48.46
CA ASP C 179 9.00 -36.19 48.63
C ASP C 179 8.33 -35.17 47.73
N SER C 180 7.12 -35.47 47.29
CA SER C 180 6.50 -34.76 46.18
C SER C 180 5.25 -34.01 46.62
N LEU C 181 5.20 -32.76 46.18
CA LEU C 181 4.10 -31.82 46.32
C LEU C 181 3.77 -31.39 44.89
N GLN C 182 3.57 -32.39 44.05
CA GLN C 182 3.22 -32.16 42.67
C GLN C 182 1.79 -32.61 42.46
N VAL C 183 1.11 -31.97 41.51
CA VAL C 183 -0.22 -32.42 41.14
C VAL C 183 -0.16 -33.76 40.44
N SER C 184 0.80 -33.94 39.63
CA SER C 184 0.83 -35.10 38.77
C SER C 184 1.57 -36.24 39.47
N PRO C 185 1.02 -37.44 39.52
CA PRO C 185 1.80 -38.55 40.05
C PRO C 185 3.05 -38.70 39.19
N HIS C 186 4.19 -38.86 39.85
CA HIS C 186 5.39 -39.17 39.10
C HIS C 186 5.14 -40.36 38.18
N ALA C 187 4.24 -41.27 38.58
CA ALA C 187 3.94 -42.44 37.77
C ALA C 187 3.39 -42.05 36.38
N ILE C 188 2.71 -40.91 36.28
CA ILE C 188 2.19 -40.46 34.99
C ILE C 188 3.24 -39.72 34.19
N THR C 189 3.93 -38.75 34.82
CA THR C 189 4.94 -38.00 34.09
C THR C 189 5.98 -38.91 33.43
N THR C 190 6.46 -39.93 34.14
CA THR C 190 7.38 -40.96 33.65
C THR C 190 6.75 -41.86 32.56
N CYS C 191 5.50 -41.64 32.18
CA CYS C 191 4.84 -42.49 31.20
C CYS C 191 5.60 -42.48 29.90
N ALA C 192 5.67 -43.65 29.27
CA ALA C 192 6.52 -43.81 28.08
C ALA C 192 6.09 -42.88 26.95
N ASP C 193 4.79 -42.85 26.65
CA ASP C 193 4.25 -42.16 25.48
C ASP C 193 3.73 -40.79 25.90
N THR C 194 4.39 -39.74 25.41
CA THR C 194 4.16 -38.38 25.88
C THR C 194 2.77 -37.88 25.52
N THR C 195 2.20 -38.33 24.40
CA THR C 195 0.89 -37.81 24.03
C THR C 195 -0.18 -38.28 25.02
N GLN C 196 -0.04 -39.49 25.55
CA GLN C 196 -0.91 -39.97 26.61
C GLN C 196 -0.61 -39.28 27.93
N SER C 197 0.67 -39.05 28.21
CA SER C 197 1.05 -38.34 29.44
C SER C 197 0.39 -36.96 29.53
N MET C 198 0.48 -36.18 28.46
CA MET C 198 -0.10 -34.83 28.47
C MET C 198 -1.58 -34.87 28.77
N TYR C 199 -2.30 -35.74 28.09
CA TYR C 199 -3.70 -35.92 28.41
C TYR C 199 -3.87 -36.20 29.88
N CYS C 200 -3.16 -37.21 30.39
CA CYS C 200 -3.32 -37.62 31.79
C CYS C 200 -2.80 -36.55 32.73
N GLN C 201 -1.65 -35.97 32.41
CA GLN C 201 -1.19 -34.80 33.15
C GLN C 201 -2.30 -33.75 33.25
N LEU C 202 -2.87 -33.39 32.10
CA LEU C 202 -3.92 -32.38 32.03
C LEU C 202 -5.15 -32.80 32.84
N LEU C 203 -5.49 -34.08 32.80
CA LEU C 203 -6.67 -34.57 33.51
C LEU C 203 -6.53 -34.41 35.02
N CYS C 204 -5.34 -34.67 35.55
CA CYS C 204 -5.10 -34.49 36.98
C CYS C 204 -5.18 -33.03 37.40
N GLY C 205 -4.81 -32.11 36.52
CA GLY C 205 -4.87 -30.70 36.89
C GLY C 205 -6.28 -30.20 36.86
N LEU C 206 -7.08 -30.67 35.89
CA LEU C 206 -8.51 -30.35 35.89
C LEU C 206 -9.21 -30.91 37.11
N LEU C 207 -8.81 -32.11 37.54
CA LEU C 207 -9.45 -32.67 38.72
C LEU C 207 -9.01 -32.02 40.04
N GLU C 208 -8.01 -31.14 40.02
CA GLU C 208 -7.50 -30.58 41.28
C GLU C 208 -7.23 -29.10 41.14
N ARG C 209 -8.16 -28.38 40.50
CA ARG C 209 -7.98 -26.94 40.27
C ARG C 209 -7.72 -26.19 41.57
N ASP C 210 -8.59 -26.38 42.54
CA ASP C 210 -8.47 -25.62 43.78
C ASP C 210 -7.27 -26.06 44.61
N ASN C 211 -6.43 -26.96 44.11
CA ASN C 211 -5.22 -27.35 44.82
C ASN C 211 -3.95 -26.97 44.07
N VAL C 212 -4.08 -26.20 43.00
CA VAL C 212 -2.97 -25.91 42.12
C VAL C 212 -2.49 -24.50 42.40
N ALA C 213 -1.31 -24.39 43.03
CA ALA C 213 -0.75 -23.11 43.41
C ALA C 213 0.04 -22.45 42.28
N ARG C 214 0.60 -23.20 41.35
CA ARG C 214 1.23 -22.60 40.18
C ARG C 214 1.25 -23.58 39.02
N LEU C 215 1.39 -23.00 37.82
CA LEU C 215 1.31 -23.72 36.56
C LEU C 215 2.57 -23.48 35.76
N GLY C 216 3.10 -24.49 35.09
CA GLY C 216 4.26 -24.22 34.26
C GLY C 216 4.66 -25.35 33.34
N ALA C 217 5.80 -25.10 32.68
CA ALA C 217 6.61 -26.09 31.98
C ALA C 217 8.00 -25.48 31.78
N PRO C 218 9.04 -26.30 31.58
CA PRO C 218 10.39 -25.75 31.43
C PRO C 218 10.53 -24.53 30.55
N PHE C 219 9.98 -24.58 29.34
CA PHE C 219 10.06 -23.44 28.43
C PHE C 219 8.67 -22.97 28.04
N ALA C 220 8.56 -21.65 27.76
CA ALA C 220 7.27 -21.06 27.42
C ALA C 220 6.58 -21.81 26.27
N SER C 221 7.33 -22.13 25.23
CA SER C 221 6.82 -22.88 24.10
C SER C 221 6.36 -24.25 24.51
N SER C 222 7.03 -24.88 25.48
CA SER C 222 6.59 -26.18 25.99
C SER C 222 5.19 -26.06 26.61
N PHE C 223 4.98 -25.02 27.41
CA PHE C 223 3.68 -24.78 28.05
C PHE C 223 2.54 -24.63 27.02
N LEU C 224 2.80 -23.93 25.92
CA LEU C 224 1.76 -23.66 24.93
C LEU C 224 1.34 -24.90 24.17
N LYS C 225 2.28 -25.81 23.89
CA LYS C 225 1.90 -27.10 23.32
C LYS C 225 0.86 -27.78 24.16
N VAL C 226 0.94 -27.64 25.49
CA VAL C 226 -0.05 -28.24 26.39
C VAL C 226 -1.34 -27.46 26.35
N ILE C 227 -1.25 -26.14 26.18
CA ILE C 227 -2.49 -25.38 26.11
C ILE C 227 -3.20 -25.65 24.79
N LYS C 228 -2.45 -25.73 23.69
CA LYS C 228 -3.04 -26.13 22.42
C LYS C 228 -3.64 -27.53 22.50
N PHE C 229 -2.96 -28.44 23.17
CA PHE C 229 -3.48 -29.78 23.36
C PHE C 229 -4.80 -29.74 24.14
N LEU C 230 -4.83 -28.95 25.21
CA LEU C 230 -6.07 -28.77 25.97
C LEU C 230 -7.16 -28.16 25.09
N GLU C 231 -6.81 -27.17 24.28
CA GLU C 231 -7.79 -26.57 23.37
C GLU C 231 -8.46 -27.61 22.49
N ASP C 232 -7.69 -28.60 22.01
CA ASP C 232 -8.20 -29.57 21.03
C ASP C 232 -8.82 -30.82 21.66
N HIS C 233 -8.56 -31.10 22.92
CA HIS C 233 -9.09 -32.31 23.56
C HIS C 233 -9.82 -32.01 24.86
N TRP C 234 -10.20 -30.75 25.10
CA TRP C 234 -10.94 -30.45 26.32
C TRP C 234 -12.26 -31.18 26.42
N PRO C 235 -13.04 -31.34 25.34
CA PRO C 235 -14.29 -32.09 25.48
C PRO C 235 -14.08 -33.55 25.91
N GLU C 236 -13.09 -34.25 25.34
CA GLU C 236 -12.83 -35.63 25.77
C GLU C 236 -12.50 -35.64 27.25
N LEU C 237 -11.56 -34.79 27.68
CA LEU C 237 -11.17 -34.73 29.09
C LEU C 237 -12.38 -34.52 30.02
N CYS C 238 -13.26 -33.58 29.69
CA CYS C 238 -14.46 -33.39 30.50
C CYS C 238 -15.30 -34.64 30.54
N SER C 239 -15.65 -35.18 29.37
CA SER C 239 -16.54 -36.34 29.34
C SER C 239 -16.04 -37.42 30.29
N ASN C 240 -14.74 -37.72 30.26
CA ASN C 240 -14.19 -38.63 31.26
C ASN C 240 -14.49 -38.17 32.69
N ILE C 241 -14.53 -36.86 32.93
CA ILE C 241 -14.78 -36.38 34.28
C ILE C 241 -16.19 -36.73 34.73
N ARG C 242 -17.20 -36.39 33.92
CA ARG C 242 -18.56 -36.76 34.30
C ARG C 242 -18.75 -38.26 34.23
N THR C 243 -18.09 -38.92 33.28
CA THR C 243 -18.13 -40.38 33.18
C THR C 243 -17.36 -41.04 34.30
N GLY C 244 -16.16 -40.58 34.56
CA GLY C 244 -15.31 -41.33 35.45
C GLY C 244 -14.63 -42.49 34.75
N ARG C 245 -14.28 -42.30 33.49
CA ARG C 245 -13.57 -43.34 32.74
C ARG C 245 -12.57 -42.70 31.79
N LEU C 246 -11.34 -43.22 31.78
CA LEU C 246 -10.35 -42.78 30.80
C LEU C 246 -10.84 -43.08 29.38
N SER C 247 -10.53 -42.18 28.45
CA SER C 247 -10.75 -42.50 27.05
C SER C 247 -9.89 -43.72 26.70
N ASP C 248 -10.36 -44.49 25.76
CA ASP C 248 -9.59 -45.71 25.45
C ASP C 248 -8.33 -45.43 24.64
N TRP C 249 -8.02 -44.13 24.47
CA TRP C 249 -6.79 -43.74 23.79
C TRP C 249 -5.55 -44.04 24.62
N ILE C 250 -5.71 -44.21 25.93
CA ILE C 250 -4.62 -44.28 26.87
C ILE C 250 -4.36 -45.77 27.20
N THR C 251 -3.25 -46.32 26.69
CA THR C 251 -2.97 -47.73 26.79
C THR C 251 -1.74 -48.08 27.61
N ASP C 252 -0.76 -47.20 27.75
CA ASP C 252 0.36 -47.59 28.60
C ASP C 252 -0.12 -47.80 30.03
N ALA C 253 0.28 -48.93 30.63
CA ALA C 253 -0.39 -49.42 31.84
C ALA C 253 -0.16 -48.50 33.03
N THR C 254 1.01 -47.87 33.12
CA THR C 254 1.28 -46.99 34.26
C THR C 254 0.35 -45.79 34.27
N CYS C 255 0.25 -45.10 33.12
CA CYS C 255 -0.70 -44.02 32.92
C CYS C 255 -2.10 -44.43 33.35
N THR C 256 -2.55 -45.58 32.88
CA THR C 256 -3.82 -46.10 33.34
C THR C 256 -3.76 -46.44 34.83
N SER C 257 -2.64 -47.01 35.29
CA SER C 257 -2.56 -47.47 36.67
C SER C 257 -2.45 -46.31 37.64
N GLY C 258 -1.58 -45.35 37.35
CA GLY C 258 -1.41 -44.23 38.26
C GLY C 258 -2.69 -43.46 38.53
N ILE C 259 -3.54 -43.32 37.53
CA ILE C 259 -4.62 -42.34 37.55
C ILE C 259 -5.89 -42.95 38.13
N GLY C 260 -5.79 -44.15 38.71
CA GLY C 260 -6.91 -44.68 39.47
C GLY C 260 -7.21 -43.85 40.69
N LYS C 261 -6.18 -43.24 41.29
CA LYS C 261 -6.39 -42.40 42.48
C LYS C 261 -7.27 -41.19 42.17
N PHE C 262 -7.12 -40.64 40.97
CA PHE C 262 -7.70 -39.34 40.69
C PHE C 262 -9.13 -39.42 40.16
N LEU C 263 -9.48 -40.49 39.44
CA LEU C 263 -10.82 -40.57 38.86
C LEU C 263 -11.87 -40.84 39.91
N THR C 264 -11.66 -41.87 40.72
CA THR C 264 -12.62 -42.27 41.75
C THR C 264 -13.97 -42.55 41.07
N ALA C 265 -14.96 -41.66 41.21
CA ALA C 265 -16.30 -41.84 40.67
C ALA C 265 -16.79 -40.53 40.08
N PRO C 266 -17.82 -40.57 39.22
CA PRO C 266 -18.17 -39.41 38.39
C PRO C 266 -18.34 -38.10 39.15
N ASN C 267 -17.95 -37.00 38.49
CA ASN C 267 -18.16 -35.64 38.99
C ASN C 267 -18.79 -34.84 37.87
N PRO C 268 -20.04 -35.14 37.53
CA PRO C 268 -20.64 -34.49 36.36
C PRO C 268 -20.79 -33.00 36.54
N GLU C 269 -21.01 -32.53 37.77
CA GLU C 269 -20.97 -31.09 37.97
C GLU C 269 -19.64 -30.52 37.57
N LEU C 270 -18.58 -31.27 37.82
CA LEU C 270 -17.26 -30.72 37.60
C LEU C 270 -16.89 -30.67 36.11
N ALA C 271 -17.26 -31.70 35.34
CA ALA C 271 -17.11 -31.59 33.89
C ALA C 271 -17.84 -30.37 33.37
N SER C 272 -19.02 -30.11 33.93
CA SER C 272 -19.87 -29.07 33.36
C SER C 272 -19.24 -27.71 33.49
N LEU C 273 -18.60 -27.43 34.63
CA LEU C 273 -18.06 -26.09 34.74
C LEU C 273 -16.90 -25.90 33.76
N ILE C 274 -15.99 -26.87 33.64
CA ILE C 274 -14.89 -26.74 32.67
C ILE C 274 -15.40 -26.39 31.29
N GLU C 275 -16.39 -27.15 30.81
CA GLU C 275 -17.09 -26.77 29.58
C GLU C 275 -17.48 -25.30 29.58
N GLN C 276 -18.05 -24.80 30.69
CA GLN C 276 -18.43 -23.39 30.77
C GLN C 276 -17.24 -22.49 30.45
N GLU C 277 -16.09 -22.76 31.07
CA GLU C 277 -14.91 -21.90 30.85
C GLU C 277 -14.28 -22.15 29.49
N CYS C 278 -14.17 -23.41 29.05
CA CYS C 278 -13.52 -23.72 27.78
C CYS C 278 -14.38 -23.40 26.56
N SER C 279 -15.67 -23.13 26.76
CA SER C 279 -16.57 -22.94 25.64
C SER C 279 -16.48 -21.55 25.05
N LYS C 280 -16.10 -20.56 25.85
CA LYS C 280 -16.39 -19.17 25.53
C LYS C 280 -15.64 -18.73 24.27
N THR C 281 -15.98 -17.51 23.83
CA THR C 281 -15.42 -16.96 22.60
C THR C 281 -13.90 -16.86 22.69
N SER C 282 -13.41 -16.26 23.76
CA SER C 282 -12.01 -15.91 23.91
C SER C 282 -11.30 -16.89 24.83
N TRP C 283 -10.00 -17.02 24.65
CA TRP C 283 -9.24 -17.83 25.58
C TRP C 283 -8.58 -17.02 26.68
N GLU C 284 -8.72 -15.68 26.68
CA GLU C 284 -7.95 -14.89 27.64
C GLU C 284 -8.28 -15.29 29.07
N ALA C 285 -7.25 -15.27 29.91
CA ALA C 285 -7.33 -15.61 31.33
C ALA C 285 -7.73 -17.05 31.60
N ILE C 286 -7.80 -17.91 30.56
CA ILE C 286 -8.34 -19.27 30.73
C ILE C 286 -7.60 -20.01 31.83
N LEU C 287 -6.29 -19.75 31.96
CA LEU C 287 -5.51 -20.42 32.98
C LEU C 287 -5.98 -20.03 34.37
N LYS C 288 -6.37 -18.76 34.55
CA LYS C 288 -6.86 -18.34 35.86
C LYS C 288 -8.30 -18.80 36.08
N ARG C 289 -9.14 -18.72 35.05
CA ARG C 289 -10.47 -19.30 35.14
C ARG C 289 -10.41 -20.77 35.49
N LEU C 290 -9.55 -21.52 34.79
CA LEU C 290 -9.39 -22.94 35.05
C LEU C 290 -8.78 -23.19 36.43
N TRP C 291 -7.61 -22.60 36.70
CA TRP C 291 -6.89 -22.72 37.98
C TRP C 291 -6.84 -21.36 38.65
N PRO C 292 -7.88 -21.01 39.42
CA PRO C 292 -8.03 -19.64 39.93
C PRO C 292 -7.30 -19.37 41.22
N LYS C 293 -6.78 -20.41 41.85
CA LYS C 293 -5.92 -20.26 43.00
C LYS C 293 -4.43 -20.30 42.60
N ALA C 294 -4.14 -20.36 41.30
CA ALA C 294 -2.76 -20.28 40.84
C ALA C 294 -2.17 -18.88 41.09
N LYS C 295 -0.86 -18.85 41.35
CA LYS C 295 -0.16 -17.61 41.68
C LYS C 295 0.86 -17.17 40.62
N CYS C 296 1.44 -18.10 39.87
CA CYS C 296 2.43 -17.72 38.87
C CYS C 296 2.57 -18.82 37.83
N ILE C 297 3.27 -18.48 36.75
CA ILE C 297 3.62 -19.41 35.71
C ILE C 297 5.13 -19.54 35.63
N GLU C 298 5.68 -20.66 36.13
CA GLU C 298 7.11 -20.97 36.01
C GLU C 298 7.34 -21.42 34.57
N SER C 299 7.92 -20.53 33.76
CA SER C 299 8.26 -20.88 32.39
C SER C 299 9.38 -19.96 31.94
N ILE C 300 10.38 -20.52 31.27
CA ILE C 300 11.46 -19.71 30.75
C ILE C 300 10.92 -18.85 29.61
N ILE C 301 11.07 -17.54 29.75
CA ILE C 301 10.66 -16.59 28.72
C ILE C 301 11.82 -15.68 28.28
N THR C 302 13.05 -16.05 28.63
CA THR C 302 14.22 -15.30 28.17
C THR C 302 14.70 -15.87 26.86
N GLY C 303 15.60 -15.13 26.20
CA GLY C 303 16.09 -15.57 24.90
C GLY C 303 14.97 -15.58 23.87
N THR C 304 14.99 -16.54 22.96
CA THR C 304 13.95 -16.61 21.96
C THR C 304 12.58 -16.87 22.54
N MET C 305 12.50 -17.42 23.75
CA MET C 305 11.21 -17.65 24.40
C MET C 305 10.44 -16.37 24.69
N ALA C 306 11.09 -15.22 24.63
CA ALA C 306 10.41 -13.94 24.65
C ALA C 306 9.36 -13.85 23.57
N GLN C 307 9.56 -14.50 22.43
CA GLN C 307 8.56 -14.49 21.37
C GLN C 307 7.18 -14.85 21.89
N TYR C 308 7.11 -15.65 22.95
CA TYR C 308 5.83 -16.16 23.42
C TYR C 308 5.19 -15.38 24.59
N ILE C 309 5.83 -14.27 25.03
CA ILE C 309 5.29 -13.47 26.13
C ILE C 309 3.86 -12.99 25.85
N PRO C 310 3.57 -12.32 24.72
CA PRO C 310 2.18 -11.89 24.48
C PRO C 310 1.17 -13.02 24.61
N LEU C 311 1.39 -14.13 23.92
CA LEU C 311 0.47 -15.24 24.03
C LEU C 311 0.35 -15.72 25.48
N LEU C 312 1.47 -15.90 26.16
CA LEU C 312 1.42 -16.36 27.55
C LEU C 312 0.70 -15.36 28.46
N GLU C 313 0.92 -14.05 28.22
CA GLU C 313 0.22 -13.00 28.96
C GLU C 313 -1.27 -13.06 28.68
N PHE C 314 -1.65 -13.29 27.42
CA PHE C 314 -3.06 -13.46 27.05
C PHE C 314 -3.79 -14.50 27.92
N TYR C 315 -3.18 -15.67 28.09
CA TYR C 315 -3.83 -16.75 28.83
C TYR C 315 -3.77 -16.56 30.33
N SER C 316 -2.78 -15.83 30.85
CA SER C 316 -2.68 -15.71 32.30
C SER C 316 -3.82 -14.91 32.86
N GLY C 317 -4.35 -13.96 32.07
CA GLY C 317 -5.30 -13.05 32.63
C GLY C 317 -4.64 -12.19 33.66
N GLY C 318 -4.28 -12.76 34.81
CA GLY C 318 -3.48 -12.02 35.78
C GLY C 318 -2.09 -12.59 36.07
N LEU C 319 -1.97 -13.90 36.00
CA LEU C 319 -0.81 -14.59 36.53
C LEU C 319 0.48 -13.95 36.04
N PRO C 320 1.44 -13.68 36.93
CA PRO C 320 2.78 -13.23 36.53
C PRO C 320 3.64 -14.37 35.99
N LEU C 321 4.53 -14.00 35.04
CA LEU C 321 5.42 -14.94 34.39
C LEU C 321 6.80 -14.93 35.03
N THR C 322 7.30 -16.11 35.42
CA THR C 322 8.57 -16.20 36.14
C THR C 322 9.52 -17.19 35.46
N SER C 323 10.67 -16.70 35.02
CA SER C 323 11.76 -17.56 34.55
C SER C 323 12.76 -17.74 35.69
N SER C 324 12.96 -18.98 36.11
CA SER C 324 13.76 -19.24 37.30
C SER C 324 15.22 -19.62 37.00
N PHE C 325 15.46 -20.45 35.97
CA PHE C 325 16.74 -21.14 35.79
C PHE C 325 17.33 -20.91 34.41
N TYR C 326 18.64 -20.74 34.33
CA TYR C 326 19.42 -20.84 33.09
C TYR C 326 20.42 -22.00 33.21
N GLY C 327 20.30 -22.98 32.31
CA GLY C 327 21.09 -24.20 32.36
C GLY C 327 21.14 -24.88 31.00
N SER C 328 22.07 -25.81 30.89
CA SER C 328 22.24 -26.61 29.69
C SER C 328 22.77 -27.97 30.13
N SER C 329 22.70 -28.96 29.24
CA SER C 329 23.23 -30.28 29.59
C SER C 329 24.64 -30.16 30.18
N GLU C 330 25.43 -29.28 29.62
CA GLU C 330 26.82 -29.15 30.02
C GLU C 330 26.94 -28.65 31.43
N CYS C 331 26.17 -27.65 31.79
CA CYS C 331 26.29 -27.03 33.11
C CYS C 331 24.95 -26.45 33.59
N PHE C 332 24.72 -26.54 34.87
CA PHE C 332 23.67 -25.76 35.51
C PHE C 332 24.27 -24.44 35.97
N MET C 333 23.94 -23.34 35.29
CA MET C 333 24.75 -22.14 35.46
C MET C 333 24.15 -21.04 36.33
N GLY C 334 22.88 -20.68 36.15
CA GLY C 334 22.37 -19.47 36.79
C GLY C 334 20.95 -19.57 37.29
N VAL C 335 20.64 -18.80 38.34
CA VAL C 335 19.28 -18.67 38.86
C VAL C 335 18.90 -17.20 38.95
N ASN C 336 17.59 -16.93 38.81
CA ASN C 336 17.02 -15.60 38.95
C ASN C 336 16.65 -15.34 40.40
N PHE C 337 17.35 -14.41 41.06
CA PHE C 337 17.04 -14.01 42.43
C PHE C 337 16.02 -12.90 42.49
N ASN C 338 15.31 -12.67 41.41
CA ASN C 338 14.30 -11.62 41.36
C ASN C 338 13.14 -12.22 40.58
N PRO C 339 12.43 -13.17 41.19
CA PRO C 339 11.39 -13.90 40.43
C PRO C 339 10.26 -13.02 39.93
N LEU C 340 9.78 -12.06 40.73
CA LEU C 340 8.61 -11.25 40.39
C LEU C 340 9.03 -9.98 39.65
N CYS C 341 9.67 -10.16 38.49
CA CYS C 341 10.20 -9.05 37.73
C CYS C 341 9.59 -9.02 36.35
N LYS C 342 9.68 -7.89 35.69
CA LYS C 342 9.23 -7.80 34.31
C LYS C 342 9.98 -8.85 33.47
N PRO C 343 9.26 -9.72 32.72
CA PRO C 343 9.92 -10.58 31.73
C PRO C 343 10.99 -9.89 30.91
N SER C 344 10.78 -8.61 30.61
CA SER C 344 11.78 -7.82 29.90
C SER C 344 13.07 -7.70 30.68
N ASP C 345 13.08 -8.02 31.99
CA ASP C 345 14.16 -7.59 32.89
C ASP C 345 14.87 -8.74 33.55
N VAL C 346 14.70 -9.97 33.05
CA VAL C 346 15.22 -11.14 33.74
C VAL C 346 16.74 -11.21 33.61
N SER C 347 17.40 -11.48 34.75
CA SER C 347 18.85 -11.67 34.85
C SER C 347 19.12 -12.90 35.68
N TYR C 348 20.07 -13.72 35.24
CA TYR C 348 20.42 -14.95 35.94
C TYR C 348 21.75 -14.75 36.69
N THR C 349 21.78 -15.16 37.96
CA THR C 349 22.98 -15.06 38.77
C THR C 349 23.75 -16.37 38.76
N ILE C 350 25.02 -16.29 38.41
CA ILE C 350 25.82 -17.50 38.25
C ILE C 350 26.10 -18.10 39.62
N ILE C 351 25.86 -19.39 39.75
CA ILE C 351 25.98 -20.14 40.99
C ILE C 351 27.41 -20.67 41.09
N PRO C 352 28.28 -20.07 41.89
CA PRO C 352 29.72 -20.41 41.84
C PRO C 352 30.07 -21.87 42.14
N CYS C 353 29.23 -22.63 42.84
CA CYS C 353 29.60 -23.99 43.20
C CYS C 353 29.37 -24.98 42.07
N MET C 354 28.78 -24.58 40.94
CA MET C 354 28.30 -25.55 39.96
C MET C 354 29.30 -25.79 38.87
N GLY C 355 30.42 -25.10 38.90
CA GLY C 355 31.45 -25.31 37.91
C GLY C 355 32.45 -24.18 38.02
N TYR C 356 33.39 -24.16 37.06
CA TYR C 356 34.36 -23.08 36.98
C TYR C 356 34.05 -22.29 35.74
N PHE C 357 33.54 -21.07 35.91
CA PHE C 357 33.11 -20.24 34.80
C PHE C 357 34.16 -19.23 34.38
N GLU C 358 34.47 -19.21 33.08
CA GLU C 358 35.19 -18.15 32.40
C GLU C 358 34.28 -17.60 31.31
N PHE C 359 34.53 -16.37 30.88
CA PHE C 359 33.70 -15.74 29.86
C PHE C 359 34.56 -15.21 28.71
N LEU C 360 34.18 -15.59 27.49
CA LEU C 360 34.86 -15.19 26.25
C LEU C 360 34.12 -14.01 25.63
N GLU C 361 34.83 -12.92 25.42
CA GLU C 361 34.12 -11.72 25.03
C GLU C 361 33.69 -11.76 23.55
N VAL C 362 32.54 -11.12 23.25
CA VAL C 362 32.02 -11.02 21.90
C VAL C 362 31.53 -9.61 21.60
N VAL C 378 40.62 -13.19 24.07
CA VAL C 378 40.43 -12.68 25.46
C VAL C 378 39.29 -13.33 26.31
N VAL C 379 39.66 -14.09 27.36
CA VAL C 379 38.67 -14.72 28.25
C VAL C 379 38.95 -14.29 29.68
N VAL C 380 37.89 -14.22 30.48
CA VAL C 380 37.96 -13.58 31.79
C VAL C 380 37.40 -14.52 32.87
N ASP C 381 38.00 -14.43 34.06
CA ASP C 381 37.42 -15.03 35.25
C ASP C 381 36.00 -14.48 35.49
N LEU C 382 35.25 -15.19 36.32
CA LEU C 382 33.85 -14.85 36.57
C LEU C 382 33.67 -13.41 37.05
N VAL C 383 34.48 -13.00 38.03
CA VAL C 383 34.18 -11.73 38.70
C VAL C 383 34.56 -10.54 37.83
N ASP C 384 35.55 -10.70 36.95
CA ASP C 384 36.07 -9.58 36.20
C ASP C 384 35.17 -9.22 35.02
N VAL C 385 34.04 -9.90 34.90
CA VAL C 385 33.02 -9.56 33.91
C VAL C 385 32.68 -8.08 34.01
N LYS C 386 32.64 -7.40 32.87
CA LYS C 386 32.33 -5.98 32.81
C LYS C 386 30.89 -5.79 32.40
N ILE C 387 30.23 -4.81 33.02
CA ILE C 387 28.78 -4.68 32.88
C ILE C 387 28.44 -4.01 31.56
N GLY C 388 27.37 -4.49 30.93
CA GLY C 388 27.00 -4.10 29.60
C GLY C 388 27.68 -4.89 28.50
N HIS C 389 28.64 -5.74 28.83
CA HIS C 389 29.42 -6.47 27.83
C HIS C 389 28.87 -7.87 27.58
N ASP C 390 29.18 -8.37 26.39
CA ASP C 390 28.67 -9.64 25.93
C ASP C 390 29.72 -10.74 26.08
N TYR C 391 29.28 -11.89 26.55
CA TYR C 391 30.19 -13.00 26.82
C TYR C 391 29.54 -14.32 26.43
N GLU C 392 30.36 -15.24 25.92
CA GLU C 392 29.99 -16.63 25.78
C GLU C 392 30.63 -17.39 26.92
N PRO C 393 29.86 -17.99 27.83
CA PRO C 393 30.48 -18.68 28.95
C PRO C 393 31.34 -19.85 28.50
N VAL C 394 32.40 -20.10 29.27
CA VAL C 394 33.42 -21.09 28.93
C VAL C 394 33.63 -21.89 30.21
N VAL C 395 33.04 -23.08 30.31
CA VAL C 395 32.91 -23.77 31.60
C VAL C 395 33.80 -25.01 31.73
N THR C 396 34.23 -25.25 32.96
CA THR C 396 34.96 -26.44 33.37
C THR C 396 34.12 -27.08 34.45
N THR C 397 33.79 -28.36 34.27
CA THR C 397 32.78 -29.06 35.06
C THR C 397 33.35 -30.33 35.68
N PHE C 398 32.58 -30.88 36.58
CA PHE C 398 32.92 -32.15 37.19
C PHE C 398 32.59 -33.33 36.31
N SER C 399 31.96 -33.09 35.17
CA SER C 399 31.53 -34.14 34.24
C SER C 399 32.40 -34.23 33.00
N GLY C 400 33.64 -33.79 33.06
CA GLY C 400 34.55 -34.05 31.99
C GLY C 400 34.68 -32.98 30.95
N LEU C 401 34.12 -31.79 31.18
CA LEU C 401 34.32 -30.66 30.28
C LEU C 401 35.30 -29.66 30.88
N TYR C 402 36.29 -29.25 30.08
CA TYR C 402 37.36 -28.36 30.48
C TYR C 402 37.39 -27.21 29.49
N ARG C 403 37.07 -26.01 30.01
CA ARG C 403 37.13 -24.78 29.23
C ARG C 403 36.27 -24.92 27.98
N TYR C 404 35.06 -25.37 28.18
CA TYR C 404 34.16 -25.69 27.09
C TYR C 404 33.24 -24.50 26.82
N ARG C 405 33.17 -24.07 25.57
CA ARG C 405 32.28 -22.98 25.19
C ARG C 405 30.86 -23.50 25.04
N VAL C 406 29.92 -22.86 25.70
CA VAL C 406 28.59 -23.46 25.78
C VAL C 406 27.74 -23.08 24.57
N GLY C 407 28.00 -21.94 23.94
CA GLY C 407 27.32 -21.57 22.72
C GLY C 407 26.30 -20.47 22.85
N ASP C 408 26.11 -19.89 24.04
CA ASP C 408 25.20 -18.80 24.28
C ASP C 408 25.95 -17.50 24.51
N VAL C 409 25.26 -16.41 24.33
CA VAL C 409 25.83 -15.10 24.62
C VAL C 409 25.03 -14.50 25.76
N LEU C 410 25.73 -14.02 26.78
CA LEU C 410 25.06 -13.37 27.89
C LEU C 410 25.58 -11.94 28.00
N ARG C 411 24.69 -11.04 28.41
CA ARG C 411 25.05 -9.66 28.73
C ARG C 411 25.10 -9.49 30.25
N ALA C 412 26.19 -8.91 30.75
CA ALA C 412 26.38 -8.69 32.17
C ALA C 412 25.60 -7.44 32.63
N THR C 413 24.75 -7.61 33.62
CA THR C 413 23.78 -6.59 33.98
C THR C 413 23.97 -6.07 35.38
N GLY C 414 24.76 -6.74 36.22
CA GLY C 414 25.00 -6.28 37.59
C GLY C 414 25.52 -7.40 38.45
N PHE C 415 25.35 -7.23 39.76
CA PHE C 415 25.80 -8.19 40.77
C PHE C 415 24.71 -8.46 41.79
N TYR C 416 24.70 -9.66 42.31
CA TYR C 416 23.84 -10.02 43.43
C TYR C 416 24.79 -10.47 44.53
N ASN C 417 24.89 -9.70 45.59
CA ASN C 417 26.03 -9.82 46.50
C ASN C 417 27.25 -9.59 45.63
N ASN C 418 28.19 -10.51 45.54
CA ASN C 418 29.36 -10.38 44.69
C ASN C 418 29.24 -11.22 43.45
N ALA C 419 28.17 -11.99 43.34
CA ALA C 419 27.96 -12.90 42.24
C ALA C 419 27.40 -12.15 41.02
N PRO C 420 28.04 -12.20 39.86
CA PRO C 420 27.57 -11.44 38.69
C PRO C 420 26.22 -11.90 38.13
N HIS C 421 25.53 -10.92 37.52
CA HIS C 421 24.28 -11.02 36.75
C HIS C 421 24.54 -11.23 35.29
N PHE C 422 23.62 -11.90 34.62
CA PHE C 422 23.68 -11.95 33.16
C PHE C 422 22.27 -11.95 32.58
N CYS C 423 22.11 -11.17 31.53
CA CYS C 423 20.95 -11.23 30.67
C CYS C 423 21.23 -12.31 29.63
N PHE C 424 20.21 -13.09 29.25
CA PHE C 424 20.36 -13.99 28.12
C PHE C 424 20.07 -13.21 26.82
N VAL C 425 21.09 -13.13 25.96
CA VAL C 425 20.99 -12.39 24.71
C VAL C 425 20.49 -13.31 23.61
N GLY C 426 21.21 -14.40 23.35
CA GLY C 426 20.86 -15.34 22.31
C GLY C 426 21.95 -16.38 22.09
N ARG C 427 21.69 -17.26 21.13
CA ARG C 427 22.68 -18.22 20.72
C ARG C 427 23.79 -17.57 19.88
N GLN C 428 25.04 -17.99 20.13
CA GLN C 428 26.21 -17.38 19.48
C GLN C 428 26.27 -17.67 17.97
N LYS C 429 25.66 -18.76 17.50
CA LYS C 429 25.78 -19.12 16.09
C LYS C 429 24.90 -18.23 15.20
N VAL C 430 25.46 -17.88 14.04
CA VAL C 430 24.81 -16.97 13.11
C VAL C 430 23.59 -17.64 12.52
N VAL C 431 22.49 -16.90 12.43
CA VAL C 431 21.19 -17.41 11.98
C VAL C 431 21.01 -17.22 10.48
N LEU C 432 21.39 -16.08 9.90
CA LEU C 432 21.24 -15.87 8.48
C LEU C 432 22.49 -15.21 7.91
N SER C 433 22.94 -15.67 6.74
CA SER C 433 24.04 -14.98 6.07
C SER C 433 23.92 -15.24 4.58
N ILE C 434 24.12 -14.21 3.77
CA ILE C 434 24.17 -14.33 2.31
C ILE C 434 25.59 -14.20 1.82
N ASP C 435 26.24 -13.08 2.08
CA ASP C 435 27.62 -12.81 1.72
C ASP C 435 28.29 -12.51 3.05
N MET C 436 28.66 -11.25 3.26
CA MET C 436 29.32 -10.81 4.47
C MET C 436 28.37 -10.41 5.59
N ASP C 437 27.07 -10.42 5.36
CA ASP C 437 26.15 -10.11 6.43
C ASP C 437 26.02 -11.30 7.37
N LYS C 438 26.11 -11.04 8.65
CA LYS C 438 25.85 -12.06 9.65
C LYS C 438 24.73 -11.55 10.54
N THR C 439 23.64 -12.31 10.62
CA THR C 439 22.46 -11.92 11.36
C THR C 439 22.25 -12.95 12.45
N TYR C 440 22.05 -12.49 13.68
CA TYR C 440 22.02 -13.40 14.79
C TYR C 440 20.63 -13.49 15.39
N GLU C 441 20.43 -14.49 16.23
CA GLU C 441 19.16 -14.62 16.94
C GLU C 441 18.69 -13.31 17.54
N ASP C 442 19.49 -12.68 18.41
CA ASP C 442 19.07 -11.46 19.08
C ASP C 442 18.61 -10.40 18.09
N ASP C 443 19.33 -10.29 16.96
CA ASP C 443 19.01 -9.33 15.92
C ASP C 443 17.65 -9.62 15.30
N LEU C 444 17.48 -10.85 14.81
CA LEU C 444 16.25 -11.27 14.17
C LEU C 444 15.08 -11.20 15.13
N LEU C 445 15.26 -11.73 16.34
CA LEU C 445 14.20 -11.65 17.35
C LEU C 445 13.76 -10.21 17.57
N LYS C 446 14.71 -9.28 17.63
CA LYS C 446 14.38 -7.88 17.81
C LYS C 446 13.64 -7.31 16.58
N ALA C 447 14.16 -7.57 15.38
CA ALA C 447 13.54 -7.05 14.17
C ALA C 447 12.14 -7.60 13.98
N VAL C 448 11.94 -8.88 14.26
CA VAL C 448 10.59 -9.43 14.19
C VAL C 448 9.67 -8.79 15.22
N THR C 449 10.17 -8.58 16.44
CA THR C 449 9.36 -7.98 17.49
C THR C 449 8.96 -6.56 17.16
N ASN C 450 9.89 -5.75 16.62
CA ASN C 450 9.52 -4.40 16.17
C ASN C 450 8.43 -4.46 15.12
N ALA C 451 8.59 -5.35 14.13
CA ALA C 451 7.63 -5.48 13.04
C ALA C 451 6.27 -5.95 13.53
N LYS C 452 6.23 -6.96 14.42
CA LYS C 452 4.96 -7.52 14.83
C LYS C 452 4.09 -6.53 15.60
N LEU C 453 4.62 -5.39 16.01
CA LEU C 453 3.78 -4.32 16.55
C LEU C 453 2.75 -3.89 15.52
N LEU C 454 3.12 -3.85 14.24
CA LEU C 454 2.22 -3.37 13.21
C LEU C 454 1.00 -4.27 13.02
N LEU C 455 1.09 -5.52 13.49
CA LEU C 455 -0.03 -6.44 13.43
C LEU C 455 -1.13 -6.04 14.40
N GLU C 456 -0.79 -5.57 15.60
CA GLU C 456 -1.72 -5.46 16.72
C GLU C 456 -2.84 -4.44 16.51
N PRO C 457 -2.62 -3.38 15.73
CA PRO C 457 -3.77 -2.53 15.36
C PRO C 457 -4.89 -3.28 14.66
N HIS C 458 -4.60 -3.99 13.59
CA HIS C 458 -5.49 -5.05 13.12
C HIS C 458 -5.55 -6.12 14.21
N ASP C 459 -6.47 -7.07 14.11
CA ASP C 459 -6.56 -7.96 15.27
C ASP C 459 -5.82 -9.28 15.04
N LEU C 460 -4.55 -9.11 14.69
CA LEU C 460 -3.62 -10.14 14.29
C LEU C 460 -2.45 -10.15 15.27
N MET C 461 -1.92 -11.34 15.53
CA MET C 461 -0.72 -11.42 16.36
C MET C 461 0.21 -12.52 15.85
N LEU C 462 1.51 -12.32 16.08
CA LEU C 462 2.52 -13.23 15.56
C LEU C 462 2.76 -14.34 16.55
N MET C 463 2.42 -15.57 16.13
CA MET C 463 2.42 -16.76 16.97
C MET C 463 3.80 -17.34 17.04
N ASP C 464 4.42 -17.52 15.87
CA ASP C 464 5.78 -18.03 15.86
C ASP C 464 6.39 -17.78 14.49
N PHE C 465 7.71 -17.72 14.46
CA PHE C 465 8.43 -17.37 13.24
C PHE C 465 9.68 -18.27 13.07
N THR C 466 10.20 -18.30 11.84
CA THR C 466 11.45 -18.98 11.53
C THR C 466 11.95 -18.46 10.19
N SER C 467 13.18 -18.80 9.83
CA SER C 467 13.81 -18.13 8.69
C SER C 467 14.71 -19.07 7.88
N ARG C 468 15.07 -18.60 6.68
CA ARG C 468 15.99 -19.26 5.75
C ARG C 468 16.49 -18.22 4.76
N VAL C 469 17.59 -18.55 4.08
CA VAL C 469 18.12 -17.71 3.01
C VAL C 469 17.73 -18.34 1.69
N ASP C 470 17.31 -17.52 0.74
CA ASP C 470 16.96 -17.97 -0.60
C ASP C 470 18.08 -17.55 -1.56
N SER C 471 18.90 -18.53 -1.95
CA SER C 471 19.95 -18.33 -2.94
C SER C 471 19.56 -18.88 -4.31
N SER C 472 18.27 -19.20 -4.49
CA SER C 472 17.81 -19.78 -5.76
C SER C 472 18.11 -18.85 -6.92
N SER C 473 17.66 -17.60 -6.82
CA SER C 473 17.94 -16.59 -7.83
C SER C 473 18.84 -15.53 -7.21
N PHE C 474 19.83 -15.09 -7.97
CA PHE C 474 20.65 -13.93 -7.60
C PHE C 474 19.85 -12.64 -7.80
N PRO C 475 19.97 -11.66 -6.86
CA PRO C 475 20.70 -11.75 -5.59
C PRO C 475 19.87 -12.47 -4.55
N GLY C 476 20.52 -13.17 -3.66
CA GLY C 476 19.79 -13.82 -2.59
C GLY C 476 19.12 -12.84 -1.64
N HIS C 477 18.18 -13.39 -0.87
CA HIS C 477 17.43 -12.59 0.08
C HIS C 477 17.04 -13.43 1.29
N TYR C 478 16.53 -12.76 2.31
CA TYR C 478 16.07 -13.43 3.51
C TYR C 478 14.61 -13.80 3.40
N VAL C 479 14.25 -14.98 3.88
CA VAL C 479 12.88 -15.43 3.94
C VAL C 479 12.53 -15.65 5.40
N ILE C 480 11.55 -14.92 5.90
CA ILE C 480 10.99 -15.12 7.22
C ILE C 480 9.63 -15.78 7.11
N TYR C 481 9.39 -16.78 7.94
CA TYR C 481 8.11 -17.45 7.99
C TYR C 481 7.34 -16.98 9.22
N TRP C 482 6.10 -16.56 9.02
CA TRP C 482 5.28 -16.01 10.08
C TRP C 482 3.99 -16.79 10.14
N GLU C 483 3.62 -17.22 11.32
CA GLU C 483 2.29 -17.75 11.58
C GLU C 483 1.51 -16.74 12.42
N LEU C 484 0.39 -16.25 11.87
CA LEU C 484 -0.41 -15.22 12.51
C LEU C 484 -1.63 -15.84 13.17
N GLY C 485 -2.30 -15.03 13.98
CA GLY C 485 -3.55 -15.39 14.62
C GLY C 485 -4.37 -14.15 14.95
N PRO C 495 -5.18 -10.77 6.20
CA PRO C 495 -3.84 -10.15 6.23
C PRO C 495 -3.65 -9.31 4.96
N ASN C 496 -3.36 -8.02 5.09
CA ASN C 496 -3.37 -7.15 3.94
C ASN C 496 -1.97 -6.92 3.37
N ARG C 497 -1.91 -6.78 2.04
CA ARG C 497 -0.65 -6.56 1.35
C ARG C 497 0.08 -5.33 1.90
N ASP C 498 -0.65 -4.21 2.03
CA ASP C 498 -0.03 -2.97 2.50
C ASP C 498 0.63 -3.16 3.85
N VAL C 499 -0.10 -3.70 4.82
CA VAL C 499 0.46 -3.93 6.16
C VAL C 499 1.67 -4.84 6.10
N MET C 500 1.52 -6.02 5.49
CA MET C 500 2.60 -6.99 5.51
C MET C 500 3.86 -6.47 4.81
N GLU C 501 3.71 -5.62 3.81
CA GLU C 501 4.93 -5.06 3.25
C GLU C 501 5.54 -4.03 4.18
N GLU C 502 4.74 -3.34 4.99
CA GLU C 502 5.35 -2.47 5.99
C GLU C 502 6.03 -3.26 7.11
N CYS C 503 5.61 -4.51 7.33
CA CYS C 503 6.33 -5.37 8.26
C CYS C 503 7.65 -5.83 7.69
N CYS C 504 7.66 -6.23 6.40
CA CYS C 504 8.89 -6.59 5.71
C CYS C 504 9.96 -5.52 5.87
N PHE C 505 9.60 -4.27 5.58
CA PHE C 505 10.56 -3.16 5.72
C PHE C 505 11.04 -3.01 7.17
N THR C 506 10.13 -3.17 8.13
CA THR C 506 10.51 -2.93 9.51
C THR C 506 11.52 -3.97 10.00
N VAL C 507 11.43 -5.19 9.47
CA VAL C 507 12.45 -6.18 9.80
C VAL C 507 13.79 -5.73 9.24
N GLU C 508 13.81 -5.33 7.97
CA GLU C 508 15.06 -4.95 7.32
C GLU C 508 15.70 -3.77 8.03
N GLU C 509 14.89 -2.80 8.44
CA GLU C 509 15.41 -1.60 9.05
C GLU C 509 16.06 -1.88 10.40
N SER C 510 15.74 -3.01 11.03
CA SER C 510 16.29 -3.37 12.32
C SER C 510 17.50 -4.29 12.21
N LEU C 511 17.92 -4.63 11.01
CA LEU C 511 19.06 -5.50 10.80
C LEU C 511 20.30 -4.67 10.70
N ASP C 512 21.46 -5.33 10.78
CA ASP C 512 22.76 -4.68 10.94
C ASP C 512 23.16 -3.84 9.73
N ALA C 513 24.13 -2.96 9.94
CA ALA C 513 24.53 -2.02 8.91
C ALA C 513 25.11 -2.69 7.69
N VAL C 514 25.69 -3.90 7.83
CA VAL C 514 26.26 -4.59 6.67
C VAL C 514 25.18 -5.07 5.73
N TYR C 515 24.20 -5.77 6.28
CA TYR C 515 22.99 -6.09 5.53
C TYR C 515 22.44 -4.88 4.79
N ARG C 516 22.22 -3.79 5.51
CA ARG C 516 21.58 -2.65 4.89
C ARG C 516 22.45 -2.02 3.80
N LYS C 517 23.78 -2.08 3.95
CA LYS C 517 24.65 -1.59 2.88
C LYS C 517 24.49 -2.45 1.66
N GLY C 518 24.30 -3.75 1.87
CA GLY C 518 24.08 -4.64 0.74
C GLY C 518 22.80 -4.40 -0.01
N ARG C 519 21.78 -3.84 0.65
CA ARG C 519 20.56 -3.51 -0.05
C ARG C 519 20.63 -2.16 -0.75
N LYS C 520 21.22 -1.17 -0.07
CA LYS C 520 21.23 0.22 -0.56
C LYS C 520 22.36 0.51 -1.54
N ASN C 521 23.55 -0.01 -1.25
CA ASN C 521 24.77 0.37 -1.94
C ASN C 521 25.28 -0.76 -2.82
N ASP C 522 25.60 -1.91 -2.20
CA ASP C 522 26.22 -3.04 -2.90
C ASP C 522 25.25 -3.74 -3.86
N LYS C 523 23.97 -3.77 -3.52
CA LYS C 523 22.91 -4.40 -4.31
C LYS C 523 23.07 -5.91 -4.38
N ASN C 524 23.91 -6.50 -3.54
CA ASN C 524 24.07 -7.94 -3.51
C ASN C 524 23.11 -8.61 -2.53
N ILE C 525 22.23 -7.86 -1.91
CA ILE C 525 21.13 -8.44 -1.14
C ILE C 525 19.82 -8.01 -1.76
N GLY C 526 18.85 -8.91 -1.72
CA GLY C 526 17.56 -8.64 -2.29
C GLY C 526 16.51 -8.34 -1.24
N PRO C 527 15.39 -7.81 -1.69
CA PRO C 527 14.27 -7.51 -0.79
C PRO C 527 13.89 -8.65 0.11
N LEU C 528 13.75 -8.36 1.40
CA LEU C 528 13.27 -9.35 2.35
C LEU C 528 11.85 -9.80 2.00
N GLU C 529 11.56 -11.04 2.32
CA GLU C 529 10.30 -11.69 2.00
C GLU C 529 9.74 -12.35 3.25
N ILE C 530 8.47 -12.10 3.53
CA ILE C 530 7.75 -12.79 4.59
C ILE C 530 6.75 -13.71 3.94
N LYS C 531 6.70 -14.98 4.37
CA LYS C 531 5.69 -15.95 3.93
C LYS C 531 4.78 -16.28 5.11
N VAL C 532 3.50 -15.98 4.98
CA VAL C 532 2.54 -16.32 6.02
C VAL C 532 2.17 -17.79 5.86
N VAL C 533 2.10 -18.52 6.96
CA VAL C 533 1.90 -19.98 6.90
C VAL C 533 0.64 -20.34 7.67
N LYS C 534 0.03 -21.45 7.27
CA LYS C 534 -1.22 -21.93 7.86
C LYS C 534 -1.06 -22.07 9.37
N PRO C 535 -2.08 -21.75 10.16
CA PRO C 535 -1.99 -22.00 11.60
C PRO C 535 -1.60 -23.44 11.88
N GLY C 536 -0.76 -23.63 12.90
CA GLY C 536 -0.28 -24.93 13.27
C GLY C 536 0.78 -25.49 12.36
N ALA C 537 1.21 -24.76 11.34
CA ALA C 537 2.41 -25.15 10.61
C ALA C 537 3.58 -25.27 11.57
N PHE C 538 3.69 -24.33 12.50
CA PHE C 538 4.79 -24.46 13.44
C PHE C 538 4.52 -25.60 14.38
N ASP C 539 3.24 -25.92 14.61
CA ASP C 539 2.93 -27.11 15.41
C ASP C 539 3.31 -28.37 14.65
N GLU C 540 3.13 -28.36 13.34
CA GLU C 540 3.55 -29.52 12.55
C GLU C 540 5.06 -29.58 12.44
N LEU C 541 5.71 -28.41 12.39
CA LEU C 541 7.17 -28.42 12.33
C LEU C 541 7.74 -29.08 13.56
N MET C 542 7.14 -28.81 14.73
CA MET C 542 7.63 -29.44 15.95
C MET C 542 7.36 -30.93 15.94
N ASN C 543 6.21 -31.37 15.41
CA ASN C 543 6.00 -32.80 15.27
C ASN C 543 7.11 -33.44 14.43
N PHE C 544 7.50 -32.76 13.35
CA PHE C 544 8.59 -33.23 12.52
C PHE C 544 9.85 -33.52 13.32
N PHE C 545 10.33 -32.54 14.08
CA PHE C 545 11.59 -32.76 14.80
C PHE C 545 11.42 -33.82 15.87
N LEU C 546 10.25 -33.91 16.50
CA LEU C 546 10.06 -34.92 17.54
C LEU C 546 10.28 -36.33 17.01
N SER C 547 9.81 -36.59 15.78
CA SER C 547 10.05 -37.91 15.20
C SER C 547 11.53 -38.17 15.02
N ARG C 548 12.32 -37.12 14.92
CA ARG C 548 13.68 -37.20 14.42
C ARG C 548 14.67 -36.74 15.47
N GLY C 549 14.44 -37.16 16.72
CA GLY C 549 15.42 -37.03 17.78
C GLY C 549 15.16 -35.98 18.81
N SER C 550 14.06 -35.26 18.74
CA SER C 550 13.85 -34.14 19.64
C SER C 550 12.97 -34.58 20.83
N SER C 551 12.79 -33.65 21.76
CA SER C 551 12.18 -33.86 23.07
C SER C 551 11.13 -32.78 23.24
N VAL C 552 9.90 -33.16 23.62
CA VAL C 552 8.85 -32.15 23.89
C VAL C 552 9.29 -31.18 24.98
N SER C 553 9.81 -31.70 26.08
CA SER C 553 10.02 -30.80 27.20
C SER C 553 11.19 -29.87 26.96
N GLN C 554 12.15 -30.25 26.11
CA GLN C 554 13.33 -29.44 25.86
C GLN C 554 13.32 -28.82 24.46
N TYR C 555 12.21 -28.90 23.73
CA TYR C 555 12.13 -28.41 22.37
C TYR C 555 12.22 -26.89 22.28
N LYS C 556 12.84 -26.40 21.20
CA LYS C 556 12.93 -24.98 20.87
C LYS C 556 12.68 -24.77 19.39
N THR C 557 11.85 -23.82 19.04
CA THR C 557 11.64 -23.53 17.63
C THR C 557 12.96 -23.03 17.02
N PRO C 558 13.48 -23.69 15.98
CA PRO C 558 14.64 -23.14 15.26
C PRO C 558 14.30 -21.83 14.58
N ARG C 559 15.12 -20.82 14.81
CA ARG C 559 14.98 -19.55 14.13
C ARG C 559 15.65 -19.55 12.76
N SER C 560 16.33 -20.63 12.41
CA SER C 560 16.91 -20.88 11.09
C SER C 560 16.51 -22.27 10.74
N VAL C 561 16.30 -22.53 9.47
CA VAL C 561 15.97 -23.86 9.01
C VAL C 561 16.82 -24.16 7.80
N THR C 562 17.59 -25.22 7.90
CA THR C 562 18.40 -25.72 6.82
C THR C 562 17.99 -27.10 6.39
N ASN C 563 17.23 -27.81 7.20
CA ASN C 563 16.80 -29.17 6.94
C ASN C 563 15.72 -29.22 5.85
N GLU C 564 16.04 -29.85 4.71
CA GLU C 564 15.14 -29.77 3.58
C GLU C 564 13.81 -30.43 3.88
N GLU C 565 13.81 -31.33 4.85
CA GLU C 565 12.56 -31.98 5.22
C GLU C 565 11.63 -31.03 5.99
N ALA C 566 12.19 -30.14 6.78
CA ALA C 566 11.38 -29.11 7.43
C ALA C 566 10.86 -28.10 6.42
N LEU C 567 11.75 -27.54 5.60
CA LEU C 567 11.31 -26.63 4.55
C LEU C 567 10.17 -27.20 3.72
N LYS C 568 10.16 -28.52 3.49
CA LYS C 568 8.97 -29.11 2.84
C LYS C 568 7.74 -28.69 3.59
N ILE C 569 7.74 -28.90 4.90
CA ILE C 569 6.57 -28.62 5.71
C ILE C 569 6.26 -27.14 5.68
N LEU C 570 7.28 -26.32 5.93
CA LEU C 570 7.10 -24.87 5.94
C LEU C 570 6.53 -24.40 4.62
N GLU C 571 7.12 -24.84 3.49
CA GLU C 571 6.69 -24.34 2.19
C GLU C 571 5.28 -24.82 1.87
N ALA C 572 4.98 -26.08 2.20
CA ALA C 572 3.66 -26.64 1.97
C ALA C 572 2.56 -25.88 2.68
N ASN C 573 2.90 -25.06 3.68
CA ASN C 573 1.93 -24.34 4.48
C ASN C 573 1.92 -22.85 4.16
N VAL C 574 2.72 -22.41 3.22
CA VAL C 574 2.66 -21.01 2.83
C VAL C 574 1.30 -20.73 2.20
N ILE C 575 0.72 -19.56 2.49
CA ILE C 575 -0.50 -19.15 1.80
C ILE C 575 -0.39 -17.77 1.15
N SER C 576 0.52 -16.92 1.59
CA SER C 576 0.74 -15.63 0.96
C SER C 576 2.22 -15.31 1.04
N GLU C 577 2.69 -14.50 0.13
CA GLU C 577 4.09 -14.08 0.09
C GLU C 577 4.14 -12.58 -0.13
N PHE C 578 5.00 -11.91 0.64
CA PHE C 578 5.14 -10.47 0.60
C PHE C 578 6.60 -10.08 0.51
N LEU C 579 6.86 -8.92 -0.08
CA LEU C 579 8.22 -8.44 -0.24
C LEU C 579 8.32 -6.98 0.22
N SER C 580 9.52 -6.60 0.61
CA SER C 580 9.78 -5.25 1.03
C SER C 580 9.88 -4.31 -0.18
N ARG C 581 9.19 -3.18 -0.11
CA ARG C 581 9.06 -2.22 -1.19
C ARG C 581 9.84 -0.94 -0.93
N LYS C 582 10.63 -0.91 0.14
CA LYS C 582 11.46 0.23 0.49
C LYS C 582 12.86 -0.29 0.76
N ILE C 583 13.85 0.54 0.44
CA ILE C 583 15.24 0.17 0.64
C ILE C 583 15.58 0.71 2.01
N PRO C 584 16.17 -0.09 2.90
CA PRO C 584 16.59 0.45 4.20
C PRO C 584 17.63 1.54 4.02
N SER C 585 17.86 2.31 5.08
CA SER C 585 18.81 3.42 5.06
C SER C 585 20.23 2.97 5.37
N TRP C 586 21.20 3.72 4.85
CA TRP C 586 22.61 3.41 5.11
C TRP C 586 23.48 4.65 4.86
N GLU C 587 24.60 4.72 5.61
CA GLU C 587 25.67 5.72 5.42
C GLU C 587 26.98 5.31 6.14
N PRO D 3 13.92 20.27 2.47
CA PRO D 3 14.76 20.54 1.30
C PRO D 3 13.93 21.08 0.15
N LYS D 4 14.02 22.37 -0.16
CA LYS D 4 13.16 22.99 -1.16
C LYS D 4 13.91 23.27 -2.45
N PHE D 5 13.40 22.79 -3.57
CA PHE D 5 14.04 23.08 -4.83
C PHE D 5 13.95 24.58 -5.09
N ASP D 6 14.88 25.11 -5.93
CA ASP D 6 15.12 26.56 -6.01
C ASP D 6 14.26 27.22 -7.09
N PRO D 7 13.28 28.19 -6.73
CA PRO D 7 12.40 28.75 -7.76
C PRO D 7 13.10 29.23 -9.04
N THR D 8 14.09 30.15 -8.97
CA THR D 8 14.39 31.25 -9.92
C THR D 8 13.22 32.21 -9.97
N ASN D 9 13.43 33.39 -9.42
CA ASN D 9 12.36 34.11 -8.76
C ASN D 9 11.37 34.86 -9.68
N GLN D 10 11.50 34.80 -11.00
CA GLN D 10 10.53 35.43 -11.90
C GLN D 10 10.03 34.38 -12.90
N LYS D 11 8.83 33.85 -12.66
CA LYS D 11 8.35 32.84 -13.58
C LYS D 11 6.87 32.50 -13.33
N ALA D 12 6.31 31.84 -14.33
CA ALA D 12 5.20 30.94 -14.15
C ALA D 12 5.70 29.74 -13.36
N CYS D 13 6.34 29.97 -12.22
CA CYS D 13 6.73 28.91 -11.30
C CYS D 13 5.86 28.90 -10.07
N LEU D 14 4.59 29.24 -10.29
CA LEU D 14 3.47 28.56 -9.64
C LEU D 14 3.51 27.06 -9.88
N SER D 15 4.30 26.61 -10.87
CA SER D 15 4.57 25.20 -11.05
C SER D 15 5.10 24.58 -9.76
N LEU D 16 6.16 25.15 -9.18
CA LEU D 16 6.72 24.58 -7.94
C LEU D 16 5.71 24.59 -6.80
N LEU D 17 4.91 25.66 -6.70
CA LEU D 17 3.80 25.64 -5.76
C LEU D 17 2.83 24.50 -6.06
N GLU D 18 2.67 24.15 -7.32
CA GLU D 18 1.78 23.05 -7.63
C GLU D 18 2.40 21.71 -7.26
N ASP D 19 3.73 21.57 -7.38
CA ASP D 19 4.38 20.31 -7.00
C ASP D 19 4.34 20.12 -5.50
N LEU D 20 4.72 21.16 -4.74
CA LEU D 20 4.78 21.03 -3.29
C LEU D 20 3.44 20.59 -2.76
N THR D 21 2.37 21.06 -3.38
CA THR D 21 1.04 20.75 -2.91
C THR D 21 0.50 19.45 -3.48
N THR D 22 1.11 18.92 -4.53
CA THR D 22 0.65 17.67 -5.09
C THR D 22 1.37 16.49 -4.52
N ASN D 23 2.67 16.61 -4.31
CA ASN D 23 3.44 15.49 -3.80
C ASN D 23 3.62 15.57 -2.30
N VAL D 24 2.50 15.71 -1.58
CA VAL D 24 2.57 16.00 -0.15
C VAL D 24 3.14 14.83 0.65
N LYS D 25 2.74 13.60 0.32
CA LYS D 25 3.14 12.48 1.16
C LYS D 25 4.61 12.15 0.97
N GLN D 26 5.09 12.13 -0.28
CA GLN D 26 6.50 11.84 -0.51
C GLN D 26 7.36 12.84 0.21
N ILE D 27 7.08 14.13 0.04
CA ILE D 27 7.95 15.18 0.58
C ILE D 27 8.03 15.10 2.10
N GLN D 28 6.88 14.91 2.75
CA GLN D 28 6.87 14.71 4.19
C GLN D 28 7.73 13.51 4.63
N ASP D 29 7.73 12.42 3.85
CA ASP D 29 8.60 11.29 4.16
C ASP D 29 10.05 11.66 3.93
N SER D 30 10.32 12.39 2.85
CA SER D 30 11.69 12.79 2.54
C SER D 30 12.27 13.77 3.54
N VAL D 31 11.42 14.64 4.10
CA VAL D 31 11.84 15.64 5.06
C VAL D 31 12.21 15.00 6.38
N LEU D 32 11.38 14.07 6.89
CA LEU D 32 11.62 13.51 8.23
C LEU D 32 12.87 12.61 8.24
N GLU D 33 13.07 11.81 7.20
CA GLU D 33 14.25 10.98 7.15
C GLU D 33 15.50 11.84 7.03
N ALA D 34 15.44 12.96 6.32
CA ALA D 34 16.54 13.92 6.37
C ALA D 34 16.80 14.39 7.81
N ILE D 35 15.79 14.94 8.48
CA ILE D 35 15.96 15.49 9.82
C ILE D 35 16.54 14.46 10.77
N LEU D 36 16.13 13.20 10.62
CA LEU D 36 16.56 12.15 11.52
C LEU D 36 17.98 11.67 11.19
N SER D 37 18.36 11.61 9.90
CA SER D 37 19.69 11.11 9.56
C SER D 37 20.75 12.08 9.96
N ARG D 38 20.59 13.35 9.57
CA ARG D 38 21.48 14.40 10.03
C ARG D 38 21.57 14.41 11.55
N ASN D 39 20.48 14.70 12.25
CA ASN D 39 20.52 14.89 13.69
C ASN D 39 20.57 13.59 14.51
N ALA D 40 20.99 12.48 13.89
CA ALA D 40 21.03 11.21 14.59
C ALA D 40 22.04 11.21 15.70
N GLN D 41 22.99 12.15 15.66
CA GLN D 41 24.12 12.20 16.58
C GLN D 41 23.95 13.28 17.64
N THR D 42 22.86 13.99 17.65
CA THR D 42 22.66 15.04 18.62
C THR D 42 22.38 14.42 19.99
N GLU D 43 22.78 15.14 21.04
CA GLU D 43 22.52 14.65 22.39
C GLU D 43 21.05 14.35 22.59
N TYR D 44 20.17 15.24 22.10
CA TYR D 44 18.73 15.14 22.33
C TYR D 44 18.14 13.92 21.62
N LEU D 45 18.26 13.88 20.29
CA LEU D 45 17.71 12.76 19.50
C LEU D 45 18.36 11.42 19.85
N ARG D 46 19.67 11.42 20.12
CA ARG D 46 20.38 10.17 20.37
C ARG D 46 19.80 9.42 21.56
N GLY D 47 19.38 10.16 22.59
CA GLY D 47 18.84 9.55 23.81
C GLY D 47 17.58 8.76 23.58
N PHE D 48 16.83 9.08 22.53
CA PHE D 48 15.59 8.38 22.16
C PHE D 48 15.75 7.43 20.99
N LEU D 49 16.48 7.81 19.95
CA LEU D 49 16.74 6.99 18.76
C LEU D 49 18.24 6.68 18.74
N ASN D 50 18.63 5.49 19.19
CA ASN D 50 20.06 5.21 19.23
C ASN D 50 20.55 5.01 17.81
N GLY D 51 20.50 6.08 17.01
CA GLY D 51 20.86 6.06 15.61
C GLY D 51 19.75 5.72 14.62
N GLN D 52 18.54 5.39 15.06
CA GLN D 52 17.47 4.96 14.14
C GLN D 52 16.96 6.14 13.35
N VAL D 53 16.70 5.93 12.07
CA VAL D 53 16.36 7.06 11.21
C VAL D 53 15.02 6.88 10.53
N ASP D 54 14.21 5.90 10.96
CA ASP D 54 12.95 5.67 10.26
C ASP D 54 11.76 5.79 11.19
N LYS D 55 10.60 5.98 10.55
CA LYS D 55 9.44 6.63 11.13
C LYS D 55 8.75 5.80 12.23
N GLN D 56 8.78 4.46 12.15
CA GLN D 56 8.05 3.73 13.20
C GLN D 56 8.79 3.79 14.54
N ASN D 57 10.12 3.86 14.52
CA ASN D 57 10.85 4.06 15.78
C ASN D 57 10.68 5.47 16.28
N PHE D 58 10.58 6.44 15.36
CA PHE D 58 10.37 7.85 15.70
C PHE D 58 9.08 8.07 16.48
N LYS D 59 7.95 7.56 15.97
CA LYS D 59 6.69 7.69 16.70
C LYS D 59 6.66 6.83 17.96
N LYS D 60 7.34 5.70 17.95
CA LYS D 60 7.37 4.86 19.13
C LYS D 60 8.24 5.45 20.23
N ASN D 61 9.27 6.23 19.91
CA ASN D 61 10.36 6.47 20.86
C ASN D 61 10.67 7.94 21.13
N VAL D 62 10.20 8.88 20.32
CA VAL D 62 10.43 10.29 20.58
C VAL D 62 9.19 10.85 21.27
N PRO D 63 9.31 11.42 22.47
CA PRO D 63 8.14 12.06 23.09
C PRO D 63 7.62 13.25 22.29
N VAL D 64 6.34 13.51 22.44
CA VAL D 64 5.72 14.76 22.03
C VAL D 64 5.89 15.77 23.18
N VAL D 65 6.51 16.92 22.90
CA VAL D 65 6.98 17.81 23.97
C VAL D 65 6.35 19.20 23.84
N THR D 66 6.29 19.91 24.99
CA THR D 66 6.12 21.35 25.00
C THR D 66 7.45 22.05 25.19
N TYR D 67 7.42 23.38 25.11
CA TYR D 67 8.63 24.16 25.35
C TYR D 67 9.17 23.94 26.74
N GLU D 68 8.29 23.72 27.72
CA GLU D 68 8.81 23.58 29.06
C GLU D 68 9.64 22.35 29.20
N ASP D 69 9.39 21.34 28.36
CA ASP D 69 10.12 20.07 28.42
C ASP D 69 11.53 20.22 27.88
N ILE D 70 11.71 21.02 26.83
CA ILE D 70 13.00 21.15 26.17
C ILE D 70 13.76 22.42 26.58
N ARG D 71 13.23 23.21 27.52
CA ARG D 71 13.79 24.54 27.78
C ARG D 71 15.23 24.47 28.26
N SER D 72 15.55 23.46 29.08
CA SER D 72 16.89 23.32 29.62
C SER D 72 17.92 23.17 28.52
N TYR D 73 17.54 22.50 27.43
CA TYR D 73 18.47 22.38 26.32
C TYR D 73 18.82 23.74 25.74
N ILE D 74 17.83 24.62 25.64
CA ILE D 74 18.08 25.93 25.04
C ILE D 74 18.87 26.81 25.99
N ASP D 75 18.52 26.77 27.28
CA ASP D 75 19.27 27.50 28.28
C ASP D 75 20.73 27.16 28.17
N ARG D 76 21.03 25.91 27.82
CA ARG D 76 22.42 25.49 27.68
C ARG D 76 23.05 26.06 26.42
N ILE D 77 22.33 26.01 25.28
CA ILE D 77 22.84 26.62 24.05
C ILE D 77 23.09 28.10 24.26
N ALA D 78 22.12 28.79 24.89
CA ALA D 78 22.25 30.21 25.20
C ALA D 78 23.51 30.47 26.00
N ASN D 79 23.81 29.57 26.95
CA ASN D 79 24.94 29.68 27.85
C ASN D 79 26.22 29.11 27.27
N GLY D 80 26.20 28.64 26.03
CA GLY D 80 27.42 28.44 25.28
C GLY D 80 27.71 27.04 24.97
N GLU D 81 26.75 26.16 25.17
CA GLU D 81 26.93 24.77 24.82
C GLU D 81 26.76 24.62 23.31
N PRO D 82 27.33 23.56 22.74
CA PRO D 82 27.27 23.39 21.28
C PRO D 82 25.84 23.17 20.81
N SER D 83 25.59 23.53 19.55
CA SER D 83 24.31 23.20 18.95
C SER D 83 24.03 21.71 18.97
N ASP D 84 25.07 20.86 18.99
CA ASP D 84 24.89 19.41 18.91
C ASP D 84 23.92 18.85 19.95
N LEU D 85 23.59 19.60 20.99
CA LEU D 85 22.63 19.06 21.93
C LEU D 85 21.34 18.76 21.22
N ILE D 86 20.96 19.58 20.22
CA ILE D 86 19.67 19.42 19.57
C ILE D 86 19.77 19.45 18.04
N CYS D 87 20.91 19.87 17.48
CA CYS D 87 20.91 20.19 16.06
C CYS D 87 22.27 19.89 15.42
N ASP D 88 22.24 19.54 14.14
CA ASP D 88 23.44 19.19 13.40
C ASP D 88 24.17 20.37 12.82
N ARG D 89 23.51 21.30 12.36
CA ARG D 89 23.88 22.57 11.77
C ARG D 89 23.93 23.63 12.86
N PRO D 90 24.83 24.60 12.71
CA PRO D 90 25.02 25.63 13.76
C PRO D 90 23.82 26.56 13.93
N ILE D 91 23.63 26.97 15.19
CA ILE D 91 22.52 27.84 15.59
C ILE D 91 22.96 29.29 15.41
N SER D 92 22.38 29.98 14.42
CA SER D 92 22.79 31.36 14.14
C SER D 92 22.18 32.33 15.15
N VAL D 93 20.89 32.16 15.48
CA VAL D 93 20.19 33.06 16.38
C VAL D 93 19.32 32.24 17.32
N LEU D 94 18.89 32.88 18.41
CA LEU D 94 17.72 32.49 19.18
C LEU D 94 16.64 33.56 18.99
N LEU D 95 15.41 33.13 18.76
CA LEU D 95 14.30 34.03 18.50
C LEU D 95 13.45 34.22 19.75
N THR D 96 13.03 35.46 20.01
CA THR D 96 12.12 35.79 21.11
C THR D 96 10.68 35.68 20.59
N SER D 97 9.84 35.01 21.35
CA SER D 97 8.63 34.39 20.81
C SER D 97 7.37 35.08 21.31
N SER D 98 6.23 34.60 20.77
CA SER D 98 4.91 35.06 21.18
C SER D 98 4.54 34.48 22.53
N GLY D 99 4.49 33.15 22.63
CA GLY D 99 4.20 32.49 23.89
C GLY D 99 5.16 32.91 25.00
N THR D 100 4.82 32.52 26.23
CA THR D 100 5.55 33.03 27.40
C THR D 100 6.41 31.93 28.02
N VAL D 104 7.95 35.30 30.81
CA VAL D 104 8.90 35.78 29.79
C VAL D 104 8.88 35.02 28.46
N PRO D 105 9.29 35.73 27.40
CA PRO D 105 9.34 35.13 26.05
C PRO D 105 10.18 33.85 25.99
N LYS D 106 9.83 33.01 25.04
CA LYS D 106 10.62 31.82 24.73
C LYS D 106 11.81 32.16 23.84
N LEU D 107 12.83 31.32 23.90
CA LEU D 107 13.94 31.41 22.98
C LEU D 107 13.88 30.20 22.04
N ILE D 108 13.74 30.45 20.75
CA ILE D 108 13.61 29.38 19.75
C ILE D 108 14.87 29.38 18.90
N PRO D 109 15.55 28.27 18.78
CA PRO D 109 16.73 28.26 17.92
C PRO D 109 16.30 28.40 16.48
N LEU D 110 17.18 29.00 15.71
CA LEU D 110 17.02 29.11 14.28
C LEU D 110 18.39 28.97 13.63
N THR D 111 18.45 28.15 12.60
CA THR D 111 19.67 27.96 11.83
C THR D 111 19.54 28.64 10.49
N THR D 112 20.67 29.09 9.92
CA THR D 112 20.63 29.91 8.71
C THR D 112 19.88 29.21 7.58
N GLU D 113 20.16 27.92 7.37
CA GLU D 113 19.52 27.16 6.30
C GLU D 113 18.01 27.21 6.44
N ASP D 114 17.51 27.16 7.67
CA ASP D 114 16.06 27.21 7.89
C ASP D 114 15.54 28.61 7.57
N LEU D 115 16.21 29.64 8.09
CA LEU D 115 15.86 31.03 7.82
C LEU D 115 15.81 31.29 6.33
N GLU D 116 16.78 30.76 5.59
CA GLU D 116 16.84 30.98 4.17
C GLU D 116 15.73 30.25 3.42
N GLN D 117 15.46 28.99 3.78
CA GLN D 117 14.37 28.27 3.14
C GLN D 117 13.06 29.03 3.31
N ARG D 118 12.86 29.69 4.45
CA ARG D 118 11.65 30.50 4.66
C ARG D 118 11.60 31.70 3.72
N ILE D 119 12.73 32.40 3.62
CA ILE D 119 12.78 33.57 2.76
C ILE D 119 12.59 33.13 1.33
N SER D 120 13.25 32.03 0.93
CA SER D 120 13.04 31.47 -0.41
C SER D 120 11.58 31.08 -0.65
N PHE D 121 10.89 30.65 0.38
CA PHE D 121 9.51 30.29 0.11
C PHE D 121 8.62 31.51 -0.07
N SER D 122 8.79 32.53 0.79
CA SER D 122 8.03 33.76 0.59
C SER D 122 8.21 34.28 -0.82
N SER D 123 9.36 33.96 -1.45
CA SER D 123 9.59 34.29 -2.85
C SER D 123 8.70 33.49 -3.77
N LEU D 124 8.73 32.16 -3.64
CA LEU D 124 7.84 31.31 -4.42
C LEU D 124 6.41 31.80 -4.38
N TYR D 125 5.94 32.26 -3.19
CA TYR D 125 4.53 32.61 -3.03
C TYR D 125 4.16 33.96 -3.65
N ALA D 126 5.11 34.87 -3.81
CA ALA D 126 4.80 36.18 -4.36
C ALA D 126 4.10 36.16 -5.71
N PRO D 127 4.39 35.23 -6.64
CA PRO D 127 3.70 35.27 -7.94
C PRO D 127 2.25 34.90 -7.85
N LEU D 128 1.84 34.07 -6.88
CA LEU D 128 0.41 33.77 -6.76
C LEU D 128 -0.41 35.03 -6.46
N LEU D 129 0.11 35.91 -5.61
CA LEU D 129 -0.61 37.14 -5.28
C LEU D 129 -0.80 38.01 -6.52
N TYR D 130 0.19 38.07 -7.42
CA TYR D 130 0.03 38.86 -8.64
C TYR D 130 -1.08 38.32 -9.50
N LYS D 131 -1.17 36.98 -9.62
CA LYS D 131 -2.19 36.36 -10.45
C LYS D 131 -3.59 36.69 -9.96
N HIS D 132 -3.80 36.68 -8.63
CA HIS D 132 -5.13 36.84 -8.06
C HIS D 132 -5.52 38.31 -7.93
N ILE D 133 -4.64 39.16 -7.43
CA ILE D 133 -4.92 40.60 -7.32
C ILE D 133 -4.35 41.31 -8.55
N ASP D 134 -5.19 42.09 -9.22
CA ASP D 134 -4.85 42.69 -10.50
C ASP D 134 -4.00 43.95 -10.35
N GLY D 135 -3.02 44.11 -11.24
CA GLY D 135 -2.24 45.32 -11.27
C GLY D 135 -1.43 45.58 -10.02
N LEU D 136 -1.36 44.60 -9.11
CA LEU D 136 -0.45 44.65 -7.97
C LEU D 136 1.00 44.82 -8.43
N SER D 137 1.33 44.30 -9.61
CA SER D 137 2.63 44.52 -10.23
C SER D 137 2.87 45.98 -10.64
N GLU D 138 1.83 46.84 -10.63
CA GLU D 138 1.94 48.21 -11.11
C GLU D 138 2.78 49.10 -10.19
N GLY D 139 2.82 48.79 -8.89
CA GLY D 139 3.48 49.64 -7.93
C GLY D 139 4.37 48.86 -6.98
N LYS D 140 4.76 49.50 -5.87
CA LYS D 140 5.54 48.88 -4.81
C LYS D 140 4.64 48.59 -3.61
N SER D 141 5.18 47.93 -2.60
CA SER D 141 4.43 47.65 -1.37
C SER D 141 4.85 48.62 -0.26
N LEU D 142 3.85 49.22 0.41
CA LEU D 142 4.10 49.94 1.67
C LEU D 142 3.58 49.07 2.80
N ILE D 143 4.46 48.23 3.33
CA ILE D 143 4.17 47.31 4.42
C ILE D 143 5.21 47.53 5.49
N PHE D 144 4.73 47.81 6.72
CA PHE D 144 5.58 48.29 7.81
C PHE D 144 6.18 47.14 8.63
N TYR D 145 7.49 47.01 8.58
CA TYR D 145 8.21 46.15 9.50
C TYR D 145 9.16 47.01 10.32
N PHE D 146 9.38 46.62 11.56
CA PHE D 146 10.36 47.29 12.39
C PHE D 146 11.25 46.24 13.05
N VAL D 147 12.49 46.64 13.35
CA VAL D 147 13.44 45.80 14.07
C VAL D 147 13.38 46.14 15.55
N THR D 148 13.81 45.20 16.37
CA THR D 148 13.88 45.39 17.82
C THR D 148 15.32 45.38 18.23
N ARG D 149 15.66 46.15 19.26
CA ARG D 149 17.01 46.08 19.79
C ARG D 149 17.29 44.65 20.14
N GLU D 150 18.55 44.26 20.01
CA GLU D 150 18.93 42.86 20.12
C GLU D 150 19.92 42.66 21.25
N SER D 151 20.06 41.40 21.65
CA SER D 151 21.01 41.02 22.66
C SER D 151 22.00 40.05 22.07
N LYS D 152 23.09 39.86 22.80
CA LYS D 152 24.20 39.01 22.38
C LYS D 152 24.65 38.23 23.62
N THR D 153 24.67 36.90 23.51
CA THR D 153 25.17 36.09 24.63
C THR D 153 26.68 36.23 24.77
N ALA D 154 27.20 35.58 25.82
CA ALA D 154 28.61 35.74 26.13
C ALA D 154 29.47 35.19 25.00
N ASN D 155 29.02 34.08 24.41
CA ASN D 155 29.76 33.44 23.34
C ASN D 155 29.36 33.98 22.00
N GLY D 156 28.64 35.10 21.98
CA GLY D 156 28.36 35.83 20.77
C GLY D 156 27.11 35.43 20.05
N LEU D 157 26.30 34.55 20.63
CA LEU D 157 25.06 34.13 20.01
C LEU D 157 24.04 35.26 20.10
N MET D 158 23.29 35.45 19.03
CA MET D 158 22.42 36.60 18.89
C MET D 158 20.98 36.26 19.25
N VAL D 159 20.37 37.12 20.05
CA VAL D 159 18.94 37.02 20.37
C VAL D 159 18.24 38.13 19.62
N ARG D 160 17.27 37.74 18.78
CA ARG D 160 16.57 38.66 17.90
C ARG D 160 15.10 38.28 17.81
N THR D 161 14.43 39.02 16.98
CA THR D 161 13.04 38.83 16.63
C THR D 161 13.03 38.27 15.24
N MET D 162 12.07 37.37 14.98
CA MET D 162 11.96 36.79 13.66
C MET D 162 11.94 37.86 12.56
N VAL D 163 11.16 38.92 12.77
CA VAL D 163 11.14 40.01 11.80
C VAL D 163 12.52 40.61 11.68
N THR D 164 13.20 40.80 12.82
CA THR D 164 14.54 41.36 12.79
C THR D 164 15.50 40.42 12.07
N SER D 165 15.30 39.11 12.20
CA SER D 165 16.11 38.18 11.42
C SER D 165 15.85 38.30 9.93
N PHE D 166 14.58 38.39 9.55
CA PHE D 166 14.24 38.38 8.13
C PHE D 166 14.77 39.62 7.43
N LEU D 167 14.65 40.78 8.07
CA LEU D 167 15.14 42.03 7.49
C LEU D 167 16.66 42.10 7.46
N LYS D 168 17.37 41.24 8.19
CA LYS D 168 18.82 41.26 8.21
C LYS D 168 19.43 40.40 7.12
N SER D 169 18.66 40.04 6.09
CA SER D 169 19.15 39.30 4.91
C SER D 169 18.68 39.93 3.59
N ASP D 179 13.53 44.17 -2.31
CA ASP D 179 14.36 45.39 -2.24
C ASP D 179 13.77 46.48 -3.13
N SER D 180 13.51 46.14 -4.39
CA SER D 180 12.93 47.02 -5.39
C SER D 180 11.43 46.84 -5.50
N LEU D 181 10.85 46.00 -4.67
CA LEU D 181 9.40 45.84 -4.56
C LEU D 181 8.82 46.69 -3.45
N GLN D 182 9.65 47.13 -2.51
CA GLN D 182 9.22 47.71 -1.25
C GLN D 182 9.46 49.21 -1.28
N VAL D 183 8.46 49.97 -0.85
CA VAL D 183 8.52 51.43 -0.94
C VAL D 183 9.70 51.96 -0.14
N SER D 184 9.80 51.55 1.09
CA SER D 184 10.67 52.14 2.09
C SER D 184 12.11 51.65 1.94
N PRO D 185 13.08 52.49 2.33
CA PRO D 185 14.49 52.07 2.27
C PRO D 185 14.87 51.14 3.41
N HIS D 186 15.61 50.09 3.07
CA HIS D 186 16.12 49.18 4.09
C HIS D 186 16.88 49.92 5.20
N ALA D 187 17.62 50.97 4.85
CA ALA D 187 18.30 51.77 5.87
C ALA D 187 17.30 52.29 6.91
N ILE D 188 16.08 52.64 6.47
CA ILE D 188 15.03 53.16 7.33
C ILE D 188 14.38 52.05 8.12
N THR D 189 14.06 50.91 7.46
CA THR D 189 13.32 49.84 8.15
C THR D 189 14.19 49.13 9.19
N THR D 190 15.51 49.07 8.96
CA THR D 190 16.45 48.57 9.97
C THR D 190 16.70 49.55 11.12
N CYS D 191 16.23 50.81 11.03
CA CYS D 191 16.46 51.83 12.03
C CYS D 191 16.33 51.26 13.43
N ALA D 192 17.32 51.53 14.26
CA ALA D 192 17.29 50.98 15.62
C ALA D 192 16.03 51.43 16.37
N ASP D 193 15.62 52.68 16.18
CA ASP D 193 14.56 53.28 16.97
C ASP D 193 13.25 53.20 16.21
N THR D 194 12.28 52.45 16.76
CA THR D 194 11.06 52.12 16.02
C THR D 194 10.19 53.37 15.84
N THR D 195 10.13 54.23 16.87
CA THR D 195 9.30 55.43 16.75
C THR D 195 9.77 56.30 15.60
N GLN D 196 11.09 56.44 15.43
CA GLN D 196 11.65 57.13 14.26
C GLN D 196 11.40 56.36 12.98
N SER D 197 11.55 55.05 13.02
CA SER D 197 11.32 54.25 11.82
C SER D 197 9.89 54.40 11.33
N MET D 198 8.91 54.29 12.24
CA MET D 198 7.51 54.44 11.86
C MET D 198 7.29 55.78 11.18
N TYR D 199 7.74 56.84 11.83
CA TYR D 199 7.58 58.16 11.23
C TYR D 199 8.15 58.18 9.84
N CYS D 200 9.37 57.68 9.70
CA CYS D 200 10.06 57.67 8.41
C CYS D 200 9.34 56.81 7.37
N GLN D 201 8.93 55.61 7.75
CA GLN D 201 8.23 54.76 6.78
C GLN D 201 6.98 55.46 6.29
N LEU D 202 6.21 56.05 7.21
CA LEU D 202 5.03 56.84 6.85
C LEU D 202 5.37 57.95 5.87
N LEU D 203 6.43 58.71 6.16
CA LEU D 203 6.75 59.86 5.35
C LEU D 203 7.07 59.45 3.92
N CYS D 204 7.73 58.28 3.74
CA CYS D 204 7.99 57.79 2.40
C CYS D 204 6.75 57.20 1.76
N GLY D 205 5.86 56.63 2.54
CA GLY D 205 4.62 56.17 1.97
C GLY D 205 3.79 57.32 1.48
N LEU D 206 3.85 58.44 2.18
CA LEU D 206 3.14 59.62 1.70
C LEU D 206 3.80 60.17 0.46
N LEU D 207 5.12 60.29 0.46
CA LEU D 207 5.80 60.87 -0.69
C LEU D 207 5.61 60.06 -1.96
N GLU D 208 5.27 58.77 -1.84
CA GLU D 208 5.11 57.83 -2.94
C GLU D 208 3.69 57.29 -3.04
N ARG D 209 2.70 58.04 -2.56
CA ARG D 209 1.33 57.55 -2.56
C ARG D 209 0.90 57.05 -3.94
N ASP D 210 1.27 57.79 -4.98
CA ASP D 210 0.89 57.41 -6.32
C ASP D 210 1.48 56.06 -6.72
N ASN D 211 2.54 55.63 -6.05
CA ASN D 211 3.26 54.43 -6.45
C ASN D 211 3.08 53.23 -5.49
N VAL D 212 2.03 53.20 -4.66
CA VAL D 212 1.82 52.09 -3.75
C VAL D 212 0.73 51.18 -4.32
N ALA D 213 1.07 49.89 -4.45
CA ALA D 213 0.15 48.85 -4.86
C ALA D 213 -0.60 48.25 -3.67
N ARG D 214 0.02 48.12 -2.50
CA ARG D 214 -0.66 47.56 -1.35
C ARG D 214 -0.09 48.13 -0.06
N LEU D 215 -0.94 48.11 0.98
CA LEU D 215 -0.65 48.53 2.35
C LEU D 215 -0.65 47.31 3.27
N GLY D 216 0.13 47.35 4.36
CA GLY D 216 0.15 46.18 5.22
C GLY D 216 1.01 46.28 6.45
N ALA D 217 0.83 45.28 7.31
CA ALA D 217 1.71 44.96 8.43
C ALA D 217 1.64 43.46 8.64
N PRO D 218 2.53 42.90 9.46
CA PRO D 218 2.40 41.47 9.73
C PRO D 218 1.12 41.11 10.48
N PHE D 219 0.65 41.96 11.37
CA PHE D 219 -0.62 41.67 12.03
C PHE D 219 -1.59 42.84 11.95
N ALA D 220 -2.87 42.51 11.96
CA ALA D 220 -3.87 43.57 12.00
C ALA D 220 -3.58 44.55 13.15
N SER D 221 -3.26 44.01 14.34
CA SER D 221 -2.78 44.82 15.45
C SER D 221 -1.72 45.80 14.97
N SER D 222 -0.66 45.26 14.37
CA SER D 222 0.48 46.08 14.00
C SER D 222 0.09 47.19 13.05
N PHE D 223 -0.72 46.88 12.05
CA PHE D 223 -1.05 47.87 11.05
C PHE D 223 -1.82 49.02 11.67
N LEU D 224 -2.75 48.71 12.59
CA LEU D 224 -3.60 49.74 13.17
C LEU D 224 -2.82 50.67 14.06
N LYS D 225 -1.70 50.15 14.62
CA LYS D 225 -0.82 50.97 15.44
C LYS D 225 -0.11 52.02 14.59
N VAL D 226 0.29 51.65 13.39
CA VAL D 226 0.86 52.62 12.47
C VAL D 226 -0.17 53.70 12.17
N ILE D 227 -1.43 53.29 11.96
CA ILE D 227 -2.48 54.24 11.62
C ILE D 227 -2.72 55.19 12.77
N LYS D 228 -2.82 54.65 14.00
CA LYS D 228 -2.91 55.52 15.18
C LYS D 228 -1.79 56.54 15.20
N PHE D 229 -0.56 56.08 14.93
CA PHE D 229 0.58 56.98 14.81
C PHE D 229 0.36 58.05 13.73
N LEU D 230 -0.17 57.66 12.58
CA LEU D 230 -0.50 58.65 11.56
C LEU D 230 -1.47 59.68 12.09
N GLU D 231 -2.49 59.25 12.85
CA GLU D 231 -3.45 60.19 13.42
C GLU D 231 -2.76 61.21 14.33
N ASP D 232 -1.81 60.76 15.15
CA ASP D 232 -1.19 61.63 16.14
C ASP D 232 -0.09 62.50 15.57
N HIS D 233 0.44 62.15 14.39
CA HIS D 233 1.62 62.84 13.86
C HIS D 233 1.47 63.30 12.42
N TRP D 234 0.29 63.16 11.81
CA TRP D 234 0.12 63.67 10.45
C TRP D 234 0.41 65.16 10.32
N PRO D 235 0.09 66.02 11.30
CA PRO D 235 0.52 67.43 11.16
C PRO D 235 2.04 67.59 11.03
N GLU D 236 2.82 66.91 11.88
CA GLU D 236 4.27 67.05 11.80
C GLU D 236 4.78 66.55 10.46
N LEU D 237 4.22 65.46 9.96
CA LEU D 237 4.69 64.88 8.72
C LEU D 237 4.44 65.83 7.55
N CYS D 238 3.24 66.40 7.47
CA CYS D 238 2.92 67.27 6.34
C CYS D 238 3.87 68.44 6.26
N SER D 239 4.17 69.07 7.40
CA SER D 239 5.16 70.16 7.42
C SER D 239 6.49 69.72 6.85
N ASN D 240 6.96 68.54 7.25
CA ASN D 240 8.19 68.00 6.68
C ASN D 240 8.09 67.92 5.17
N ILE D 241 6.92 67.53 4.67
CA ILE D 241 6.71 67.48 3.22
C ILE D 241 6.76 68.88 2.64
N ARG D 242 6.06 69.83 3.26
CA ARG D 242 6.08 71.21 2.81
C ARG D 242 7.50 71.75 2.78
N THR D 243 8.20 71.63 3.91
CA THR D 243 9.46 72.34 4.10
C THR D 243 10.61 71.66 3.36
N GLY D 244 10.54 70.36 3.20
CA GLY D 244 11.62 69.63 2.59
C GLY D 244 12.70 69.22 3.55
N ARG D 245 12.51 69.46 4.85
CA ARG D 245 13.48 69.04 5.85
C ARG D 245 12.84 68.05 6.83
N LEU D 246 13.63 67.07 7.26
CA LEU D 246 13.18 66.13 8.27
C LEU D 246 13.01 66.82 9.61
N SER D 247 12.26 66.18 10.52
CA SER D 247 12.03 66.78 11.83
C SER D 247 13.21 66.48 12.77
N ASP D 248 13.43 67.39 13.73
CA ASP D 248 14.47 67.22 14.71
C ASP D 248 14.22 66.03 15.63
N TRP D 249 13.01 65.46 15.60
CA TRP D 249 12.74 64.29 16.42
C TRP D 249 13.50 63.06 15.92
N ILE D 250 13.93 63.06 14.67
CA ILE D 250 14.62 61.92 14.12
C ILE D 250 16.11 62.25 14.05
N THR D 251 16.85 61.59 14.95
CA THR D 251 18.25 61.80 15.24
C THR D 251 19.13 60.57 15.01
N ASP D 252 18.55 59.37 14.94
CA ASP D 252 19.33 58.21 14.58
C ASP D 252 20.00 58.43 13.22
N ALA D 253 21.26 57.98 13.12
CA ALA D 253 22.08 58.28 11.95
C ALA D 253 21.58 57.56 10.70
N THR D 254 21.22 56.28 10.80
CA THR D 254 20.83 55.50 9.63
C THR D 254 19.58 56.08 8.97
N CYS D 255 18.56 56.37 9.78
CA CYS D 255 17.29 56.88 9.31
C CYS D 255 17.46 58.13 8.47
N THR D 256 18.24 59.08 8.97
CA THR D 256 18.31 60.39 8.33
C THR D 256 18.95 60.33 6.94
N SER D 257 19.96 59.49 6.78
CA SER D 257 20.65 59.40 5.49
C SER D 257 19.77 58.76 4.43
N GLY D 258 19.05 57.69 4.78
CA GLY D 258 18.24 57.01 3.79
C GLY D 258 17.15 57.89 3.20
N ILE D 259 16.58 58.76 4.03
CA ILE D 259 15.41 59.55 3.65
C ILE D 259 15.80 60.82 2.93
N GLY D 260 17.09 61.04 2.66
CA GLY D 260 17.49 62.17 1.85
C GLY D 260 17.15 62.04 0.38
N LYS D 261 17.14 60.81 -0.16
CA LYS D 261 16.63 60.58 -1.51
C LYS D 261 15.16 60.94 -1.61
N PHE D 262 14.38 60.57 -0.59
CA PHE D 262 12.93 60.74 -0.65
C PHE D 262 12.51 62.19 -0.47
N LEU D 263 13.01 62.87 0.57
CA LEU D 263 12.47 64.19 0.95
C LEU D 263 12.71 65.19 -0.15
N THR D 264 13.95 65.27 -0.65
CA THR D 264 14.31 66.02 -1.86
C THR D 264 13.81 67.47 -1.74
N ALA D 265 13.26 68.06 -2.81
CA ALA D 265 12.85 69.46 -2.77
C ALA D 265 11.54 69.65 -2.01
N PRO D 266 11.24 70.89 -1.59
CA PRO D 266 9.91 71.16 -0.99
C PRO D 266 8.77 70.86 -1.93
N ASN D 267 7.61 70.59 -1.33
CA ASN D 267 6.41 70.24 -2.08
C ASN D 267 5.20 70.68 -1.29
N PRO D 268 4.83 71.96 -1.38
CA PRO D 268 3.63 72.42 -0.70
C PRO D 268 2.36 71.85 -1.30
N GLU D 269 2.38 71.57 -2.60
CA GLU D 269 1.20 71.00 -3.26
C GLU D 269 0.84 69.64 -2.67
N LEU D 270 1.85 68.77 -2.50
CA LEU D 270 1.55 67.45 -1.95
C LEU D 270 1.20 67.54 -0.47
N ALA D 271 1.99 68.28 0.29
CA ALA D 271 1.75 68.41 1.73
C ALA D 271 0.32 68.85 2.02
N SER D 272 -0.28 69.58 1.07
CA SER D 272 -1.64 70.06 1.20
C SER D 272 -2.67 69.05 0.75
N LEU D 273 -2.35 68.25 -0.28
CA LEU D 273 -3.25 67.15 -0.68
C LEU D 273 -3.44 66.14 0.45
N ILE D 274 -2.33 65.73 1.07
CA ILE D 274 -2.39 64.86 2.24
C ILE D 274 -3.20 65.49 3.36
N GLU D 275 -3.03 66.77 3.57
CA GLU D 275 -3.70 67.46 4.66
C GLU D 275 -5.18 67.67 4.35
N GLN D 276 -5.56 67.70 3.05
CA GLN D 276 -6.97 67.94 2.71
C GLN D 276 -7.79 66.74 3.20
N GLU D 277 -7.20 65.56 3.12
CA GLU D 277 -7.73 64.27 3.51
C GLU D 277 -7.64 64.05 5.02
N CYS D 278 -6.49 64.36 5.63
CA CYS D 278 -6.31 64.22 7.05
C CYS D 278 -7.09 65.24 7.85
N GLU D 284 -12.72 57.60 8.30
CA GLU D 284 -13.32 56.67 7.33
C GLU D 284 -12.67 56.66 5.98
N ALA D 285 -12.32 55.46 5.52
CA ALA D 285 -11.73 55.23 4.21
C ALA D 285 -10.42 55.97 4.00
N ILE D 286 -9.73 56.34 5.09
CA ILE D 286 -8.52 57.16 4.97
C ILE D 286 -7.52 56.50 4.04
N LEU D 287 -7.35 55.18 4.13
CA LEU D 287 -6.24 54.52 3.46
C LEU D 287 -6.38 54.54 1.94
N LYS D 288 -7.62 54.50 1.41
CA LYS D 288 -7.80 54.55 -0.03
C LYS D 288 -7.57 55.96 -0.57
N ARG D 289 -7.96 57.00 0.18
CA ARG D 289 -7.76 58.37 -0.31
C ARG D 289 -6.28 58.78 -0.24
N LEU D 290 -5.59 58.41 0.84
CA LEU D 290 -4.15 58.65 0.90
C LEU D 290 -3.43 57.79 -0.13
N TRP D 291 -3.91 56.58 -0.36
CA TRP D 291 -3.24 55.66 -1.27
C TRP D 291 -4.22 55.18 -2.33
N PRO D 292 -4.52 56.01 -3.33
CA PRO D 292 -5.58 55.69 -4.28
C PRO D 292 -5.32 54.48 -5.12
N LYS D 293 -4.05 54.16 -5.37
CA LYS D 293 -3.67 53.05 -6.22
C LYS D 293 -3.54 51.73 -5.47
N ALA D 294 -3.74 51.73 -4.16
CA ALA D 294 -3.60 50.50 -3.41
C ALA D 294 -4.66 49.48 -3.81
N LYS D 295 -4.23 48.22 -3.91
CA LYS D 295 -5.07 47.12 -4.36
C LYS D 295 -5.53 46.17 -3.25
N CYS D 296 -4.91 46.20 -2.08
CA CYS D 296 -5.33 45.38 -0.95
C CYS D 296 -4.58 45.80 0.31
N ILE D 297 -5.04 45.31 1.45
CA ILE D 297 -4.39 45.53 2.73
C ILE D 297 -3.91 44.19 3.26
N GLU D 298 -2.58 44.01 3.31
CA GLU D 298 -1.97 42.73 3.64
C GLU D 298 -1.61 42.72 5.11
N SER D 299 -2.44 42.09 5.94
CA SER D 299 -2.15 41.83 7.35
C SER D 299 -2.95 40.61 7.84
N ILE D 300 -2.42 39.95 8.86
CA ILE D 300 -3.09 38.77 9.38
C ILE D 300 -4.32 39.20 10.17
N ILE D 301 -5.48 38.65 9.79
CA ILE D 301 -6.76 38.98 10.40
C ILE D 301 -7.46 37.73 10.96
N THR D 302 -6.71 36.68 11.27
CA THR D 302 -7.29 35.43 11.73
C THR D 302 -7.09 35.30 13.24
N GLY D 303 -7.63 34.25 13.83
CA GLY D 303 -7.38 34.06 15.25
C GLY D 303 -7.93 35.22 16.02
N THR D 304 -7.11 35.76 16.91
CA THR D 304 -7.61 36.89 17.71
C THR D 304 -7.57 38.20 16.97
N MET D 305 -6.96 38.21 15.80
CA MET D 305 -6.96 39.44 15.00
C MET D 305 -8.29 39.69 14.30
N ALA D 306 -9.21 38.73 14.35
CA ALA D 306 -10.54 38.99 13.85
C ALA D 306 -11.16 40.20 14.55
N GLN D 307 -10.74 40.51 15.77
CA GLN D 307 -11.26 41.65 16.52
C GLN D 307 -11.12 42.93 15.73
N TYR D 308 -10.00 43.08 15.01
CA TYR D 308 -9.69 44.35 14.36
C TYR D 308 -10.25 44.45 12.92
N ILE D 309 -11.00 43.46 12.45
CA ILE D 309 -11.57 43.54 11.11
C ILE D 309 -12.56 44.71 10.99
N PRO D 310 -13.56 44.86 11.87
CA PRO D 310 -14.47 46.02 11.72
C PRO D 310 -13.74 47.36 11.70
N LEU D 311 -12.67 47.52 12.48
CA LEU D 311 -11.94 48.78 12.45
C LEU D 311 -11.11 48.90 11.19
N LEU D 312 -10.48 47.80 10.77
CA LEU D 312 -9.73 47.78 9.52
C LEU D 312 -10.63 48.12 8.36
N GLU D 313 -11.84 47.55 8.36
CA GLU D 313 -12.75 47.76 7.24
C GLU D 313 -13.23 49.21 7.20
N PHE D 314 -13.32 49.87 8.34
CA PHE D 314 -13.78 51.25 8.39
C PHE D 314 -12.71 52.20 7.89
N TYR D 315 -11.42 51.88 8.12
CA TYR D 315 -10.32 52.58 7.44
C TYR D 315 -10.08 52.09 6.02
N SER D 316 -10.55 50.88 5.67
CA SER D 316 -10.35 50.40 4.30
C SER D 316 -11.05 51.33 3.32
N GLY D 317 -12.34 51.56 3.51
CA GLY D 317 -13.02 52.14 2.38
C GLY D 317 -12.92 51.18 1.21
N GLY D 318 -13.18 49.89 1.45
CA GLY D 318 -13.47 48.95 0.39
C GLY D 318 -12.30 48.16 -0.16
N LEU D 319 -11.05 48.52 0.17
CA LEU D 319 -9.94 47.69 -0.23
C LEU D 319 -10.03 46.35 0.50
N PRO D 320 -9.73 45.25 -0.18
CA PRO D 320 -9.81 43.94 0.47
C PRO D 320 -8.70 43.69 1.48
N LEU D 321 -9.08 43.07 2.59
CA LEU D 321 -8.13 42.56 3.56
C LEU D 321 -7.70 41.13 3.17
N THR D 322 -6.43 40.97 2.78
CA THR D 322 -5.89 39.66 2.46
C THR D 322 -4.94 39.23 3.56
N SER D 323 -5.10 37.99 4.03
CA SER D 323 -4.29 37.40 5.09
C SER D 323 -3.57 36.18 4.52
N SER D 324 -2.24 36.22 4.43
CA SER D 324 -1.57 35.21 3.62
C SER D 324 -0.80 34.12 4.34
N PHE D 325 -0.39 34.33 5.58
CA PHE D 325 0.63 33.49 6.16
C PHE D 325 0.22 32.97 7.53
N TYR D 326 0.55 31.71 7.81
CA TYR D 326 0.47 31.11 9.14
C TYR D 326 1.88 30.67 9.53
N GLY D 327 2.46 31.33 10.53
CA GLY D 327 3.82 31.02 10.91
C GLY D 327 4.10 31.29 12.37
N SER D 328 5.33 30.96 12.77
CA SER D 328 5.74 31.07 14.16
C SER D 328 7.25 31.03 14.17
N SER D 329 7.83 31.28 15.33
CA SER D 329 9.28 31.19 15.43
C SER D 329 9.74 29.75 15.23
N GLU D 330 8.97 28.82 15.74
CA GLU D 330 9.38 27.44 15.62
C GLU D 330 9.35 26.98 14.18
N CYS D 331 8.39 27.49 13.40
CA CYS D 331 8.16 26.91 12.09
C CYS D 331 7.23 27.77 11.24
N PHE D 332 7.51 27.79 9.93
CA PHE D 332 6.70 28.48 8.93
C PHE D 332 5.80 27.43 8.28
N MET D 333 4.49 27.54 8.47
CA MET D 333 3.64 26.36 8.35
C MET D 333 2.62 26.38 7.21
N GLY D 334 1.99 27.51 6.90
CA GLY D 334 0.98 27.47 5.86
C GLY D 334 0.79 28.79 5.15
N VAL D 335 0.21 28.73 3.95
CA VAL D 335 -0.11 29.92 3.19
C VAL D 335 -1.53 29.82 2.69
N ASN D 336 -2.09 30.99 2.39
CA ASN D 336 -3.44 31.18 1.88
C ASN D 336 -3.42 31.14 0.36
N PHE D 337 -3.91 30.05 -0.21
CA PHE D 337 -3.95 29.97 -1.67
C PHE D 337 -5.13 30.70 -2.28
N ASN D 338 -6.04 31.18 -1.44
CA ASN D 338 -7.24 31.88 -1.89
C ASN D 338 -7.20 33.24 -1.23
N PRO D 339 -6.34 34.14 -1.70
CA PRO D 339 -6.08 35.36 -0.95
C PRO D 339 -7.22 36.36 -1.00
N LEU D 340 -8.09 36.33 -2.02
CA LEU D 340 -9.20 37.27 -2.12
C LEU D 340 -10.50 36.61 -1.67
N CYS D 341 -10.56 36.28 -0.38
CA CYS D 341 -11.68 35.56 0.19
C CYS D 341 -12.19 36.29 1.44
N LYS D 342 -13.45 36.03 1.77
CA LYS D 342 -14.01 36.70 2.94
C LYS D 342 -13.11 36.38 4.15
N PRO D 343 -12.78 37.37 4.99
CA PRO D 343 -11.85 37.10 6.10
C PRO D 343 -12.34 36.00 7.02
N SER D 344 -13.62 35.63 6.96
CA SER D 344 -14.15 34.48 7.70
C SER D 344 -13.92 33.16 6.98
N ASP D 345 -13.41 33.19 5.75
CA ASP D 345 -13.26 31.99 4.94
C ASP D 345 -11.80 31.53 4.82
N VAL D 346 -10.88 32.17 5.54
CA VAL D 346 -9.45 31.95 5.32
C VAL D 346 -9.04 30.58 5.85
N SER D 347 -8.29 29.84 5.05
CA SER D 347 -7.67 28.60 5.49
C SER D 347 -6.27 28.54 4.94
N TYR D 348 -5.39 27.96 5.74
CA TYR D 348 -3.98 27.90 5.41
C TYR D 348 -3.58 26.51 4.94
N THR D 349 -2.97 26.43 3.77
CA THR D 349 -2.47 25.17 3.24
C THR D 349 -1.08 24.93 3.75
N ILE D 350 -0.86 23.75 4.28
CA ILE D 350 0.40 23.47 4.94
C ILE D 350 1.44 23.08 3.89
N ILE D 351 2.61 23.71 3.97
CA ILE D 351 3.67 23.55 2.99
C ILE D 351 4.51 22.35 3.39
N PRO D 352 4.55 21.28 2.60
CA PRO D 352 5.15 20.03 3.08
C PRO D 352 6.67 20.02 3.18
N CYS D 353 7.38 21.08 2.74
CA CYS D 353 8.84 21.09 2.79
C CYS D 353 9.38 21.84 3.99
N MET D 354 8.53 22.56 4.72
CA MET D 354 9.04 23.41 5.78
C MET D 354 9.39 22.63 7.03
N GLY D 355 8.79 21.47 7.24
CA GLY D 355 9.05 20.64 8.40
C GLY D 355 8.24 19.37 8.30
N TYR D 356 8.34 18.54 9.35
CA TYR D 356 7.54 17.31 9.43
C TYR D 356 6.37 17.53 10.39
N PHE D 357 5.16 17.40 9.87
CA PHE D 357 3.95 17.81 10.58
C PHE D 357 3.14 16.62 11.08
N GLU D 358 2.92 16.57 12.38
CA GLU D 358 1.94 15.68 12.95
C GLU D 358 0.96 16.53 13.70
N PHE D 359 -0.21 15.94 13.97
CA PHE D 359 -1.32 16.68 14.54
C PHE D 359 -1.92 15.91 15.71
N LEU D 360 -2.03 16.59 16.85
CA LEU D 360 -2.65 16.10 18.06
C LEU D 360 -4.07 16.66 18.11
N GLU D 361 -5.07 15.79 18.22
CA GLU D 361 -6.46 16.21 18.03
C GLU D 361 -7.01 16.92 19.28
N VAL D 362 -8.07 17.73 19.06
CA VAL D 362 -8.75 18.59 20.07
C VAL D 362 -7.76 19.22 21.01
N PRO D 377 -4.61 9.95 23.69
CA PRO D 377 -3.47 10.78 23.24
C PRO D 377 -3.06 10.47 21.79
N VAL D 378 -3.90 10.79 20.82
CA VAL D 378 -3.73 10.31 19.45
C VAL D 378 -3.14 11.42 18.58
N VAL D 379 -2.05 11.10 17.85
CA VAL D 379 -1.42 12.01 16.92
C VAL D 379 -1.50 11.41 15.52
N VAL D 380 -1.71 12.28 14.53
CA VAL D 380 -2.05 11.85 13.18
C VAL D 380 -1.10 12.54 12.22
N ASP D 381 -0.79 11.85 11.12
CA ASP D 381 0.08 12.44 10.10
C ASP D 381 -0.65 13.57 9.38
N LEU D 382 0.13 14.51 8.82
CA LEU D 382 -0.42 15.61 8.05
C LEU D 382 -1.53 15.16 7.12
N VAL D 383 -1.31 14.02 6.46
CA VAL D 383 -2.18 13.61 5.38
C VAL D 383 -3.47 12.96 5.90
N ASP D 384 -3.43 12.35 7.10
CA ASP D 384 -4.55 11.65 7.72
C ASP D 384 -5.43 12.56 8.56
N VAL D 385 -5.36 13.87 8.33
CA VAL D 385 -6.15 14.83 9.08
C VAL D 385 -7.62 14.71 8.64
N LYS D 386 -8.52 14.65 9.59
CA LYS D 386 -9.96 14.53 9.30
C LYS D 386 -10.64 15.90 9.26
N ILE D 387 -11.43 16.13 8.19
CA ILE D 387 -12.04 17.46 7.97
C ILE D 387 -13.08 17.74 9.03
N GLY D 388 -13.13 19.00 9.50
CA GLY D 388 -13.99 19.40 10.60
C GLY D 388 -13.45 19.16 12.00
N HIS D 389 -12.27 18.58 12.15
CA HIS D 389 -11.69 18.25 13.45
C HIS D 389 -10.59 19.24 13.81
N ASP D 390 -10.30 19.31 15.11
CA ASP D 390 -9.40 20.30 15.69
C ASP D 390 -8.11 19.66 16.13
N TYR D 391 -6.99 20.25 15.73
CA TYR D 391 -5.68 19.68 16.00
C TYR D 391 -4.74 20.75 16.52
N GLU D 392 -3.79 20.35 17.36
CA GLU D 392 -2.63 21.18 17.65
C GLU D 392 -1.47 20.63 16.88
N PRO D 393 -0.84 21.41 15.98
CA PRO D 393 0.29 20.87 15.22
C PRO D 393 1.47 20.49 16.12
N VAL D 394 2.11 19.37 15.78
CA VAL D 394 3.24 18.80 16.51
C VAL D 394 4.37 18.70 15.49
N VAL D 395 5.38 19.57 15.61
CA VAL D 395 6.32 19.80 14.51
C VAL D 395 7.75 19.33 14.83
N THR D 396 8.41 18.84 13.79
CA THR D 396 9.78 18.37 13.83
C THR D 396 10.51 19.10 12.72
N THR D 397 11.58 19.79 13.08
CA THR D 397 12.09 20.91 12.31
C THR D 397 13.55 20.71 12.01
N PHE D 398 14.08 21.66 11.26
CA PHE D 398 15.47 21.68 10.83
C PHE D 398 16.33 22.50 11.76
N SER D 399 15.75 23.07 12.84
CA SER D 399 16.56 23.82 13.77
C SER D 399 16.43 23.32 15.20
N GLY D 400 16.13 22.05 15.40
CA GLY D 400 16.34 21.48 16.70
C GLY D 400 15.11 21.12 17.46
N LEU D 401 13.95 21.15 16.82
CA LEU D 401 12.69 20.81 17.45
C LEU D 401 12.20 19.46 16.94
N TYR D 402 11.81 18.58 17.85
CA TYR D 402 11.34 17.26 17.48
C TYR D 402 10.00 17.01 18.15
N ARG D 403 8.98 16.77 17.33
CA ARG D 403 7.63 16.52 17.80
C ARG D 403 7.20 17.58 18.80
N TYR D 404 7.42 18.83 18.43
CA TYR D 404 7.18 19.96 19.29
C TYR D 404 5.75 20.52 19.10
N ARG D 405 5.08 20.80 20.21
CA ARG D 405 3.73 21.38 20.15
C ARG D 405 3.74 22.90 20.04
N VAL D 406 3.05 23.42 19.04
CA VAL D 406 3.20 24.82 18.69
C VAL D 406 2.41 25.70 19.65
N GLY D 407 1.30 25.17 20.17
CA GLY D 407 0.46 25.93 21.06
C GLY D 407 -0.76 26.53 20.41
N ASP D 408 -0.92 26.38 19.11
CA ASP D 408 -2.07 26.86 18.36
C ASP D 408 -3.02 25.70 18.10
N VAL D 409 -4.24 26.04 17.70
CA VAL D 409 -5.27 25.05 17.40
C VAL D 409 -5.81 25.35 16.01
N LEU D 410 -5.79 24.33 15.15
CA LEU D 410 -6.22 24.42 13.76
C LEU D 410 -7.33 23.42 13.52
N ARG D 411 -8.30 23.83 12.71
CA ARG D 411 -9.39 22.99 12.27
C ARG D 411 -9.21 22.67 10.80
N ALA D 412 -9.25 21.39 10.46
CA ALA D 412 -9.09 21.00 9.07
C ALA D 412 -10.33 21.35 8.28
N THR D 413 -10.15 21.96 7.10
CA THR D 413 -11.30 22.41 6.33
C THR D 413 -11.40 21.86 4.90
N GLY D 414 -10.33 21.32 4.35
CA GLY D 414 -10.34 20.89 2.97
C GLY D 414 -8.92 20.74 2.46
N PHE D 415 -8.85 20.39 1.18
CA PHE D 415 -7.58 20.15 0.51
C PHE D 415 -7.35 21.19 -0.57
N TYR D 416 -6.09 21.63 -0.71
CA TYR D 416 -5.59 22.31 -1.89
C TYR D 416 -4.71 21.29 -2.60
N ASN D 417 -5.15 20.81 -3.76
CA ASN D 417 -4.52 19.67 -4.41
C ASN D 417 -4.51 18.49 -3.45
N ASN D 418 -3.36 18.03 -2.97
CA ASN D 418 -3.29 16.94 -1.99
C ASN D 418 -2.95 17.40 -0.59
N ALA D 419 -2.65 18.65 -0.40
CA ALA D 419 -2.30 19.19 0.88
C ALA D 419 -3.54 19.64 1.62
N PRO D 420 -3.78 19.19 2.86
CA PRO D 420 -4.88 19.75 3.64
C PRO D 420 -4.60 21.18 4.05
N HIS D 421 -5.65 21.98 4.11
CA HIS D 421 -5.57 23.31 4.69
C HIS D 421 -6.47 23.42 5.92
N PHE D 422 -6.13 24.41 6.73
CA PHE D 422 -6.68 24.51 8.07
C PHE D 422 -7.18 25.92 8.35
N CYS D 423 -8.17 26.00 9.23
CA CYS D 423 -8.73 27.23 9.75
C CYS D 423 -8.11 27.50 11.12
N PHE D 424 -7.69 28.74 11.37
CA PHE D 424 -7.05 29.05 12.65
C PHE D 424 -8.12 29.32 13.71
N VAL D 425 -8.21 28.44 14.71
CA VAL D 425 -9.21 28.56 15.78
C VAL D 425 -8.71 29.44 16.90
N GLY D 426 -7.48 29.24 17.34
CA GLY D 426 -6.90 30.06 18.38
C GLY D 426 -5.80 29.33 19.15
N ARG D 427 -5.23 30.05 20.11
CA ARG D 427 -4.20 29.50 20.97
C ARG D 427 -4.77 28.32 21.75
N GLN D 428 -3.93 27.36 22.07
CA GLN D 428 -4.36 26.15 22.77
C GLN D 428 -4.62 26.35 24.26
N LYS D 429 -3.83 27.18 24.95
CA LYS D 429 -3.86 27.29 26.40
C LYS D 429 -5.07 28.08 26.91
N VAL D 430 -5.56 27.66 28.09
CA VAL D 430 -6.80 28.19 28.64
C VAL D 430 -6.65 29.66 28.90
N VAL D 431 -7.61 30.46 28.43
CA VAL D 431 -7.61 31.89 28.73
C VAL D 431 -8.08 32.16 30.16
N LEU D 432 -9.26 31.67 30.58
CA LEU D 432 -9.67 31.88 31.97
C LEU D 432 -10.31 30.62 32.53
N SER D 433 -10.04 30.37 33.81
CA SER D 433 -10.59 29.20 34.48
C SER D 433 -10.67 29.50 35.98
N ILE D 434 -11.87 29.49 36.54
CA ILE D 434 -11.95 29.58 37.99
C ILE D 434 -11.55 28.26 38.61
N ASP D 435 -12.11 27.15 38.11
CA ASP D 435 -11.74 25.83 38.58
C ASP D 435 -11.97 24.76 37.53
N MET D 436 -13.21 24.26 37.49
CA MET D 436 -13.58 23.18 36.59
C MET D 436 -13.85 23.73 35.20
N ASP D 437 -14.29 24.97 35.13
CA ASP D 437 -14.54 25.67 33.88
C ASP D 437 -13.23 25.99 33.18
N LYS D 438 -13.18 25.79 31.87
CA LYS D 438 -12.07 26.25 31.05
C LYS D 438 -12.63 27.05 29.90
N THR D 439 -12.24 28.33 29.81
CA THR D 439 -12.58 29.19 28.68
C THR D 439 -11.34 29.47 27.83
N TYR D 440 -11.45 29.31 26.53
CA TYR D 440 -10.32 29.41 25.63
C TYR D 440 -10.34 30.70 24.83
N GLU D 441 -9.22 30.97 24.17
CA GLU D 441 -9.16 32.11 23.26
C GLU D 441 -10.37 32.14 22.33
N ASP D 442 -10.68 30.99 21.72
CA ASP D 442 -11.77 30.92 20.77
C ASP D 442 -13.09 31.31 21.43
N ASP D 443 -13.41 30.65 22.55
CA ASP D 443 -14.67 30.88 23.23
C ASP D 443 -14.82 32.36 23.56
N LEU D 444 -13.79 32.94 24.16
CA LEU D 444 -13.88 34.32 24.60
C LEU D 444 -14.07 35.29 23.44
N LEU D 445 -13.44 35.04 22.30
CA LEU D 445 -13.66 35.91 21.16
C LEU D 445 -15.09 35.79 20.63
N LYS D 446 -15.62 34.56 20.54
CA LYS D 446 -16.99 34.41 20.06
C LYS D 446 -17.96 35.12 20.97
N ALA D 447 -17.76 35.00 22.28
CA ALA D 447 -18.69 35.57 23.24
C ALA D 447 -18.59 37.08 23.28
N VAL D 448 -17.37 37.61 23.31
CA VAL D 448 -17.19 39.06 23.24
C VAL D 448 -17.79 39.63 21.95
N THR D 449 -17.63 38.95 20.82
CA THR D 449 -18.18 39.46 19.56
C THR D 449 -19.71 39.52 19.56
N ASN D 450 -20.38 38.48 20.06
CA ASN D 450 -21.82 38.55 20.21
C ASN D 450 -22.24 39.80 20.94
N ALA D 451 -21.50 40.15 22.00
CA ALA D 451 -21.94 41.19 22.92
C ALA D 451 -21.76 42.57 22.35
N LYS D 452 -20.68 42.82 21.64
CA LYS D 452 -20.40 44.12 21.04
C LYS D 452 -21.40 44.44 19.93
N LEU D 453 -22.35 43.53 19.67
CA LEU D 453 -23.48 43.88 18.82
C LEU D 453 -24.39 44.87 19.54
N LEU D 454 -24.69 44.62 20.81
CA LEU D 454 -25.61 45.47 21.56
C LEU D 454 -25.02 46.84 21.87
N LEU D 455 -23.73 47.03 21.61
CA LEU D 455 -23.16 48.37 21.54
C LEU D 455 -23.72 49.14 20.36
N GLU D 456 -23.90 48.45 19.25
CA GLU D 456 -23.82 49.04 17.92
C GLU D 456 -24.99 49.95 17.55
N PRO D 457 -26.19 49.82 18.16
CA PRO D 457 -27.19 50.89 17.94
C PRO D 457 -26.68 52.28 18.31
N HIS D 458 -25.89 52.44 19.39
CA HIS D 458 -25.20 53.70 19.58
C HIS D 458 -24.05 53.80 18.58
N ASP D 459 -23.29 54.87 18.71
CA ASP D 459 -22.10 55.06 17.91
C ASP D 459 -20.83 54.52 18.58
N LEU D 460 -20.97 53.52 19.46
CA LEU D 460 -19.84 52.96 20.18
C LEU D 460 -19.32 51.69 19.50
N MET D 461 -17.99 51.58 19.41
CA MET D 461 -17.25 50.45 18.85
C MET D 461 -16.43 49.76 19.94
N LEU D 462 -16.27 48.45 19.81
CA LEU D 462 -15.35 47.78 20.73
C LEU D 462 -13.98 47.76 20.07
N MET D 463 -13.06 48.58 20.60
CA MET D 463 -11.72 48.71 20.05
C MET D 463 -10.89 47.50 20.38
N ASP D 464 -10.81 47.15 21.65
CA ASP D 464 -10.08 45.95 21.99
C ASP D 464 -10.58 45.46 23.34
N PHE D 465 -10.17 44.23 23.70
CA PHE D 465 -10.55 43.63 24.97
C PHE D 465 -9.46 42.70 25.47
N THR D 466 -9.37 42.55 26.79
CA THR D 466 -8.61 41.51 27.46
C THR D 466 -9.36 41.05 28.70
N SER D 467 -8.80 40.10 29.44
CA SER D 467 -9.55 39.56 30.57
C SER D 467 -8.63 39.02 31.67
N ARG D 468 -9.24 38.71 32.82
CA ARG D 468 -8.60 38.07 33.97
C ARG D 468 -9.67 37.45 34.88
N VAL D 469 -9.23 36.66 35.85
CA VAL D 469 -10.09 36.07 36.88
C VAL D 469 -9.88 36.80 38.19
N ASP D 470 -10.97 37.28 38.79
CA ASP D 470 -10.95 37.94 40.10
C ASP D 470 -11.25 36.91 41.18
N SER D 471 -10.21 36.51 41.90
CA SER D 471 -10.33 35.51 42.93
C SER D 471 -10.61 36.14 44.27
N SER D 472 -10.59 37.48 44.31
CA SER D 472 -10.75 38.20 45.56
C SER D 472 -12.15 38.04 46.11
N SER D 473 -13.12 37.96 45.23
CA SER D 473 -14.51 37.78 45.59
C SER D 473 -14.84 36.30 45.61
N PHE D 474 -15.63 35.89 46.57
CA PHE D 474 -16.02 34.50 46.66
C PHE D 474 -17.50 34.38 46.40
N PRO D 475 -17.94 33.79 45.29
CA PRO D 475 -17.18 33.08 44.26
C PRO D 475 -16.34 33.99 43.38
N GLY D 476 -15.34 33.45 42.72
CA GLY D 476 -14.60 34.24 41.78
C GLY D 476 -15.42 34.48 40.53
N HIS D 477 -15.01 35.48 39.77
CA HIS D 477 -15.75 35.79 38.55
C HIS D 477 -14.76 36.20 37.49
N TYR D 478 -15.20 36.10 36.24
CA TYR D 478 -14.44 36.66 35.12
C TYR D 478 -14.56 38.19 35.12
N VAL D 479 -13.45 38.84 34.79
CA VAL D 479 -13.42 40.27 34.50
C VAL D 479 -12.97 40.44 33.08
N ILE D 480 -13.73 41.19 32.29
CA ILE D 480 -13.38 41.55 30.91
C ILE D 480 -13.10 43.05 30.85
N TYR D 481 -12.05 43.44 30.13
CA TYR D 481 -11.74 44.83 29.90
C TYR D 481 -12.14 45.20 28.48
N TRP D 482 -12.88 46.29 28.34
CA TRP D 482 -13.37 46.76 27.05
C TRP D 482 -12.92 48.19 26.88
N GLU D 483 -12.25 48.46 25.78
CA GLU D 483 -11.97 49.83 25.41
C GLU D 483 -12.95 50.21 24.32
N LEU D 484 -13.90 51.07 24.64
CA LEU D 484 -14.87 51.59 23.70
C LEU D 484 -14.30 52.79 22.98
N GLY D 485 -14.62 52.90 21.68
CA GLY D 485 -14.27 54.05 20.88
C GLY D 485 -15.38 54.49 19.94
N SER D 486 -15.08 55.37 18.96
CA SER D 486 -16.06 55.78 17.97
C SER D 486 -15.52 56.45 16.72
N PHE D 493 -20.62 58.18 24.02
CA PHE D 493 -19.62 58.66 24.97
C PHE D 493 -19.67 57.99 26.36
N GLU D 494 -20.86 57.80 26.93
CA GLU D 494 -20.99 57.12 28.22
C GLU D 494 -21.96 55.94 28.07
N PRO D 495 -21.47 54.72 28.14
CA PRO D 495 -22.30 53.56 27.81
C PRO D 495 -23.63 53.52 28.54
N ASN D 496 -24.66 53.03 27.84
CA ASN D 496 -25.96 52.78 28.45
C ASN D 496 -25.77 51.73 29.52
N ARG D 497 -26.07 52.08 30.77
CA ARG D 497 -25.82 51.18 31.88
C ARG D 497 -26.61 49.89 31.71
N ASP D 498 -27.86 49.97 31.26
CA ASP D 498 -28.67 48.76 31.18
C ASP D 498 -28.30 47.90 29.97
N VAL D 499 -28.00 48.52 28.82
CA VAL D 499 -27.58 47.72 27.67
C VAL D 499 -26.28 46.99 28.00
N MET D 500 -25.43 47.59 28.83
CA MET D 500 -24.10 47.06 29.08
C MET D 500 -24.09 45.95 30.12
N GLU D 501 -25.16 45.78 30.87
CA GLU D 501 -25.33 44.57 31.67
C GLU D 501 -26.02 43.43 30.91
N GLU D 502 -26.48 43.69 29.67
CA GLU D 502 -26.78 42.62 28.74
C GLU D 502 -25.53 42.20 27.99
N CYS D 503 -24.60 43.12 27.78
CA CYS D 503 -23.30 42.69 27.29
C CYS D 503 -22.62 41.73 28.26
N CYS D 504 -22.50 42.11 29.54
CA CYS D 504 -22.10 41.15 30.57
C CYS D 504 -22.84 39.81 30.45
N PHE D 505 -24.18 39.87 30.28
CA PHE D 505 -25.00 38.67 30.33
C PHE D 505 -24.96 37.88 29.01
N THR D 506 -24.90 38.58 27.87
CA THR D 506 -24.68 37.92 26.58
C THR D 506 -23.37 37.15 26.57
N VAL D 507 -22.33 37.73 27.18
CA VAL D 507 -21.08 37.00 27.32
C VAL D 507 -21.28 35.73 28.11
N GLU D 508 -21.92 35.84 29.28
CA GLU D 508 -22.07 34.70 30.19
C GLU D 508 -22.85 33.57 29.54
N GLU D 509 -23.88 33.90 28.76
CA GLU D 509 -24.74 32.91 28.13
C GLU D 509 -24.09 32.29 26.89
N SER D 510 -23.20 33.03 26.22
CA SER D 510 -22.42 32.46 25.12
C SER D 510 -21.45 31.39 25.58
N LEU D 511 -21.18 31.24 26.87
CA LEU D 511 -20.14 30.36 27.34
C LEU D 511 -20.59 28.90 27.46
N ASP D 512 -19.67 28.05 27.89
CA ASP D 512 -19.85 26.60 27.81
C ASP D 512 -20.79 26.15 28.89
N ALA D 513 -21.23 24.90 28.78
CA ALA D 513 -22.13 24.35 29.77
C ALA D 513 -21.45 24.21 31.13
N VAL D 514 -20.15 23.95 31.18
CA VAL D 514 -19.48 23.79 32.46
C VAL D 514 -19.47 25.12 33.20
N TYR D 515 -19.26 26.21 32.46
CA TYR D 515 -19.33 27.53 33.06
C TYR D 515 -20.74 27.80 33.56
N ARG D 516 -21.69 27.80 32.62
CA ARG D 516 -23.06 28.13 32.94
C ARG D 516 -23.57 27.34 34.14
N LYS D 517 -23.17 26.08 34.25
CA LYS D 517 -23.60 25.25 35.37
C LYS D 517 -22.90 25.66 36.65
N GLY D 518 -21.69 26.18 36.56
CA GLY D 518 -21.04 26.74 37.73
C GLY D 518 -21.73 27.98 38.24
N ARG D 519 -22.26 28.82 37.34
CA ARG D 519 -23.05 29.98 37.74
C ARG D 519 -24.38 29.58 38.38
N LYS D 520 -25.19 28.79 37.67
CA LYS D 520 -26.58 28.54 38.03
C LYS D 520 -26.72 27.47 39.09
N ASN D 521 -25.98 26.37 38.99
CA ASN D 521 -26.24 25.18 39.79
C ASN D 521 -25.39 25.08 41.04
N ASP D 522 -24.09 25.30 40.89
CA ASP D 522 -23.15 25.19 41.99
C ASP D 522 -22.74 26.57 42.48
N LYS D 523 -22.07 26.61 43.60
CA LYS D 523 -21.62 27.89 44.11
C LYS D 523 -20.64 28.58 43.17
N ASN D 524 -19.82 27.83 42.44
CA ASN D 524 -18.41 28.19 42.32
C ASN D 524 -18.11 29.34 41.38
N ILE D 525 -19.07 30.05 40.76
CA ILE D 525 -18.72 31.13 39.84
C ILE D 525 -19.66 32.30 40.03
N GLY D 526 -19.10 33.51 40.09
CA GLY D 526 -19.84 34.72 40.35
C GLY D 526 -20.23 35.48 39.11
N PRO D 527 -21.09 36.49 39.27
CA PRO D 527 -21.54 37.27 38.11
C PRO D 527 -20.36 37.86 37.36
N LEU D 528 -20.42 37.79 36.03
CA LEU D 528 -19.34 38.31 35.20
C LEU D 528 -19.34 39.83 35.16
N GLU D 529 -18.15 40.42 35.17
CA GLU D 529 -17.97 41.85 35.24
C GLU D 529 -17.27 42.33 33.98
N ILE D 530 -17.82 43.39 33.36
CA ILE D 530 -17.14 44.12 32.28
C ILE D 530 -16.62 45.46 32.83
N LYS D 531 -15.31 45.70 32.70
CA LYS D 531 -14.71 46.97 33.07
C LYS D 531 -14.35 47.72 31.79
N VAL D 532 -14.84 48.94 31.66
CA VAL D 532 -14.54 49.77 30.50
C VAL D 532 -13.34 50.64 30.82
N VAL D 533 -12.32 50.60 29.93
CA VAL D 533 -11.09 51.37 30.14
C VAL D 533 -11.07 52.61 29.23
N LYS D 534 -10.40 53.70 29.75
CA LYS D 534 -10.18 54.95 29.05
C LYS D 534 -9.64 54.62 27.68
N PRO D 535 -9.91 55.44 26.68
CA PRO D 535 -9.34 55.17 25.37
C PRO D 535 -7.82 55.35 25.38
N GLY D 536 -7.16 54.62 24.48
CA GLY D 536 -5.71 54.58 24.48
C GLY D 536 -5.11 53.78 25.60
N ALA D 537 -5.93 53.18 26.47
CA ALA D 537 -5.42 52.32 27.53
C ALA D 537 -4.82 51.04 26.97
N PHE D 538 -5.40 50.51 25.90
CA PHE D 538 -4.77 49.33 25.32
C PHE D 538 -3.49 49.69 24.58
N ASP D 539 -3.34 50.95 24.14
CA ASP D 539 -2.05 51.43 23.65
C ASP D 539 -1.01 51.44 24.77
N GLU D 540 -1.40 51.98 25.93
CA GLU D 540 -0.53 52.03 27.09
C GLU D 540 -0.15 50.64 27.56
N LEU D 541 -1.04 49.67 27.39
CA LEU D 541 -0.71 48.30 27.73
C LEU D 541 0.32 47.76 26.77
N MET D 542 0.21 48.11 25.50
CA MET D 542 1.18 47.57 24.57
C MET D 542 2.56 48.10 24.86
N ASN D 543 2.68 49.41 25.08
CA ASN D 543 3.98 49.98 25.39
C ASN D 543 4.64 49.28 26.56
N PHE D 544 3.84 48.95 27.58
CA PHE D 544 4.35 48.22 28.72
C PHE D 544 5.12 46.98 28.31
N PHE D 545 4.52 46.16 27.44
CA PHE D 545 5.15 44.94 26.93
C PHE D 545 6.30 45.21 25.98
N LEU D 546 6.29 46.34 25.30
CA LEU D 546 7.32 46.65 24.32
C LEU D 546 8.66 46.81 25.01
N SER D 547 8.66 47.27 26.25
CA SER D 547 9.83 47.56 27.04
C SER D 547 10.22 46.39 27.88
N ARG D 548 9.64 45.25 27.57
CA ARG D 548 9.75 44.01 28.30
C ARG D 548 9.92 42.85 27.31
N GLY D 549 10.61 43.12 26.20
CA GLY D 549 10.91 42.06 25.24
C GLY D 549 9.97 41.90 24.07
N SER D 550 8.95 42.75 23.95
CA SER D 550 8.03 42.59 22.84
C SER D 550 8.53 43.34 21.61
N SER D 551 7.90 43.02 20.48
CA SER D 551 8.22 43.55 19.17
C SER D 551 6.98 44.27 18.68
N VAL D 552 7.13 45.48 18.15
CA VAL D 552 6.00 46.13 17.47
C VAL D 552 5.41 45.22 16.39
N SER D 553 6.25 44.61 15.57
CA SER D 553 5.77 43.86 14.43
C SER D 553 5.10 42.57 14.83
N GLN D 554 5.51 41.93 15.93
CA GLN D 554 4.95 40.65 16.36
C GLN D 554 4.09 40.73 17.59
N TYR D 555 3.81 41.92 18.10
CA TYR D 555 3.01 42.02 19.32
C TYR D 555 1.61 41.45 19.15
N LYS D 556 1.09 40.83 20.20
CA LYS D 556 -0.28 40.34 20.21
C LYS D 556 -0.94 40.74 21.52
N THR D 557 -2.06 41.40 21.45
CA THR D 557 -2.72 41.78 22.68
C THR D 557 -3.05 40.53 23.48
N PRO D 558 -2.63 40.46 24.75
CA PRO D 558 -2.99 39.33 25.60
C PRO D 558 -4.49 39.29 25.84
N ARG D 559 -5.07 38.11 25.70
CA ARG D 559 -6.49 37.89 25.96
C ARG D 559 -6.75 37.47 27.38
N SER D 560 -5.70 37.36 28.17
CA SER D 560 -5.70 37.06 29.58
C SER D 560 -4.53 37.84 30.15
N VAL D 561 -4.61 38.24 31.40
CA VAL D 561 -3.49 38.94 31.98
C VAL D 561 -3.24 38.48 33.41
N THR D 562 -2.03 38.01 33.67
CA THR D 562 -1.65 37.64 35.02
C THR D 562 -0.52 38.49 35.51
N ASN D 563 0.09 39.29 34.65
CA ASN D 563 1.24 40.11 35.00
C ASN D 563 0.80 41.35 35.76
N GLU D 564 1.45 41.60 36.91
CA GLU D 564 0.91 42.59 37.84
C GLU D 564 1.08 44.02 37.36
N GLU D 565 2.01 44.32 36.45
CA GLU D 565 2.10 45.70 35.99
C GLU D 565 1.08 45.97 34.90
N ALA D 566 0.86 44.97 34.06
CA ALA D 566 -0.22 45.05 33.08
C ALA D 566 -1.54 45.33 33.76
N LEU D 567 -1.86 44.54 34.79
CA LEU D 567 -3.05 44.77 35.60
C LEU D 567 -3.07 46.19 36.17
N LYS D 568 -1.93 46.68 36.64
CA LYS D 568 -1.88 48.03 37.21
C LYS D 568 -2.29 49.04 36.17
N ILE D 569 -1.74 48.90 34.96
CA ILE D 569 -2.12 49.80 33.88
C ILE D 569 -3.60 49.68 33.59
N LEU D 570 -4.07 48.47 33.37
CA LEU D 570 -5.49 48.25 33.09
C LEU D 570 -6.40 48.89 34.15
N GLU D 571 -6.26 48.49 35.41
CA GLU D 571 -7.13 49.00 36.46
C GLU D 571 -7.04 50.51 36.61
N ALA D 572 -5.87 51.11 36.37
CA ALA D 572 -5.75 52.56 36.49
C ALA D 572 -6.56 53.31 35.43
N ASN D 573 -6.87 52.64 34.33
CA ASN D 573 -7.65 53.21 33.24
C ASN D 573 -9.12 52.89 33.30
N VAL D 574 -9.60 52.21 34.34
CA VAL D 574 -11.01 51.87 34.40
C VAL D 574 -11.85 53.14 34.59
N ILE D 575 -12.98 53.25 33.88
CA ILE D 575 -13.96 54.36 34.02
C ILE D 575 -15.29 53.89 34.59
N SER D 576 -15.81 52.75 34.13
CA SER D 576 -17.07 52.24 34.61
C SER D 576 -16.95 50.72 34.74
N GLU D 577 -17.73 50.17 35.66
CA GLU D 577 -17.73 48.75 35.99
C GLU D 577 -19.17 48.25 35.96
N PHE D 578 -19.40 47.11 35.30
CA PHE D 578 -20.74 46.57 35.10
C PHE D 578 -20.78 45.08 35.45
N LEU D 579 -21.95 44.61 35.89
CA LEU D 579 -22.13 43.24 36.33
C LEU D 579 -23.36 42.66 35.64
N SER D 580 -23.36 41.35 35.41
CA SER D 580 -24.51 40.70 34.80
C SER D 580 -25.59 40.53 35.87
N ARG D 581 -26.81 40.93 35.53
CA ARG D 581 -27.87 40.90 36.52
C ARG D 581 -28.78 39.71 36.37
N LYS D 582 -28.50 38.85 35.39
CA LYS D 582 -29.22 37.62 35.17
C LYS D 582 -28.24 36.46 35.29
N ILE D 583 -28.76 35.33 35.72
CA ILE D 583 -27.96 34.12 35.90
C ILE D 583 -28.22 33.27 34.67
N PRO D 584 -27.19 32.93 33.89
CA PRO D 584 -27.42 32.26 32.61
C PRO D 584 -28.12 30.93 32.83
N SER D 585 -28.76 30.44 31.77
CA SER D 585 -29.51 29.20 31.86
C SER D 585 -28.57 27.98 31.83
N TRP D 586 -28.94 26.96 32.59
CA TRP D 586 -28.34 25.65 32.43
C TRP D 586 -29.44 24.63 32.74
N GLU D 587 -29.51 23.54 31.96
CA GLU D 587 -30.34 22.36 32.20
C GLU D 587 -29.68 21.13 31.58
N LEU D 588 -29.78 19.99 32.27
CA LEU D 588 -29.18 18.75 31.74
C LEU D 588 -29.95 18.04 30.59
P AMP E . -41.44 1.82 -11.13
O1P AMP E . -41.05 0.38 -11.27
O2P AMP E . -40.98 2.49 -9.83
O3P AMP E . -42.80 2.13 -11.67
O5' AMP E . -40.53 2.57 -12.19
C5' AMP E . -40.06 1.87 -13.32
C4' AMP E . -38.61 2.21 -13.61
O4' AMP E . -37.80 1.05 -13.36
C3' AMP E . -38.26 2.58 -15.03
O3' AMP E . -38.57 3.93 -15.35
C2' AMP E . -36.78 2.27 -15.11
O2' AMP E . -36.01 3.31 -14.53
C1' AMP E . -36.68 1.03 -14.22
N9 AMP E . -36.73 -0.20 -15.04
C8 AMP E . -37.84 -0.94 -15.35
N7 AMP E . -37.54 -1.97 -16.19
C5 AMP E . -36.22 -1.90 -16.44
C6 AMP E . -35.20 -2.68 -17.21
N6 AMP E . -35.56 -3.77 -17.93
N1 AMP E . -33.92 -2.27 -17.18
C2 AMP E . -33.50 -1.19 -16.50
N3 AMP E . -34.35 -0.44 -15.79
C4 AMP E . -35.68 -0.73 -15.70
P AMP F . 15.33 -7.65 -33.67
O1P AMP F . 14.19 -6.69 -33.48
O2P AMP F . 16.74 -7.20 -33.19
O3P AMP F . 15.31 -8.34 -35.02
O5' AMP F . 14.92 -8.83 -32.67
C5' AMP F . 15.02 -8.70 -31.26
C4' AMP F . 15.00 -10.06 -30.61
O4' AMP F . 16.35 -10.53 -30.36
C3' AMP F . 14.31 -10.19 -29.25
O3' AMP F . 12.91 -10.30 -29.32
C2' AMP F . 14.96 -11.44 -28.70
O2' AMP F . 14.41 -12.55 -29.37
C1' AMP F . 16.39 -11.28 -29.17
N9 AMP F . 17.22 -10.58 -28.17
C8 AMP F . 17.49 -9.25 -28.15
N7 AMP F . 18.28 -8.92 -27.09
C5 AMP F . 18.50 -10.05 -26.38
C6 AMP F . 19.26 -10.41 -25.14
N6 AMP F . 19.90 -9.48 -24.41
N1 AMP F . 19.29 -11.69 -24.76
C2 AMP F . 18.59 -12.62 -25.47
N3 AMP F . 17.86 -12.38 -26.58
C4 AMP F . 17.79 -11.13 -27.09
P AMP G . 19.81 -28.22 26.24
O1P AMP G . 19.75 -28.54 27.69
O2P AMP G . 18.75 -28.86 25.42
O3P AMP G . 21.18 -28.20 25.63
O5' AMP G . 19.37 -26.72 26.23
C5' AMP G . 20.20 -25.69 26.75
C4' AMP G . 19.97 -24.38 26.06
O4' AMP G . 18.69 -23.83 26.41
C3' AMP G . 20.93 -23.27 26.41
O3' AMP G . 22.20 -23.45 25.81
C2' AMP G . 20.15 -22.02 25.97
O2' AMP G . 20.20 -21.83 24.57
C1' AMP G . 18.71 -22.43 26.31
N9 AMP G . 18.28 -21.87 27.61
C8 AMP G . 18.34 -22.55 28.79
N7 AMP G . 17.85 -21.79 29.82
C5 AMP G . 17.49 -20.62 29.29
C6 AMP G . 16.92 -19.38 29.81
N6 AMP G . 16.65 -19.26 31.12
N1 AMP G . 16.67 -18.39 28.95
C2 AMP G . 16.93 -18.50 27.64
N3 AMP G . 17.46 -19.59 27.10
C4 AMP G . 17.75 -20.65 27.86
P AMP H . 5.82 34.00 17.36
O1P AMP H . 5.93 33.17 18.59
O2P AMP H . 7.00 33.79 16.45
O3P AMP H . 5.48 35.42 17.53
O5' AMP H . 4.65 33.28 16.58
C5' AMP H . 3.52 33.96 16.12
C4' AMP H . 2.23 33.36 16.60
O4' AMP H . 1.15 34.19 16.09
C3' AMP H . 1.87 31.95 16.12
O3' AMP H . 2.39 30.91 16.92
C2' AMP H . 0.33 31.96 16.12
O2' AMP H . -0.22 31.71 17.42
C1' AMP H . 0.02 33.40 15.77
N9 AMP H . -0.28 33.54 14.32
C8 AMP H . 0.66 33.53 13.36
N7 AMP H . 0.08 33.62 12.14
C5 AMP H . -1.25 33.65 12.30
C6 AMP H . -2.43 33.74 11.40
N6 AMP H . -2.25 33.80 10.07
N1 AMP H . -3.67 33.76 11.96
C2 AMP H . -3.83 33.68 13.31
N3 AMP H . -2.81 33.59 14.19
C4 AMP H . -1.50 33.58 13.75
#